data_2BF9
# 
_entry.id   2BF9 
# 
_audit_conform.dict_name       mmcif_pdbx.dic 
_audit_conform.dict_version    5.403 
_audit_conform.dict_location   http://mmcif.pdb.org/dictionaries/ascii/mmcif_pdbx.dic 
# 
loop_
_database_2.database_id 
_database_2.database_code 
_database_2.pdbx_database_accession 
_database_2.pdbx_DOI 
PDB   2BF9         pdb_00002bf9 10.2210/pdb2bf9/pdb 
PDBE  EBI-21858    ?            ?                   
WWPDB D_1290021858 ?            ?                   
# 
loop_
_pdbx_audit_revision_history.ordinal 
_pdbx_audit_revision_history.data_content_type 
_pdbx_audit_revision_history.major_revision 
_pdbx_audit_revision_history.minor_revision 
_pdbx_audit_revision_history.revision_date 
_pdbx_audit_revision_history.part_number 
1 'Structure model' 1 0 2004-12-08 ? 
2 'Structure model' 1 1 2011-05-08 ? 
3 'Structure model' 1 2 2011-07-13 ? 
4 'Structure model' 1 3 2019-05-22 ? 
5 'Structure model' 2 0 2025-04-09 ? 
# 
_pdbx_audit_revision_details.ordinal             1 
_pdbx_audit_revision_details.revision_ordinal    1 
_pdbx_audit_revision_details.data_content_type   'Structure model' 
_pdbx_audit_revision_details.provider            repository 
_pdbx_audit_revision_details.type                'Initial release' 
_pdbx_audit_revision_details.description         ? 
_pdbx_audit_revision_details.details             ? 
# 
loop_
_pdbx_audit_revision_group.ordinal 
_pdbx_audit_revision_group.revision_ordinal 
_pdbx_audit_revision_group.data_content_type 
_pdbx_audit_revision_group.group 
1  2 'Structure model' 'Version format compliance' 
2  3 'Structure model' 'Version format compliance' 
3  4 'Structure model' 'Data collection'           
4  4 'Structure model' 'Derived calculations'      
5  4 'Structure model' Other                       
6  4 'Structure model' 'Refinement description'    
7  5 'Structure model' 'Data collection'           
8  5 'Structure model' 'Database references'       
9  5 'Structure model' 'Derived calculations'      
10 5 'Structure model' Other                       
11 5 'Structure model' 'Polymer sequence'          
12 5 'Structure model' 'Structure summary'         
# 
loop_
_pdbx_audit_revision_category.ordinal 
_pdbx_audit_revision_category.revision_ordinal 
_pdbx_audit_revision_category.data_content_type 
_pdbx_audit_revision_category.category 
1  4 'Structure model' pdbx_database_proc        
2  4 'Structure model' pdbx_database_status      
3  4 'Structure model' refine                    
4  4 'Structure model' struct_conn               
5  5 'Structure model' chem_comp                 
6  5 'Structure model' chem_comp_atom            
7  5 'Structure model' chem_comp_bond            
8  5 'Structure model' database_2                
9  5 'Structure model' entity_poly               
10 5 'Structure model' pdbx_database_status      
11 5 'Structure model' pdbx_entry_details        
12 5 'Structure model' pdbx_modification_feature 
13 5 'Structure model' pdbx_struct_conn_angle    
14 5 'Structure model' struct_conn               
15 5 'Structure model' struct_site               
# 
loop_
_pdbx_audit_revision_item.ordinal 
_pdbx_audit_revision_item.revision_ordinal 
_pdbx_audit_revision_item.data_content_type 
_pdbx_audit_revision_item.item 
1  4 'Structure model' '_pdbx_database_status.recvd_author_approval' 
2  4 'Structure model' '_refine.pdbx_ls_cross_valid_method'          
3  4 'Structure model' '_struct_conn.pdbx_leaving_atom_flag'         
4  5 'Structure model' '_chem_comp.mon_nstd_flag'                    
5  5 'Structure model' '_chem_comp.type'                             
6  5 'Structure model' '_database_2.pdbx_DOI'                        
7  5 'Structure model' '_database_2.pdbx_database_accession'         
8  5 'Structure model' '_entity_poly.pdbx_seq_one_letter_code_can'   
9  5 'Structure model' '_pdbx_database_status.status_code_sf'        
10 5 'Structure model' '_pdbx_struct_conn_angle.ptnr1_auth_comp_id'  
11 5 'Structure model' '_pdbx_struct_conn_angle.ptnr1_auth_seq_id'   
12 5 'Structure model' '_pdbx_struct_conn_angle.ptnr1_label_asym_id' 
13 5 'Structure model' '_pdbx_struct_conn_angle.ptnr1_label_atom_id' 
14 5 'Structure model' '_pdbx_struct_conn_angle.ptnr1_label_comp_id' 
15 5 'Structure model' '_pdbx_struct_conn_angle.ptnr1_label_seq_id'  
16 5 'Structure model' '_pdbx_struct_conn_angle.ptnr1_symmetry'      
17 5 'Structure model' '_pdbx_struct_conn_angle.ptnr3_auth_comp_id'  
18 5 'Structure model' '_pdbx_struct_conn_angle.ptnr3_auth_seq_id'   
19 5 'Structure model' '_pdbx_struct_conn_angle.ptnr3_label_asym_id' 
20 5 'Structure model' '_pdbx_struct_conn_angle.ptnr3_label_atom_id' 
21 5 'Structure model' '_pdbx_struct_conn_angle.ptnr3_label_comp_id' 
22 5 'Structure model' '_pdbx_struct_conn_angle.ptnr3_label_seq_id'  
23 5 'Structure model' '_pdbx_struct_conn_angle.ptnr3_symmetry'      
24 5 'Structure model' '_pdbx_struct_conn_angle.value'               
25 5 'Structure model' '_struct_conn.pdbx_dist_value'                
26 5 'Structure model' '_struct_conn.ptnr1_auth_comp_id'             
27 5 'Structure model' '_struct_conn.ptnr1_auth_seq_id'              
28 5 'Structure model' '_struct_conn.ptnr1_label_asym_id'            
29 5 'Structure model' '_struct_conn.ptnr1_label_atom_id'            
30 5 'Structure model' '_struct_conn.ptnr1_label_comp_id'            
31 5 'Structure model' '_struct_conn.ptnr1_label_seq_id'             
32 5 'Structure model' '_struct_conn.ptnr1_symmetry'                 
33 5 'Structure model' '_struct_conn.ptnr2_auth_comp_id'             
34 5 'Structure model' '_struct_conn.ptnr2_auth_seq_id'              
35 5 'Structure model' '_struct_conn.ptnr2_label_asym_id'            
36 5 'Structure model' '_struct_conn.ptnr2_label_atom_id'            
37 5 'Structure model' '_struct_conn.ptnr2_label_comp_id'            
38 5 'Structure model' '_struct_conn.ptnr2_label_seq_id'             
39 5 'Structure model' '_struct_conn.ptnr2_symmetry'                 
40 5 'Structure model' '_struct_site.pdbx_auth_asym_id'              
41 5 'Structure model' '_struct_site.pdbx_auth_comp_id'              
42 5 'Structure model' '_struct_site.pdbx_auth_seq_id'               
# 
_pdbx_database_status.status_code                     REL 
_pdbx_database_status.entry_id                        2BF9 
_pdbx_database_status.deposit_site                    PDBE 
_pdbx_database_status.process_site                    PDBE 
_pdbx_database_status.SG_entry                        . 
_pdbx_database_status.recvd_initial_deposition_date   2004-12-06 
_pdbx_database_status.pdb_format_compatible           Y 
_pdbx_database_status.status_code_sf                  REL 
_pdbx_database_status.status_code_mr                  ? 
_pdbx_database_status.status_code_cs                  ? 
_pdbx_database_status.methods_development_category    ? 
_pdbx_database_status.status_code_nmr_data            ? 
# 
loop_
_audit_author.name 
_audit_author.pdbx_ordinal 
'Tickle, I.'     1 
'Glover, I.'     2 
'Pitts, J.'      3 
'Wood, S.'       4 
'Blundell, T.L.' 5 
# 
loop_
_citation.id 
_citation.title 
_citation.journal_abbrev 
_citation.journal_volume 
_citation.page_first 
_citation.page_last 
_citation.year 
_citation.journal_id_ASTM 
_citation.country 
_citation.journal_id_ISSN 
_citation.journal_id_CSD 
_citation.book_publisher 
_citation.pdbx_database_id_PubMed 
_citation.pdbx_database_id_DOI 
primary 
'Conformational Flexibility in a Small Globular Hormone. X-Ray Analysis of Avian Pancreatic Polypeptide at 0.98 Angstroms Resolution' 
Biopolymers                            22  293  ? 1983 BIPMAA US 0006-3525 0161 ? 6673760  10.1002/BIP.360220138              
1       'Crystal Structure Analysis of Avian Pancreatic Polypeptide at 1.37 Angstroms Resolution' Kristallografiya 27  97   ? 1982 
KRISAJ UR 0023-4761 0041 ? ?        ?                                  
2       'Crystal Structure Analysis of Avian Pancreatic Polypeptide at 1.37 Angstroms Resolution' 
'Sov.Phys.Crystallogr.(Engl. Transl.)' 27  56   ? 1982 SPHCA6 US 0038-5638 0902 ? ?        ?                                  
3       'X-Ray Analysis (1.4-Angstroms Resolution) of Avian Pancreatic Polypeptide. Small Globular Protein Hormone' 
Proc.Natl.Acad.Sci.USA                 78  4175 ? 1981 PNASA6 US 0027-8424 0040 ? 16593056 10.1073/PNAS.78.7.4175             
4       'Purification, Crystallisation and Preliminary X-Ray Studies on Avian Pancreatic Polypeptide' Eur.J.Biochem. 78  119  ? 
1977 EJBCAI IX 0014-2956 0262 ? 913391   10.1111/J.1432-1033.1977.TB11720.X 
5       'Isolation and Characterization of a New Pancreatic Polypeptide Hormone' J.Biol.Chem.                           250 9369 ? 
1975 JBCHA3 US 0021-9258 0071 ? 1194289  ?                                  
# 
loop_
_citation_author.citation_id 
_citation_author.name 
_citation_author.ordinal 
_citation_author.identifier_ORCID 
primary 'Glover, I.'     1  ? 
primary 'Haneef, I.'     2  ? 
primary 'Pitts, J.'      3  ? 
primary 'Wood, S.'       4  ? 
primary 'Moss, D.'       5  ? 
primary 'Tickle, I.'     6  ? 
primary 'Blundell, T.L.' 7  ? 
1       'Pitts, J.E.'    8  ? 
1       'Tickle, I.J.'   9  ? 
1       'Wood, S.P.'     10 ? 
1       'Blundell, T.L.' 11 ? 
2       'Pitts, J.E.'    12 ? 
2       'Tickle, I.J.'   13 ? 
2       'Wood, S.P.'     14 ? 
2       'Blundell, T.L.' 15 ? 
3       'Blundell, T.L.' 16 ? 
3       'Pitts, J.E.'    17 ? 
3       'Tickle, I.J.'   18 ? 
3       'Wood, S.P.'     19 ? 
3       'Wu, C.-W.'      20 ? 
4       'Wood, S.P.'     21 ? 
4       'Pitts, J.E.'    22 ? 
4       'Blundell, T.L.' 23 ? 
4       'Tickle, I.J.'   24 ? 
4       'Jenkins, J.A.'  25 ? 
5       'Kimmel, J.R.'   26 ? 
5       'Hayden, L.J.'   27 ? 
5       'Pollock, H.G.'  28 ? 
# 
loop_
_entity.id 
_entity.type 
_entity.src_method 
_entity.pdbx_description 
_entity.formula_weight 
_entity.pdbx_number_of_molecules 
_entity.pdbx_ec 
_entity.pdbx_mutation 
_entity.pdbx_fragment 
_entity.details 
1 polymer     nat 'PANCREATIC HORMONE' 4241.634 1  ? ? ? 'COMPLEX WITH ZN(II) ION.' 
2 non-polymer syn 'ZINC ION'           65.409   1  ? ? ? ?                          
3 water       nat water                18.015   82 ? ? ? ?                          
# 
_entity_name_com.entity_id   1 
_entity_name_com.name        'AVIAN PANCREATIC POLYPEPTIDE, PP, PANCREATIC POLYPEPTIDE' 
# 
_entity_poly.entity_id                      1 
_entity_poly.type                           'polypeptide(L)' 
_entity_poly.nstd_linkage                   no 
_entity_poly.nstd_monomer                   yes 
_entity_poly.pdbx_seq_one_letter_code       'GPSQPTYPGDDAPVEDLIRFYNDLQQYLNVVTRHR(TYC)' 
_entity_poly.pdbx_seq_one_letter_code_can   GPSQPTYPGDDAPVEDLIRFYNDLQQYLNVVTRHRY 
_entity_poly.pdbx_strand_id                 A 
_entity_poly.pdbx_target_identifier         ? 
# 
loop_
_pdbx_entity_nonpoly.entity_id 
_pdbx_entity_nonpoly.name 
_pdbx_entity_nonpoly.comp_id 
2 'ZINC ION' ZN  
3 water      HOH 
# 
loop_
_entity_poly_seq.entity_id 
_entity_poly_seq.num 
_entity_poly_seq.mon_id 
_entity_poly_seq.hetero 
1 1  GLY n 
1 2  PRO n 
1 3  SER n 
1 4  GLN n 
1 5  PRO n 
1 6  THR n 
1 7  TYR n 
1 8  PRO n 
1 9  GLY n 
1 10 ASP n 
1 11 ASP n 
1 12 ALA n 
1 13 PRO n 
1 14 VAL n 
1 15 GLU n 
1 16 ASP n 
1 17 LEU n 
1 18 ILE n 
1 19 ARG n 
1 20 PHE n 
1 21 TYR n 
1 22 ASN n 
1 23 ASP n 
1 24 LEU n 
1 25 GLN n 
1 26 GLN n 
1 27 TYR n 
1 28 LEU n 
1 29 ASN n 
1 30 VAL n 
1 31 VAL n 
1 32 THR n 
1 33 ARG n 
1 34 HIS n 
1 35 ARG n 
1 36 TYC n 
# 
_entity_src_nat.entity_id                  1 
_entity_src_nat.pdbx_src_id                1 
_entity_src_nat.pdbx_alt_source_flag       sample 
_entity_src_nat.pdbx_beg_seq_num           ? 
_entity_src_nat.pdbx_end_seq_num           ? 
_entity_src_nat.common_name                'DOMESTIC TURKEY' 
_entity_src_nat.pdbx_organism_scientific   'MELEAGRIS GALLOPAVO' 
_entity_src_nat.pdbx_ncbi_taxonomy_id      9103 
_entity_src_nat.genus                      ? 
_entity_src_nat.species                    ? 
_entity_src_nat.strain                     ? 
_entity_src_nat.tissue                     ? 
_entity_src_nat.tissue_fraction            ? 
_entity_src_nat.pdbx_secretion             ? 
_entity_src_nat.pdbx_fragment              ? 
_entity_src_nat.pdbx_variant               ? 
_entity_src_nat.pdbx_cell_line             ? 
_entity_src_nat.pdbx_atcc                  ? 
_entity_src_nat.pdbx_cellular_location     ? 
_entity_src_nat.pdbx_organ                 PANCREAS 
_entity_src_nat.pdbx_organelle             ? 
_entity_src_nat.pdbx_cell                  'ISLETS OF LANGERHANS' 
_entity_src_nat.pdbx_plasmid_name          ? 
_entity_src_nat.pdbx_plasmid_details       ? 
_entity_src_nat.details                    'COLLECTED FROM COMMERCIAL UK TURKEY FARM.' 
# 
loop_
_chem_comp.id 
_chem_comp.type 
_chem_comp.mon_nstd_flag 
_chem_comp.name 
_chem_comp.pdbx_synonyms 
_chem_comp.formula 
_chem_comp.formula_weight 
ALA 'L-peptide linking'               y ALANINE         ? 'C3 H7 N O2'     89.093  
ARG 'L-peptide linking'               y ARGININE        ? 'C6 H15 N4 O2 1' 175.209 
ASN 'L-peptide linking'               y ASPARAGINE      ? 'C4 H8 N2 O3'    132.118 
ASP 'L-peptide linking'               y 'ASPARTIC ACID' ? 'C4 H7 N O4'     133.103 
GLN 'L-peptide linking'               y GLUTAMINE       ? 'C5 H10 N2 O3'   146.144 
GLU 'L-peptide linking'               y 'GLUTAMIC ACID' ? 'C5 H9 N O4'     147.129 
GLY 'peptide linking'                 y GLYCINE         ? 'C2 H5 N O2'     75.067  
HIS 'L-peptide linking'               y HISTIDINE       ? 'C6 H10 N3 O2 1' 156.162 
HOH non-polymer                       . WATER           ? 'H2 O'           18.015  
ILE 'L-peptide linking'               y ISOLEUCINE      ? 'C6 H13 N O2'    131.173 
LEU 'L-peptide linking'               y LEUCINE         ? 'C6 H13 N O2'    131.173 
PHE 'L-peptide linking'               y PHENYLALANINE   ? 'C9 H11 N O2'    165.189 
PRO 'L-peptide linking'               y PROLINE         ? 'C5 H9 N O2'     115.130 
SER 'L-peptide linking'               y SERINE          ? 'C3 H7 N O3'     105.093 
THR 'L-peptide linking'               y THREONINE       ? 'C4 H9 N O3'     119.119 
TYC 'L-peptide COOH carboxy terminus' n L-TYROSINAMIDE  ? 'C9 H12 N2 O2'   180.204 
TYR 'L-peptide linking'               y TYROSINE        ? 'C9 H11 N O3'    181.189 
VAL 'L-peptide linking'               y VALINE          ? 'C5 H11 N O2'    117.146 
ZN  non-polymer                       . 'ZINC ION'      ? 'Zn 2'           65.409  
# 
loop_
_pdbx_poly_seq_scheme.asym_id 
_pdbx_poly_seq_scheme.entity_id 
_pdbx_poly_seq_scheme.seq_id 
_pdbx_poly_seq_scheme.mon_id 
_pdbx_poly_seq_scheme.ndb_seq_num 
_pdbx_poly_seq_scheme.pdb_seq_num 
_pdbx_poly_seq_scheme.auth_seq_num 
_pdbx_poly_seq_scheme.pdb_mon_id 
_pdbx_poly_seq_scheme.auth_mon_id 
_pdbx_poly_seq_scheme.pdb_strand_id 
_pdbx_poly_seq_scheme.pdb_ins_code 
_pdbx_poly_seq_scheme.hetero 
A 1 1  GLY 1  1  1  GLY GLY A . n 
A 1 2  PRO 2  2  2  PRO PRO A . n 
A 1 3  SER 3  3  3  SER SER A . n 
A 1 4  GLN 4  4  4  GLN GLN A . n 
A 1 5  PRO 5  5  5  PRO PRO A . n 
A 1 6  THR 6  6  6  THR THR A . n 
A 1 7  TYR 7  7  7  TYR TYR A . n 
A 1 8  PRO 8  8  8  PRO PRO A . n 
A 1 9  GLY 9  9  9  GLY GLY A . n 
A 1 10 ASP 10 10 10 ASP ASP A . n 
A 1 11 ASP 11 11 11 ASP ASP A . n 
A 1 12 ALA 12 12 12 ALA ALA A . n 
A 1 13 PRO 13 13 13 PRO PRO A . n 
A 1 14 VAL 14 14 14 VAL VAL A . n 
A 1 15 GLU 15 15 15 GLU GLU A . n 
A 1 16 ASP 16 16 16 ASP ASP A . n 
A 1 17 LEU 17 17 17 LEU LEU A . n 
A 1 18 ILE 18 18 18 ILE ILE A . n 
A 1 19 ARG 19 19 19 ARG ARG A . n 
A 1 20 PHE 20 20 20 PHE PHE A . n 
A 1 21 TYR 21 21 21 TYR TYR A . n 
A 1 22 ASN 22 22 22 ASN ASN A . n 
A 1 23 ASP 23 23 23 ASP ASP A . n 
A 1 24 LEU 24 24 24 LEU LEU A . n 
A 1 25 GLN 25 25 25 GLN GLN A . n 
A 1 26 GLN 26 26 26 GLN GLN A . n 
A 1 27 TYR 27 27 27 TYR TYR A . n 
A 1 28 LEU 28 28 28 LEU LEU A . n 
A 1 29 ASN 29 29 29 ASN ASN A . n 
A 1 30 VAL 30 30 30 VAL VAL A . n 
A 1 31 VAL 31 31 31 VAL VAL A . n 
A 1 32 THR 32 32 32 THR THR A . n 
A 1 33 ARG 33 33 33 ARG ARG A . n 
A 1 34 HIS 34 34 34 HIS HIS A . n 
A 1 35 ARG 35 35 35 ARG ARG A . n 
A 1 36 TYC 36 36 36 TYC TYC A . n 
# 
loop_
_pdbx_nonpoly_scheme.asym_id 
_pdbx_nonpoly_scheme.entity_id 
_pdbx_nonpoly_scheme.mon_id 
_pdbx_nonpoly_scheme.ndb_seq_num 
_pdbx_nonpoly_scheme.pdb_seq_num 
_pdbx_nonpoly_scheme.auth_seq_num 
_pdbx_nonpoly_scheme.pdb_mon_id 
_pdbx_nonpoly_scheme.auth_mon_id 
_pdbx_nonpoly_scheme.pdb_strand_id 
_pdbx_nonpoly_scheme.pdb_ins_code 
B 2 ZN  1  37   37   ZN  ZN  A . 
C 3 HOH 1  2001 2001 HOH HOH A . 
C 3 HOH 2  2002 2002 HOH HOH A . 
C 3 HOH 3  2003 2003 HOH HOH A . 
C 3 HOH 4  2004 2004 HOH HOH A . 
C 3 HOH 5  2005 2005 HOH HOH A . 
C 3 HOH 6  2006 2006 HOH HOH A . 
C 3 HOH 7  2007 2007 HOH HOH A . 
C 3 HOH 8  2008 2008 HOH HOH A . 
C 3 HOH 9  2009 2009 HOH HOH A . 
C 3 HOH 10 2010 2010 HOH HOH A . 
C 3 HOH 11 2011 2011 HOH HOH A . 
C 3 HOH 12 2012 2012 HOH HOH A . 
C 3 HOH 13 2013 2013 HOH HOH A . 
C 3 HOH 14 2014 2014 HOH HOH A . 
C 3 HOH 15 2015 2015 HOH HOH A . 
C 3 HOH 16 2016 2016 HOH HOH A . 
C 3 HOH 17 2017 2017 HOH HOH A . 
C 3 HOH 18 2018 2018 HOH HOH A . 
C 3 HOH 19 2019 2019 HOH HOH A . 
C 3 HOH 20 2020 2020 HOH HOH A . 
C 3 HOH 21 2021 2021 HOH HOH A . 
C 3 HOH 22 2022 2022 HOH HOH A . 
C 3 HOH 23 2023 2023 HOH HOH A . 
C 3 HOH 24 2024 2024 HOH HOH A . 
C 3 HOH 25 2025 2025 HOH HOH A . 
C 3 HOH 26 2026 2026 HOH HOH A . 
C 3 HOH 27 2027 2027 HOH HOH A . 
C 3 HOH 28 2028 2028 HOH HOH A . 
C 3 HOH 29 2029 2029 HOH HOH A . 
C 3 HOH 30 2030 2030 HOH HOH A . 
C 3 HOH 31 2031 2031 HOH HOH A . 
C 3 HOH 32 2032 2032 HOH HOH A . 
C 3 HOH 33 2033 2033 HOH HOH A . 
C 3 HOH 34 2034 2034 HOH HOH A . 
C 3 HOH 35 2035 2035 HOH HOH A . 
C 3 HOH 36 2036 2036 HOH HOH A . 
C 3 HOH 37 2037 2037 HOH HOH A . 
C 3 HOH 38 2038 2038 HOH HOH A . 
C 3 HOH 39 2039 2039 HOH HOH A . 
C 3 HOH 40 2040 2040 HOH HOH A . 
C 3 HOH 41 2041 2041 HOH HOH A . 
C 3 HOH 42 2042 2042 HOH HOH A . 
C 3 HOH 43 2043 2043 HOH HOH A . 
C 3 HOH 44 2044 2044 HOH HOH A . 
C 3 HOH 45 2045 2045 HOH HOH A . 
C 3 HOH 46 2046 2046 HOH HOH A . 
C 3 HOH 47 2047 2047 HOH HOH A . 
C 3 HOH 48 2048 2048 HOH HOH A . 
C 3 HOH 49 2049 2049 HOH HOH A . 
C 3 HOH 50 2050 2050 HOH HOH A . 
C 3 HOH 51 2051 2051 HOH HOH A . 
C 3 HOH 52 2052 2052 HOH HOH A . 
C 3 HOH 53 2053 2053 HOH HOH A . 
C 3 HOH 54 2054 2054 HOH HOH A . 
C 3 HOH 55 2055 2055 HOH HOH A . 
C 3 HOH 56 2056 2056 HOH HOH A . 
C 3 HOH 57 2057 2057 HOH HOH A . 
C 3 HOH 58 2058 2058 HOH HOH A . 
C 3 HOH 59 2059 2059 HOH HOH A . 
C 3 HOH 60 2060 2060 HOH HOH A . 
C 3 HOH 61 2061 2061 HOH HOH A . 
C 3 HOH 62 2062 2062 HOH HOH A . 
C 3 HOH 63 2063 2063 HOH HOH A . 
C 3 HOH 64 2064 2064 HOH HOH A . 
C 3 HOH 65 2065 2065 HOH HOH A . 
C 3 HOH 66 2066 2066 HOH HOH A . 
C 3 HOH 67 2067 2067 HOH HOH A . 
C 3 HOH 68 2068 2068 HOH HOH A . 
C 3 HOH 69 2069 2069 HOH HOH A . 
C 3 HOH 70 2070 2070 HOH HOH A . 
C 3 HOH 71 2071 2071 HOH HOH A . 
C 3 HOH 72 2072 2072 HOH HOH A . 
C 3 HOH 73 2073 2073 HOH HOH A . 
C 3 HOH 74 2074 2074 HOH HOH A . 
C 3 HOH 75 2075 2075 HOH HOH A . 
C 3 HOH 76 2076 2076 HOH HOH A . 
C 3 HOH 77 2077 2077 HOH HOH A . 
C 3 HOH 78 2078 2078 HOH HOH A . 
C 3 HOH 79 2079 2079 HOH HOH A . 
C 3 HOH 80 2080 2080 HOH HOH A . 
C 3 HOH 81 2081 2081 HOH HOH A . 
C 3 HOH 82 2082 2082 HOH HOH A . 
# 
loop_
_software.name 
_software.classification 
_software.version 
_software.citation_id 
_software.pdbx_ordinal 
SHELXL-97 refinement       .                      ? 1 
ON-LINE   'data reduction' 'CENTROID INTEGRATION' ? 2 
HRS       'data scaling'   .                      ? 3 
CCP4      phasing          .                      ? 4 
# 
_cell.entry_id           2BF9 
_cell.length_a           34.180 
_cell.length_b           32.920 
_cell.length_c           28.450 
_cell.angle_alpha        90.00 
_cell.angle_beta         105.26 
_cell.angle_gamma        90.00 
_cell.Z_PDB              4 
_cell.pdbx_unique_axis   ? 
# 
_symmetry.entry_id                         2BF9 
_symmetry.space_group_name_H-M             'C 1 2 1' 
_symmetry.pdbx_full_space_group_name_H-M   ? 
_symmetry.cell_setting                     ? 
_symmetry.Int_Tables_number                5 
# 
_exptl.entry_id          2BF9 
_exptl.method            'X-RAY DIFFRACTION' 
_exptl.crystals_number   4 
# 
_exptl_crystal.id                    1 
_exptl_crystal.density_meas          ? 
_exptl_crystal.density_Matthews      1.8 
_exptl_crystal.density_percent_sol   31.14 
_exptl_crystal.description           ? 
# 
_exptl_crystal_grow.crystal_id      1 
_exptl_crystal_grow.method          ? 
_exptl_crystal_grow.temp            ? 
_exptl_crystal_grow.temp_details    ? 
_exptl_crystal_grow.pH              7.00 
_exptl_crystal_grow.pdbx_pH_range   ? 
_exptl_crystal_grow.pdbx_details    '5MG/ML POLYPEPTIDE IN 0.1M TRIS-HCL BUFFER, 0.001M ZN(OAC)2, pH 7.00' 
# 
_diffrn.id                     1 
_diffrn.ambient_temp           293.0 
_diffrn.ambient_temp_details   ? 
_diffrn.crystal_id             1 
# 
_diffrn_detector.diffrn_id              1 
_diffrn_detector.detector               'Y290 SCINTILLATION COUNTER' 
_diffrn_detector.type                   HILGER-WATTS 
_diffrn_detector.pdbx_collection_date   1983-01-01 
_diffrn_detector.details                'HELIUM PATH' 
# 
_diffrn_radiation.diffrn_id                        1 
_diffrn_radiation.wavelength_id                    1 
_diffrn_radiation.pdbx_monochromatic_or_laue_m_l   M 
_diffrn_radiation.monochromator                    'NI FILTER' 
_diffrn_radiation.pdbx_diffrn_protocol             'SINGLE WAVELENGTH' 
_diffrn_radiation.pdbx_scattering_type             x-ray 
# 
_diffrn_radiation_wavelength.id           1 
_diffrn_radiation_wavelength.wavelength   1.54178 
_diffrn_radiation_wavelength.wt           1.0 
# 
_diffrn_source.diffrn_id                   1 
_diffrn_source.source                      'SEALED TUBE' 
_diffrn_source.type                        'HILGER-WATTS 1.2KW' 
_diffrn_source.pdbx_synchrotron_site       ? 
_diffrn_source.pdbx_synchrotron_beamline   ? 
_diffrn_source.pdbx_wavelength             1.54178 
_diffrn_source.pdbx_wavelength_list        ? 
# 
_reflns.pdbx_diffrn_id               1 
_reflns.pdbx_ordinal                 1 
_reflns.entry_id                     2BF9 
_reflns.observed_criterion_sigma_I   ? 
_reflns.observed_criterion_sigma_F   ? 
_reflns.d_resolution_low             27.450 
_reflns.d_resolution_high            0.990 
_reflns.number_obs                   17058 
_reflns.number_all                   ? 
_reflns.percent_possible_obs         94.7 
_reflns.pdbx_Rmerge_I_obs            0.06000 
_reflns.pdbx_Rsym_value              ? 
_reflns.pdbx_netI_over_sigmaI        ? 
_reflns.B_iso_Wilson_estimate        ? 
_reflns.pdbx_redundancy              3.200 
# 
_refine.pdbx_refine_id                           'X-RAY DIFFRACTION' 
_refine.entry_id                                 2BF9 
_refine.pdbx_diffrn_id                           1 
_refine.pdbx_TLS_residual_ADP_flag               ? 
_refine.ls_number_reflns_obs                     ? 
_refine.ls_number_reflns_all                     17058 
_refine.pdbx_ls_sigma_I                          ? 
_refine.pdbx_ls_sigma_F                          0.0 
_refine.pdbx_data_cutoff_high_absF               ? 
_refine.pdbx_data_cutoff_low_absF                ? 
_refine.pdbx_data_cutoff_high_rms_absF           ? 
_refine.ls_d_res_low                             27.45 
_refine.ls_d_res_high                            0.99 
_refine.ls_percent_reflns_obs                    94.72 
_refine.ls_R_factor_obs                          0.1368 
_refine.ls_R_factor_all                          0.1371 
_refine.ls_R_factor_R_work                       ? 
_refine.ls_R_factor_R_free                       0.1794 
_refine.ls_R_factor_R_free_error                 ? 
_refine.ls_R_factor_R_free_error_details         ? 
_refine.ls_percent_reflns_R_free                 5.0 
_refine.ls_number_reflns_R_free                  852 
_refine.ls_number_parameters                     3457 
_refine.ls_number_restraints                     1694 
_refine.occupancy_min                            ? 
_refine.occupancy_max                            ? 
_refine.correlation_coeff_Fo_to_Fc               ? 
_refine.correlation_coeff_Fo_to_Fc_free          ? 
_refine.B_iso_mean                               ? 
_refine.aniso_B[1][1]                            ? 
_refine.aniso_B[2][2]                            ? 
_refine.aniso_B[3][3]                            ? 
_refine.aniso_B[1][2]                            ? 
_refine.aniso_B[1][3]                            ? 
_refine.aniso_B[2][3]                            ? 
_refine.solvent_model_details                    ? 
_refine.solvent_model_param_ksol                 ? 
_refine.solvent_model_param_bsol                 ? 
_refine.pdbx_solvent_vdw_probe_radii             ? 
_refine.pdbx_solvent_ion_probe_radii             ? 
_refine.pdbx_solvent_shrinkage_radii             ? 
_refine.pdbx_ls_cross_valid_method               'FREE R-VALUE' 
_refine.details                                  
'THIS IS A REFINEMENT OF PDB ENTRY 1PPT USING NEW X-RAY DATA AT ATOMIC RESOLUTION.' 
_refine.pdbx_starting_model                      ? 
_refine.pdbx_method_to_determine_struct          SIRAS 
_refine.pdbx_isotropic_thermal_model             ? 
_refine.pdbx_stereochemistry_target_values       'ENGH AND HUBER' 
_refine.pdbx_stereochem_target_val_spec_case     ? 
_refine.pdbx_R_Free_selection_details            RANDOM 
_refine.pdbx_overall_ESU_R                       ? 
_refine.pdbx_overall_ESU_R_Free                  ? 
_refine.overall_SU_ML                            ? 
_refine.pdbx_overall_phase_error                 ? 
_refine.overall_SU_B                             ? 
_refine.overall_SU_R_Cruickshank_DPI             ? 
_refine.pdbx_overall_SU_R_free_Cruickshank_DPI   ? 
_refine.pdbx_overall_SU_R_Blow_DPI               ? 
_refine.pdbx_overall_SU_R_free_Blow_DPI          ? 
# 
_refine_analyze.pdbx_refine_id                  'X-RAY DIFFRACTION' 
_refine_analyze.entry_id                        2BF9 
_refine_analyze.Luzzati_coordinate_error_obs    ? 
_refine_analyze.Luzzati_sigma_a_obs             ? 
_refine_analyze.Luzzati_d_res_low_obs           ? 
_refine_analyze.Luzzati_coordinate_error_free   ? 
_refine_analyze.Luzzati_sigma_a_free            ? 
_refine_analyze.Luzzati_d_res_low_free          ? 
_refine_analyze.number_disordered_residues      1 
_refine_analyze.occupancy_sum_hydrogen          281.00 
_refine_analyze.occupancy_sum_non_hydrogen      382.50 
# 
_refine_hist.pdbx_refine_id                   'X-RAY DIFFRACTION' 
_refine_hist.cycle_id                         LAST 
_refine_hist.pdbx_number_atoms_protein        301 
_refine_hist.pdbx_number_atoms_nucleic_acid   0 
_refine_hist.pdbx_number_atoms_ligand         1 
_refine_hist.number_atoms_solvent             82 
_refine_hist.number_atoms_total               384 
_refine_hist.d_res_high                       0.99 
_refine_hist.d_res_low                        27.45 
# 
loop_
_refine_ls_restr.type 
_refine_ls_restr.dev_ideal 
_refine_ls_restr.dev_ideal_target 
_refine_ls_restr.weight 
_refine_ls_restr.number 
_refine_ls_restr.pdbx_refine_id 
_refine_ls_restr.pdbx_restraint_function 
s_bond_d               0.013  ? ? ? 'X-RAY DIFFRACTION' ? 
s_angle_d              0.026  ? ? ? 'X-RAY DIFFRACTION' ? 
s_similar_dist         0.000  ? ? ? 'X-RAY DIFFRACTION' ? 
s_from_restr_planes    0.0198 ? ? ? 'X-RAY DIFFRACTION' ? 
s_zero_chiral_vol      0.093  ? ? ? 'X-RAY DIFFRACTION' ? 
s_non_zero_chiral_vol  0.082  ? ? ? 'X-RAY DIFFRACTION' ? 
s_anti_bump_dis_restr  0.013  ? ? ? 'X-RAY DIFFRACTION' ? 
s_rigid_bond_adp_cmpnt 0.007  ? ? ? 'X-RAY DIFFRACTION' ? 
s_similar_adp_cmpnt    0.000  ? ? ? 'X-RAY DIFFRACTION' ? 
s_approx_iso_adps      0.000  ? ? ? 'X-RAY DIFFRACTION' ? 
# 
_pdbx_refine.pdbx_refine_id                              'X-RAY DIFFRACTION' 
_pdbx_refine.entry_id                                    2BF9 
_pdbx_refine.R_factor_all_no_cutoff                      0.1371 
_pdbx_refine.R_factor_obs_no_cutoff                      0.1368 
_pdbx_refine.free_R_factor_no_cutoff                     0.1794 
_pdbx_refine.free_R_error_no_cutoff                      ? 
_pdbx_refine.free_R_val_test_set_size_perc_no_cutoff     5.0 
_pdbx_refine.free_R_val_test_set_ct_no_cutoff            852 
_pdbx_refine.R_factor_all_4sig_cutoff                    0.0983 
_pdbx_refine.R_factor_obs_4sig_cutoff                    0.0981 
_pdbx_refine.free_R_factor_4sig_cutoff                   0.1366 
_pdbx_refine.free_R_val_test_set_size_perc_4sig_cutoff   4.9 
_pdbx_refine.free_R_val_test_set_ct_4sig_cutoff          567 
_pdbx_refine.number_reflns_obs_4sig_cutoff               11550 
# 
_struct.entry_id                  2BF9 
_struct.title                     'Anisotropic refinement of avian (turkey) pancreatic polypeptide at 0. 99 Angstroms resolution.' 
_struct.pdbx_model_details        ? 
_struct.pdbx_CASP_flag            ? 
_struct.pdbx_model_type_details   ? 
# 
_struct_keywords.entry_id        2BF9 
_struct_keywords.pdbx_keywords   HORMONE 
_struct_keywords.text            
'HORMONE, PANCREATIC HORMONE, TURKEY, PANCREAS, POLYPEPTIDE, ATOMIC RESOLUTION, ANISOTROPIC REFINEMENT' 
# 
loop_
_struct_asym.id 
_struct_asym.pdbx_blank_PDB_chainid_flag 
_struct_asym.pdbx_modified 
_struct_asym.entity_id 
_struct_asym.details 
A N N 1 ? 
B N N 2 ? 
C N N 3 ? 
# 
_struct_ref.id                         1 
_struct_ref.db_name                    UNP 
_struct_ref.db_code                    PAHO_MELGA 
_struct_ref.entity_id                  1 
_struct_ref.pdbx_seq_one_letter_code   ? 
_struct_ref.pdbx_align_begin           ? 
_struct_ref.pdbx_db_accession          P68249 
_struct_ref.pdbx_db_isoform            ? 
# 
_struct_ref_seq.align_id                      1 
_struct_ref_seq.ref_id                        1 
_struct_ref_seq.pdbx_PDB_id_code              2BF9 
_struct_ref_seq.pdbx_strand_id                A 
_struct_ref_seq.seq_align_beg                 1 
_struct_ref_seq.pdbx_seq_align_beg_ins_code   ? 
_struct_ref_seq.seq_align_end                 36 
_struct_ref_seq.pdbx_seq_align_end_ins_code   ? 
_struct_ref_seq.pdbx_db_accession             P68249 
_struct_ref_seq.db_align_beg                  1 
_struct_ref_seq.pdbx_db_align_beg_ins_code    ? 
_struct_ref_seq.db_align_end                  36 
_struct_ref_seq.pdbx_db_align_end_ins_code    ? 
_struct_ref_seq.pdbx_auth_seq_align_beg       1 
_struct_ref_seq.pdbx_auth_seq_align_end       36 
# 
_pdbx_struct_assembly.id                   1 
_pdbx_struct_assembly.details              author_and_software_defined_assembly 
_pdbx_struct_assembly.method_details       PQS 
_pdbx_struct_assembly.oligomeric_details   dimeric 
_pdbx_struct_assembly.oligomeric_count     2 
# 
_pdbx_struct_assembly_gen.assembly_id       1 
_pdbx_struct_assembly_gen.oper_expression   1,2 
_pdbx_struct_assembly_gen.asym_id_list      A,B,C 
# 
loop_
_pdbx_struct_oper_list.id 
_pdbx_struct_oper_list.type 
_pdbx_struct_oper_list.name 
_pdbx_struct_oper_list.symmetry_operation 
_pdbx_struct_oper_list.matrix[1][1] 
_pdbx_struct_oper_list.matrix[1][2] 
_pdbx_struct_oper_list.matrix[1][3] 
_pdbx_struct_oper_list.vector[1] 
_pdbx_struct_oper_list.matrix[2][1] 
_pdbx_struct_oper_list.matrix[2][2] 
_pdbx_struct_oper_list.matrix[2][3] 
_pdbx_struct_oper_list.vector[2] 
_pdbx_struct_oper_list.matrix[3][1] 
_pdbx_struct_oper_list.matrix[3][2] 
_pdbx_struct_oper_list.matrix[3][3] 
_pdbx_struct_oper_list.vector[3] 
1 'identity operation'         1_555 x,y,z   1.0000000000  0.0000000000  0.0000000000 0.0000000000  0.0000000000  1.0000000000 0.0000000000  0.0000000000  0.0000000000 0.0000000000  1.0000000000  0.0000000000  
2 'crystal symmetry operation' 2_555 -x,y,-z -0.6691806226 -0.7408930974 0.0572251039 -4.3932473416 -0.7408930974 0.6592818297 -0.1281596162 -2.7143811364 0.0572251039 -0.1281596162 -0.9901012071 -9.7456336439 
# 
_struct_biol.id   1 
# 
_struct_conf.conf_type_id            HELX_P 
_struct_conf.id                      HELX_P1 
_struct_conf.pdbx_PDB_helix_id       1 
_struct_conf.beg_label_comp_id       PRO 
_struct_conf.beg_label_asym_id       A 
_struct_conf.beg_label_seq_id        13 
_struct_conf.pdbx_beg_PDB_ins_code   ? 
_struct_conf.end_label_comp_id       THR 
_struct_conf.end_label_asym_id       A 
_struct_conf.end_label_seq_id        32 
_struct_conf.pdbx_end_PDB_ins_code   ? 
_struct_conf.beg_auth_comp_id        PRO 
_struct_conf.beg_auth_asym_id        A 
_struct_conf.beg_auth_seq_id         13 
_struct_conf.end_auth_comp_id        THR 
_struct_conf.end_auth_asym_id        A 
_struct_conf.end_auth_seq_id         32 
_struct_conf.pdbx_PDB_helix_class    1 
_struct_conf.details                 ? 
_struct_conf.pdbx_PDB_helix_length   20 
# 
_struct_conf_type.id          HELX_P 
_struct_conf_type.criteria    ? 
_struct_conf_type.reference   ? 
# 
loop_
_struct_conn.id 
_struct_conn.conn_type_id 
_struct_conn.pdbx_leaving_atom_flag 
_struct_conn.pdbx_PDB_id 
_struct_conn.ptnr1_label_asym_id 
_struct_conn.ptnr1_label_comp_id 
_struct_conn.ptnr1_label_seq_id 
_struct_conn.ptnr1_label_atom_id 
_struct_conn.pdbx_ptnr1_label_alt_id 
_struct_conn.pdbx_ptnr1_PDB_ins_code 
_struct_conn.pdbx_ptnr1_standard_comp_id 
_struct_conn.ptnr1_symmetry 
_struct_conn.ptnr2_label_asym_id 
_struct_conn.ptnr2_label_comp_id 
_struct_conn.ptnr2_label_seq_id 
_struct_conn.ptnr2_label_atom_id 
_struct_conn.pdbx_ptnr2_label_alt_id 
_struct_conn.pdbx_ptnr2_PDB_ins_code 
_struct_conn.ptnr1_auth_asym_id 
_struct_conn.ptnr1_auth_comp_id 
_struct_conn.ptnr1_auth_seq_id 
_struct_conn.ptnr2_auth_asym_id 
_struct_conn.ptnr2_auth_comp_id 
_struct_conn.ptnr2_auth_seq_id 
_struct_conn.ptnr2_symmetry 
_struct_conn.pdbx_ptnr3_label_atom_id 
_struct_conn.pdbx_ptnr3_label_seq_id 
_struct_conn.pdbx_ptnr3_label_comp_id 
_struct_conn.pdbx_ptnr3_label_asym_id 
_struct_conn.pdbx_ptnr3_label_alt_id 
_struct_conn.pdbx_ptnr3_PDB_ins_code 
_struct_conn.details 
_struct_conn.pdbx_dist_value 
_struct_conn.pdbx_value_order 
_struct_conn.pdbx_role 
covale1 covale one ? A ARG 35 C   ? ? ? 1_555 A TYC 36 N  ? ? A ARG 35 A TYC 36   1_555 ? ? ? ? ? ? ? 1.315 ? ? 
metalc1 metalc ?   ? A GLY 1  N   ? ? ? 1_555 B ZN  .  ZN ? ? A GLY 1  A ZN  37   1_555 ? ? ? ? ? ? ? 2.044 ? ? 
metalc2 metalc ?   ? A GLY 1  O   ? ? ? 1_555 B ZN  .  ZN ? ? A GLY 1  A ZN  37   1_555 ? ? ? ? ? ? ? 2.203 ? ? 
metalc3 metalc ?   ? A ASP 23 OD2 ? ? ? 2_556 B ZN  .  ZN ? ? A ASP 23 A ZN  37   1_555 ? ? ? ? ? ? ? 1.975 ? ? 
metalc4 metalc ?   ? A HIS 34 NE2 ? ? ? 4_546 B ZN  .  ZN ? ? A HIS 34 A ZN  37   1_555 ? ? ? ? ? ? ? 2.007 ? ? 
metalc5 metalc ?   ? B ZN  .  ZN  ? ? ? 1_555 C HOH .  O  ? ? A ZN  37 A HOH 2082 1_555 ? ? ? ? ? ? ? 2.137 ? ? 
# 
loop_
_struct_conn_type.id 
_struct_conn_type.criteria 
_struct_conn_type.reference 
covale ? ? 
metalc ? ? 
# 
loop_
_pdbx_struct_conn_angle.id 
_pdbx_struct_conn_angle.ptnr1_label_atom_id 
_pdbx_struct_conn_angle.ptnr1_label_alt_id 
_pdbx_struct_conn_angle.ptnr1_label_asym_id 
_pdbx_struct_conn_angle.ptnr1_label_comp_id 
_pdbx_struct_conn_angle.ptnr1_label_seq_id 
_pdbx_struct_conn_angle.ptnr1_auth_atom_id 
_pdbx_struct_conn_angle.ptnr1_auth_asym_id 
_pdbx_struct_conn_angle.ptnr1_auth_comp_id 
_pdbx_struct_conn_angle.ptnr1_auth_seq_id 
_pdbx_struct_conn_angle.ptnr1_PDB_ins_code 
_pdbx_struct_conn_angle.ptnr1_symmetry 
_pdbx_struct_conn_angle.ptnr2_label_atom_id 
_pdbx_struct_conn_angle.ptnr2_label_alt_id 
_pdbx_struct_conn_angle.ptnr2_label_asym_id 
_pdbx_struct_conn_angle.ptnr2_label_comp_id 
_pdbx_struct_conn_angle.ptnr2_label_seq_id 
_pdbx_struct_conn_angle.ptnr2_auth_atom_id 
_pdbx_struct_conn_angle.ptnr2_auth_asym_id 
_pdbx_struct_conn_angle.ptnr2_auth_comp_id 
_pdbx_struct_conn_angle.ptnr2_auth_seq_id 
_pdbx_struct_conn_angle.ptnr2_PDB_ins_code 
_pdbx_struct_conn_angle.ptnr2_symmetry 
_pdbx_struct_conn_angle.ptnr3_label_atom_id 
_pdbx_struct_conn_angle.ptnr3_label_alt_id 
_pdbx_struct_conn_angle.ptnr3_label_asym_id 
_pdbx_struct_conn_angle.ptnr3_label_comp_id 
_pdbx_struct_conn_angle.ptnr3_label_seq_id 
_pdbx_struct_conn_angle.ptnr3_auth_atom_id 
_pdbx_struct_conn_angle.ptnr3_auth_asym_id 
_pdbx_struct_conn_angle.ptnr3_auth_comp_id 
_pdbx_struct_conn_angle.ptnr3_auth_seq_id 
_pdbx_struct_conn_angle.ptnr3_PDB_ins_code 
_pdbx_struct_conn_angle.ptnr3_symmetry 
_pdbx_struct_conn_angle.value 
_pdbx_struct_conn_angle.value_esd 
1  N   ? A GLY 1  ? A GLY 1  ? 1_555 ZN ? B ZN . ? A ZN 37 ? 1_555 O   ? A GLY 1  ? A GLY 1    ? 1_555 78.2  ? 
2  N   ? A GLY 1  ? A GLY 1  ? 1_555 ZN ? B ZN . ? A ZN 37 ? 1_555 OD2 ? A ASP 23 ? A ASP 23   ? 2_556 133.2 ? 
3  O   ? A GLY 1  ? A GLY 1  ? 1_555 ZN ? B ZN . ? A ZN 37 ? 1_555 OD2 ? A ASP 23 ? A ASP 23   ? 2_556 91.5  ? 
4  N   ? A GLY 1  ? A GLY 1  ? 1_555 ZN ? B ZN . ? A ZN 37 ? 1_555 NE2 ? A HIS 34 ? A HIS 34   ? 4_546 121.4 ? 
5  O   ? A GLY 1  ? A GLY 1  ? 1_555 ZN ? B ZN . ? A ZN 37 ? 1_555 NE2 ? A HIS 34 ? A HIS 34   ? 4_546 95.5  ? 
6  OD2 ? A ASP 23 ? A ASP 23 ? 2_556 ZN ? B ZN . ? A ZN 37 ? 1_555 NE2 ? A HIS 34 ? A HIS 34   ? 4_546 104.9 ? 
7  N   ? A GLY 1  ? A GLY 1  ? 1_555 ZN ? B ZN . ? A ZN 37 ? 1_555 O   ? C HOH .  ? A HOH 2082 ? 1_555 90.0  ? 
8  O   ? A GLY 1  ? A GLY 1  ? 1_555 ZN ? B ZN . ? A ZN 37 ? 1_555 O   ? C HOH .  ? A HOH 2082 ? 1_555 168.1 ? 
9  OD2 ? A ASP 23 ? A ASP 23 ? 2_556 ZN ? B ZN . ? A ZN 37 ? 1_555 O   ? C HOH .  ? A HOH 2082 ? 1_555 95.6  ? 
10 NE2 ? A HIS 34 ? A HIS 34 ? 4_546 ZN ? B ZN . ? A ZN 37 ? 1_555 O   ? C HOH .  ? A HOH 2082 ? 1_555 91.8  ? 
# 
_struct_site.id                   AC1 
_struct_site.pdbx_evidence_code   Software 
_struct_site.pdbx_auth_asym_id    A 
_struct_site.pdbx_auth_comp_id    ZN 
_struct_site.pdbx_auth_seq_id     37 
_struct_site.pdbx_auth_ins_code   ? 
_struct_site.pdbx_num_residues    4 
_struct_site.details              'BINDING SITE FOR RESIDUE ZN A 37' 
# 
loop_
_struct_site_gen.id 
_struct_site_gen.site_id 
_struct_site_gen.pdbx_num_res 
_struct_site_gen.label_comp_id 
_struct_site_gen.label_asym_id 
_struct_site_gen.label_seq_id 
_struct_site_gen.pdbx_auth_ins_code 
_struct_site_gen.auth_comp_id 
_struct_site_gen.auth_asym_id 
_struct_site_gen.auth_seq_id 
_struct_site_gen.label_atom_id 
_struct_site_gen.label_alt_id 
_struct_site_gen.symmetry 
_struct_site_gen.details 
1 AC1 4 GLY A 1  ? GLY A 1    . ? 1_555 ? 
2 AC1 4 ASP A 23 ? ASP A 23   . ? 1_555 ? 
3 AC1 4 HIS A 34 ? HIS A 34   . ? 1_555 ? 
4 AC1 4 HOH C .  ? HOH A 2082 . ? 1_555 ? 
# 
_pdbx_entry_details.entry_id                   2BF9 
_pdbx_entry_details.compound_details           ? 
_pdbx_entry_details.source_details             ? 
_pdbx_entry_details.nonpolymer_details         ? 
_pdbx_entry_details.sequence_details           ? 
_pdbx_entry_details.has_ligand_of_interest     ? 
_pdbx_entry_details.has_protein_modification   Y 
# 
loop_
_pdbx_validate_rmsd_angle.id 
_pdbx_validate_rmsd_angle.PDB_model_num 
_pdbx_validate_rmsd_angle.auth_atom_id_1 
_pdbx_validate_rmsd_angle.auth_asym_id_1 
_pdbx_validate_rmsd_angle.auth_comp_id_1 
_pdbx_validate_rmsd_angle.auth_seq_id_1 
_pdbx_validate_rmsd_angle.PDB_ins_code_1 
_pdbx_validate_rmsd_angle.label_alt_id_1 
_pdbx_validate_rmsd_angle.auth_atom_id_2 
_pdbx_validate_rmsd_angle.auth_asym_id_2 
_pdbx_validate_rmsd_angle.auth_comp_id_2 
_pdbx_validate_rmsd_angle.auth_seq_id_2 
_pdbx_validate_rmsd_angle.PDB_ins_code_2 
_pdbx_validate_rmsd_angle.label_alt_id_2 
_pdbx_validate_rmsd_angle.auth_atom_id_3 
_pdbx_validate_rmsd_angle.auth_asym_id_3 
_pdbx_validate_rmsd_angle.auth_comp_id_3 
_pdbx_validate_rmsd_angle.auth_seq_id_3 
_pdbx_validate_rmsd_angle.PDB_ins_code_3 
_pdbx_validate_rmsd_angle.label_alt_id_3 
_pdbx_validate_rmsd_angle.angle_value 
_pdbx_validate_rmsd_angle.angle_target_value 
_pdbx_validate_rmsd_angle.angle_deviation 
_pdbx_validate_rmsd_angle.angle_standard_deviation 
_pdbx_validate_rmsd_angle.linker_flag 
1 1 NE A ARG 19 ? ? CZ A ARG 19 ? ? NH1 A ARG 19 ? ? 123.31 120.30 3.01  0.50 N 
2 1 NE A ARG 19 ? ? CZ A ARG 19 ? ? NH2 A ARG 19 ? ? 116.91 120.30 -3.39 0.50 N 
# 
_pdbx_validate_torsion.id              1 
_pdbx_validate_torsion.PDB_model_num   1 
_pdbx_validate_torsion.auth_comp_id    ARG 
_pdbx_validate_torsion.auth_asym_id    A 
_pdbx_validate_torsion.auth_seq_id     35 
_pdbx_validate_torsion.PDB_ins_code    ? 
_pdbx_validate_torsion.label_alt_id    ? 
_pdbx_validate_torsion.phi             -91.45 
_pdbx_validate_torsion.psi             56.10 
# 
loop_
_pdbx_struct_special_symmetry.id 
_pdbx_struct_special_symmetry.PDB_model_num 
_pdbx_struct_special_symmetry.auth_asym_id 
_pdbx_struct_special_symmetry.auth_comp_id 
_pdbx_struct_special_symmetry.auth_seq_id 
_pdbx_struct_special_symmetry.PDB_ins_code 
_pdbx_struct_special_symmetry.label_asym_id 
_pdbx_struct_special_symmetry.label_comp_id 
_pdbx_struct_special_symmetry.label_seq_id 
1 1 A HOH 2004 ? C HOH . 
2 1 A HOH 2032 ? C HOH . 
3 1 A HOH 2048 ? C HOH . 
# 
loop_
_pdbx_distant_solvent_atoms.id 
_pdbx_distant_solvent_atoms.PDB_model_num 
_pdbx_distant_solvent_atoms.auth_atom_id 
_pdbx_distant_solvent_atoms.label_alt_id 
_pdbx_distant_solvent_atoms.auth_asym_id 
_pdbx_distant_solvent_atoms.auth_comp_id 
_pdbx_distant_solvent_atoms.auth_seq_id 
_pdbx_distant_solvent_atoms.PDB_ins_code 
_pdbx_distant_solvent_atoms.neighbor_macromolecule_distance 
_pdbx_distant_solvent_atoms.neighbor_ligand_distance 
1 1 O ? A HOH 2005 ? 6.06 . 
2 1 O ? A HOH 2036 ? 5.81 . 
# 
loop_
_chem_comp_atom.comp_id 
_chem_comp_atom.atom_id 
_chem_comp_atom.type_symbol 
_chem_comp_atom.pdbx_aromatic_flag 
_chem_comp_atom.pdbx_stereo_config 
_chem_comp_atom.pdbx_ordinal 
ALA N    N  N N 1   
ALA CA   C  N S 2   
ALA C    C  N N 3   
ALA O    O  N N 4   
ALA CB   C  N N 5   
ALA OXT  O  N N 6   
ALA H    H  N N 7   
ALA H2   H  N N 8   
ALA HA   H  N N 9   
ALA HB1  H  N N 10  
ALA HB2  H  N N 11  
ALA HB3  H  N N 12  
ALA HXT  H  N N 13  
ARG N    N  N N 14  
ARG CA   C  N S 15  
ARG C    C  N N 16  
ARG O    O  N N 17  
ARG CB   C  N N 18  
ARG CG   C  N N 19  
ARG CD   C  N N 20  
ARG NE   N  N N 21  
ARG CZ   C  N N 22  
ARG NH1  N  N N 23  
ARG NH2  N  N N 24  
ARG OXT  O  N N 25  
ARG H    H  N N 26  
ARG H2   H  N N 27  
ARG HA   H  N N 28  
ARG HB2  H  N N 29  
ARG HB3  H  N N 30  
ARG HG2  H  N N 31  
ARG HG3  H  N N 32  
ARG HD2  H  N N 33  
ARG HD3  H  N N 34  
ARG HE   H  N N 35  
ARG HH11 H  N N 36  
ARG HH12 H  N N 37  
ARG HH21 H  N N 38  
ARG HH22 H  N N 39  
ARG HXT  H  N N 40  
ASN N    N  N N 41  
ASN CA   C  N S 42  
ASN C    C  N N 43  
ASN O    O  N N 44  
ASN CB   C  N N 45  
ASN CG   C  N N 46  
ASN OD1  O  N N 47  
ASN ND2  N  N N 48  
ASN OXT  O  N N 49  
ASN H    H  N N 50  
ASN H2   H  N N 51  
ASN HA   H  N N 52  
ASN HB2  H  N N 53  
ASN HB3  H  N N 54  
ASN HD21 H  N N 55  
ASN HD22 H  N N 56  
ASN HXT  H  N N 57  
ASP N    N  N N 58  
ASP CA   C  N S 59  
ASP C    C  N N 60  
ASP O    O  N N 61  
ASP CB   C  N N 62  
ASP CG   C  N N 63  
ASP OD1  O  N N 64  
ASP OD2  O  N N 65  
ASP OXT  O  N N 66  
ASP H    H  N N 67  
ASP H2   H  N N 68  
ASP HA   H  N N 69  
ASP HB2  H  N N 70  
ASP HB3  H  N N 71  
ASP HD2  H  N N 72  
ASP HXT  H  N N 73  
GLN N    N  N N 74  
GLN CA   C  N S 75  
GLN C    C  N N 76  
GLN O    O  N N 77  
GLN CB   C  N N 78  
GLN CG   C  N N 79  
GLN CD   C  N N 80  
GLN OE1  O  N N 81  
GLN NE2  N  N N 82  
GLN OXT  O  N N 83  
GLN H    H  N N 84  
GLN H2   H  N N 85  
GLN HA   H  N N 86  
GLN HB2  H  N N 87  
GLN HB3  H  N N 88  
GLN HG2  H  N N 89  
GLN HG3  H  N N 90  
GLN HE21 H  N N 91  
GLN HE22 H  N N 92  
GLN HXT  H  N N 93  
GLU N    N  N N 94  
GLU CA   C  N S 95  
GLU C    C  N N 96  
GLU O    O  N N 97  
GLU CB   C  N N 98  
GLU CG   C  N N 99  
GLU CD   C  N N 100 
GLU OE1  O  N N 101 
GLU OE2  O  N N 102 
GLU OXT  O  N N 103 
GLU H    H  N N 104 
GLU H2   H  N N 105 
GLU HA   H  N N 106 
GLU HB2  H  N N 107 
GLU HB3  H  N N 108 
GLU HG2  H  N N 109 
GLU HG3  H  N N 110 
GLU HE2  H  N N 111 
GLU HXT  H  N N 112 
GLY N    N  N N 113 
GLY CA   C  N N 114 
GLY C    C  N N 115 
GLY O    O  N N 116 
GLY OXT  O  N N 117 
GLY H    H  N N 118 
GLY H2   H  N N 119 
GLY HA2  H  N N 120 
GLY HA3  H  N N 121 
GLY HXT  H  N N 122 
HIS N    N  N N 123 
HIS CA   C  N S 124 
HIS C    C  N N 125 
HIS O    O  N N 126 
HIS CB   C  N N 127 
HIS CG   C  Y N 128 
HIS ND1  N  Y N 129 
HIS CD2  C  Y N 130 
HIS CE1  C  Y N 131 
HIS NE2  N  Y N 132 
HIS OXT  O  N N 133 
HIS H    H  N N 134 
HIS H2   H  N N 135 
HIS HA   H  N N 136 
HIS HB2  H  N N 137 
HIS HB3  H  N N 138 
HIS HD1  H  N N 139 
HIS HD2  H  N N 140 
HIS HE1  H  N N 141 
HIS HE2  H  N N 142 
HIS HXT  H  N N 143 
HOH O    O  N N 144 
HOH H1   H  N N 145 
HOH H2   H  N N 146 
ILE N    N  N N 147 
ILE CA   C  N S 148 
ILE C    C  N N 149 
ILE O    O  N N 150 
ILE CB   C  N S 151 
ILE CG1  C  N N 152 
ILE CG2  C  N N 153 
ILE CD1  C  N N 154 
ILE OXT  O  N N 155 
ILE H    H  N N 156 
ILE H2   H  N N 157 
ILE HA   H  N N 158 
ILE HB   H  N N 159 
ILE HG12 H  N N 160 
ILE HG13 H  N N 161 
ILE HG21 H  N N 162 
ILE HG22 H  N N 163 
ILE HG23 H  N N 164 
ILE HD11 H  N N 165 
ILE HD12 H  N N 166 
ILE HD13 H  N N 167 
ILE HXT  H  N N 168 
LEU N    N  N N 169 
LEU CA   C  N S 170 
LEU C    C  N N 171 
LEU O    O  N N 172 
LEU CB   C  N N 173 
LEU CG   C  N N 174 
LEU CD1  C  N N 175 
LEU CD2  C  N N 176 
LEU OXT  O  N N 177 
LEU H    H  N N 178 
LEU H2   H  N N 179 
LEU HA   H  N N 180 
LEU HB2  H  N N 181 
LEU HB3  H  N N 182 
LEU HG   H  N N 183 
LEU HD11 H  N N 184 
LEU HD12 H  N N 185 
LEU HD13 H  N N 186 
LEU HD21 H  N N 187 
LEU HD22 H  N N 188 
LEU HD23 H  N N 189 
LEU HXT  H  N N 190 
PHE N    N  N N 191 
PHE CA   C  N S 192 
PHE C    C  N N 193 
PHE O    O  N N 194 
PHE CB   C  N N 195 
PHE CG   C  Y N 196 
PHE CD1  C  Y N 197 
PHE CD2  C  Y N 198 
PHE CE1  C  Y N 199 
PHE CE2  C  Y N 200 
PHE CZ   C  Y N 201 
PHE OXT  O  N N 202 
PHE H    H  N N 203 
PHE H2   H  N N 204 
PHE HA   H  N N 205 
PHE HB2  H  N N 206 
PHE HB3  H  N N 207 
PHE HD1  H  N N 208 
PHE HD2  H  N N 209 
PHE HE1  H  N N 210 
PHE HE2  H  N N 211 
PHE HZ   H  N N 212 
PHE HXT  H  N N 213 
PRO N    N  N N 214 
PRO CA   C  N S 215 
PRO C    C  N N 216 
PRO O    O  N N 217 
PRO CB   C  N N 218 
PRO CG   C  N N 219 
PRO CD   C  N N 220 
PRO OXT  O  N N 221 
PRO H    H  N N 222 
PRO HA   H  N N 223 
PRO HB2  H  N N 224 
PRO HB3  H  N N 225 
PRO HG2  H  N N 226 
PRO HG3  H  N N 227 
PRO HD2  H  N N 228 
PRO HD3  H  N N 229 
PRO HXT  H  N N 230 
SER N    N  N N 231 
SER CA   C  N S 232 
SER C    C  N N 233 
SER O    O  N N 234 
SER CB   C  N N 235 
SER OG   O  N N 236 
SER OXT  O  N N 237 
SER H    H  N N 238 
SER H2   H  N N 239 
SER HA   H  N N 240 
SER HB2  H  N N 241 
SER HB3  H  N N 242 
SER HG   H  N N 243 
SER HXT  H  N N 244 
THR N    N  N N 245 
THR CA   C  N S 246 
THR C    C  N N 247 
THR O    O  N N 248 
THR CB   C  N R 249 
THR OG1  O  N N 250 
THR CG2  C  N N 251 
THR OXT  O  N N 252 
THR H    H  N N 253 
THR H2   H  N N 254 
THR HA   H  N N 255 
THR HB   H  N N 256 
THR HG1  H  N N 257 
THR HG21 H  N N 258 
THR HG22 H  N N 259 
THR HG23 H  N N 260 
THR HXT  H  N N 261 
TYC N    N  N N 262 
TYC CA   C  N S 263 
TYC C    C  N N 264 
TYC O    O  N N 265 
TYC CB   C  N N 266 
TYC CG   C  Y N 267 
TYC CD1  C  Y N 268 
TYC CD2  C  Y N 269 
TYC CE1  C  Y N 270 
TYC CE2  C  Y N 271 
TYC OH   O  N N 272 
TYC CZ   C  Y N 273 
TYC NXT  N  N N 274 
TYC H0   H  N N 275 
TYC H    H  N N 276 
TYC HA   H  N N 277 
TYC HB1  H  N N 278 
TYC HB2  H  N N 279 
TYC HD1  H  N N 280 
TYC HD2  H  N N 281 
TYC HE1  H  N N 282 
TYC HE2  H  N N 283 
TYC HH   H  N N 284 
TYC HT21 H  N N 285 
TYC HT22 H  N N 286 
TYR N    N  N N 287 
TYR CA   C  N S 288 
TYR C    C  N N 289 
TYR O    O  N N 290 
TYR CB   C  N N 291 
TYR CG   C  Y N 292 
TYR CD1  C  Y N 293 
TYR CD2  C  Y N 294 
TYR CE1  C  Y N 295 
TYR CE2  C  Y N 296 
TYR CZ   C  Y N 297 
TYR OH   O  N N 298 
TYR OXT  O  N N 299 
TYR H    H  N N 300 
TYR H2   H  N N 301 
TYR HA   H  N N 302 
TYR HB2  H  N N 303 
TYR HB3  H  N N 304 
TYR HD1  H  N N 305 
TYR HD2  H  N N 306 
TYR HE1  H  N N 307 
TYR HE2  H  N N 308 
TYR HH   H  N N 309 
TYR HXT  H  N N 310 
VAL N    N  N N 311 
VAL CA   C  N S 312 
VAL C    C  N N 313 
VAL O    O  N N 314 
VAL CB   C  N N 315 
VAL CG1  C  N N 316 
VAL CG2  C  N N 317 
VAL OXT  O  N N 318 
VAL H    H  N N 319 
VAL H2   H  N N 320 
VAL HA   H  N N 321 
VAL HB   H  N N 322 
VAL HG11 H  N N 323 
VAL HG12 H  N N 324 
VAL HG13 H  N N 325 
VAL HG21 H  N N 326 
VAL HG22 H  N N 327 
VAL HG23 H  N N 328 
VAL HXT  H  N N 329 
ZN  ZN   ZN N N 330 
# 
loop_
_chem_comp_bond.comp_id 
_chem_comp_bond.atom_id_1 
_chem_comp_bond.atom_id_2 
_chem_comp_bond.value_order 
_chem_comp_bond.pdbx_aromatic_flag 
_chem_comp_bond.pdbx_stereo_config 
_chem_comp_bond.pdbx_ordinal 
ALA N   CA   sing N N 1   
ALA N   H    sing N N 2   
ALA N   H2   sing N N 3   
ALA CA  C    sing N N 4   
ALA CA  CB   sing N N 5   
ALA CA  HA   sing N N 6   
ALA C   O    doub N N 7   
ALA C   OXT  sing N N 8   
ALA CB  HB1  sing N N 9   
ALA CB  HB2  sing N N 10  
ALA CB  HB3  sing N N 11  
ALA OXT HXT  sing N N 12  
ARG N   CA   sing N N 13  
ARG N   H    sing N N 14  
ARG N   H2   sing N N 15  
ARG CA  C    sing N N 16  
ARG CA  CB   sing N N 17  
ARG CA  HA   sing N N 18  
ARG C   O    doub N N 19  
ARG C   OXT  sing N N 20  
ARG CB  CG   sing N N 21  
ARG CB  HB2  sing N N 22  
ARG CB  HB3  sing N N 23  
ARG CG  CD   sing N N 24  
ARG CG  HG2  sing N N 25  
ARG CG  HG3  sing N N 26  
ARG CD  NE   sing N N 27  
ARG CD  HD2  sing N N 28  
ARG CD  HD3  sing N N 29  
ARG NE  CZ   sing N N 30  
ARG NE  HE   sing N N 31  
ARG CZ  NH1  sing N N 32  
ARG CZ  NH2  doub N N 33  
ARG NH1 HH11 sing N N 34  
ARG NH1 HH12 sing N N 35  
ARG NH2 HH21 sing N N 36  
ARG NH2 HH22 sing N N 37  
ARG OXT HXT  sing N N 38  
ASN N   CA   sing N N 39  
ASN N   H    sing N N 40  
ASN N   H2   sing N N 41  
ASN CA  C    sing N N 42  
ASN CA  CB   sing N N 43  
ASN CA  HA   sing N N 44  
ASN C   O    doub N N 45  
ASN C   OXT  sing N N 46  
ASN CB  CG   sing N N 47  
ASN CB  HB2  sing N N 48  
ASN CB  HB3  sing N N 49  
ASN CG  OD1  doub N N 50  
ASN CG  ND2  sing N N 51  
ASN ND2 HD21 sing N N 52  
ASN ND2 HD22 sing N N 53  
ASN OXT HXT  sing N N 54  
ASP N   CA   sing N N 55  
ASP N   H    sing N N 56  
ASP N   H2   sing N N 57  
ASP CA  C    sing N N 58  
ASP CA  CB   sing N N 59  
ASP CA  HA   sing N N 60  
ASP C   O    doub N N 61  
ASP C   OXT  sing N N 62  
ASP CB  CG   sing N N 63  
ASP CB  HB2  sing N N 64  
ASP CB  HB3  sing N N 65  
ASP CG  OD1  doub N N 66  
ASP CG  OD2  sing N N 67  
ASP OD2 HD2  sing N N 68  
ASP OXT HXT  sing N N 69  
GLN N   CA   sing N N 70  
GLN N   H    sing N N 71  
GLN N   H2   sing N N 72  
GLN CA  C    sing N N 73  
GLN CA  CB   sing N N 74  
GLN CA  HA   sing N N 75  
GLN C   O    doub N N 76  
GLN C   OXT  sing N N 77  
GLN CB  CG   sing N N 78  
GLN CB  HB2  sing N N 79  
GLN CB  HB3  sing N N 80  
GLN CG  CD   sing N N 81  
GLN CG  HG2  sing N N 82  
GLN CG  HG3  sing N N 83  
GLN CD  OE1  doub N N 84  
GLN CD  NE2  sing N N 85  
GLN NE2 HE21 sing N N 86  
GLN NE2 HE22 sing N N 87  
GLN OXT HXT  sing N N 88  
GLU N   CA   sing N N 89  
GLU N   H    sing N N 90  
GLU N   H2   sing N N 91  
GLU CA  C    sing N N 92  
GLU CA  CB   sing N N 93  
GLU CA  HA   sing N N 94  
GLU C   O    doub N N 95  
GLU C   OXT  sing N N 96  
GLU CB  CG   sing N N 97  
GLU CB  HB2  sing N N 98  
GLU CB  HB3  sing N N 99  
GLU CG  CD   sing N N 100 
GLU CG  HG2  sing N N 101 
GLU CG  HG3  sing N N 102 
GLU CD  OE1  doub N N 103 
GLU CD  OE2  sing N N 104 
GLU OE2 HE2  sing N N 105 
GLU OXT HXT  sing N N 106 
GLY N   CA   sing N N 107 
GLY N   H    sing N N 108 
GLY N   H2   sing N N 109 
GLY CA  C    sing N N 110 
GLY CA  HA2  sing N N 111 
GLY CA  HA3  sing N N 112 
GLY C   O    doub N N 113 
GLY C   OXT  sing N N 114 
GLY OXT HXT  sing N N 115 
HIS N   CA   sing N N 116 
HIS N   H    sing N N 117 
HIS N   H2   sing N N 118 
HIS CA  C    sing N N 119 
HIS CA  CB   sing N N 120 
HIS CA  HA   sing N N 121 
HIS C   O    doub N N 122 
HIS C   OXT  sing N N 123 
HIS CB  CG   sing N N 124 
HIS CB  HB2  sing N N 125 
HIS CB  HB3  sing N N 126 
HIS CG  ND1  sing Y N 127 
HIS CG  CD2  doub Y N 128 
HIS ND1 CE1  doub Y N 129 
HIS ND1 HD1  sing N N 130 
HIS CD2 NE2  sing Y N 131 
HIS CD2 HD2  sing N N 132 
HIS CE1 NE2  sing Y N 133 
HIS CE1 HE1  sing N N 134 
HIS NE2 HE2  sing N N 135 
HIS OXT HXT  sing N N 136 
HOH O   H1   sing N N 137 
HOH O   H2   sing N N 138 
ILE N   CA   sing N N 139 
ILE N   H    sing N N 140 
ILE N   H2   sing N N 141 
ILE CA  C    sing N N 142 
ILE CA  CB   sing N N 143 
ILE CA  HA   sing N N 144 
ILE C   O    doub N N 145 
ILE C   OXT  sing N N 146 
ILE CB  CG1  sing N N 147 
ILE CB  CG2  sing N N 148 
ILE CB  HB   sing N N 149 
ILE CG1 CD1  sing N N 150 
ILE CG1 HG12 sing N N 151 
ILE CG1 HG13 sing N N 152 
ILE CG2 HG21 sing N N 153 
ILE CG2 HG22 sing N N 154 
ILE CG2 HG23 sing N N 155 
ILE CD1 HD11 sing N N 156 
ILE CD1 HD12 sing N N 157 
ILE CD1 HD13 sing N N 158 
ILE OXT HXT  sing N N 159 
LEU N   CA   sing N N 160 
LEU N   H    sing N N 161 
LEU N   H2   sing N N 162 
LEU CA  C    sing N N 163 
LEU CA  CB   sing N N 164 
LEU CA  HA   sing N N 165 
LEU C   O    doub N N 166 
LEU C   OXT  sing N N 167 
LEU CB  CG   sing N N 168 
LEU CB  HB2  sing N N 169 
LEU CB  HB3  sing N N 170 
LEU CG  CD1  sing N N 171 
LEU CG  CD2  sing N N 172 
LEU CG  HG   sing N N 173 
LEU CD1 HD11 sing N N 174 
LEU CD1 HD12 sing N N 175 
LEU CD1 HD13 sing N N 176 
LEU CD2 HD21 sing N N 177 
LEU CD2 HD22 sing N N 178 
LEU CD2 HD23 sing N N 179 
LEU OXT HXT  sing N N 180 
PHE N   CA   sing N N 181 
PHE N   H    sing N N 182 
PHE N   H2   sing N N 183 
PHE CA  C    sing N N 184 
PHE CA  CB   sing N N 185 
PHE CA  HA   sing N N 186 
PHE C   O    doub N N 187 
PHE C   OXT  sing N N 188 
PHE CB  CG   sing N N 189 
PHE CB  HB2  sing N N 190 
PHE CB  HB3  sing N N 191 
PHE CG  CD1  doub Y N 192 
PHE CG  CD2  sing Y N 193 
PHE CD1 CE1  sing Y N 194 
PHE CD1 HD1  sing N N 195 
PHE CD2 CE2  doub Y N 196 
PHE CD2 HD2  sing N N 197 
PHE CE1 CZ   doub Y N 198 
PHE CE1 HE1  sing N N 199 
PHE CE2 CZ   sing Y N 200 
PHE CE2 HE2  sing N N 201 
PHE CZ  HZ   sing N N 202 
PHE OXT HXT  sing N N 203 
PRO N   CA   sing N N 204 
PRO N   CD   sing N N 205 
PRO N   H    sing N N 206 
PRO CA  C    sing N N 207 
PRO CA  CB   sing N N 208 
PRO CA  HA   sing N N 209 
PRO C   O    doub N N 210 
PRO C   OXT  sing N N 211 
PRO CB  CG   sing N N 212 
PRO CB  HB2  sing N N 213 
PRO CB  HB3  sing N N 214 
PRO CG  CD   sing N N 215 
PRO CG  HG2  sing N N 216 
PRO CG  HG3  sing N N 217 
PRO CD  HD2  sing N N 218 
PRO CD  HD3  sing N N 219 
PRO OXT HXT  sing N N 220 
SER N   CA   sing N N 221 
SER N   H    sing N N 222 
SER N   H2   sing N N 223 
SER CA  C    sing N N 224 
SER CA  CB   sing N N 225 
SER CA  HA   sing N N 226 
SER C   O    doub N N 227 
SER C   OXT  sing N N 228 
SER CB  OG   sing N N 229 
SER CB  HB2  sing N N 230 
SER CB  HB3  sing N N 231 
SER OG  HG   sing N N 232 
SER OXT HXT  sing N N 233 
THR N   CA   sing N N 234 
THR N   H    sing N N 235 
THR N   H2   sing N N 236 
THR CA  C    sing N N 237 
THR CA  CB   sing N N 238 
THR CA  HA   sing N N 239 
THR C   O    doub N N 240 
THR C   OXT  sing N N 241 
THR CB  OG1  sing N N 242 
THR CB  CG2  sing N N 243 
THR CB  HB   sing N N 244 
THR OG1 HG1  sing N N 245 
THR CG2 HG21 sing N N 246 
THR CG2 HG22 sing N N 247 
THR CG2 HG23 sing N N 248 
THR OXT HXT  sing N N 249 
TYC N   CA   sing N N 250 
TYC N   H0   sing N N 251 
TYC N   H    sing N N 252 
TYC CA  C    sing N N 253 
TYC CA  CB   sing N N 254 
TYC CA  HA   sing N N 255 
TYC C   O    doub N N 256 
TYC C   NXT  sing N N 257 
TYC CB  CG   sing N N 258 
TYC CB  HB1  sing N N 259 
TYC CB  HB2  sing N N 260 
TYC CG  CD1  doub Y N 261 
TYC CG  CD2  sing Y N 262 
TYC CD1 CE1  sing Y N 263 
TYC CD1 HD1  sing N N 264 
TYC CD2 CE2  doub Y N 265 
TYC CD2 HD2  sing N N 266 
TYC CE1 CZ   doub Y N 267 
TYC CE1 HE1  sing N N 268 
TYC CE2 CZ   sing Y N 269 
TYC CE2 HE2  sing N N 270 
TYC OH  CZ   sing N N 271 
TYC OH  HH   sing N N 272 
TYC NXT HT21 sing N N 273 
TYC NXT HT22 sing N N 274 
TYR N   CA   sing N N 275 
TYR N   H    sing N N 276 
TYR N   H2   sing N N 277 
TYR CA  C    sing N N 278 
TYR CA  CB   sing N N 279 
TYR CA  HA   sing N N 280 
TYR C   O    doub N N 281 
TYR C   OXT  sing N N 282 
TYR CB  CG   sing N N 283 
TYR CB  HB2  sing N N 284 
TYR CB  HB3  sing N N 285 
TYR CG  CD1  doub Y N 286 
TYR CG  CD2  sing Y N 287 
TYR CD1 CE1  sing Y N 288 
TYR CD1 HD1  sing N N 289 
TYR CD2 CE2  doub Y N 290 
TYR CD2 HD2  sing N N 291 
TYR CE1 CZ   doub Y N 292 
TYR CE1 HE1  sing N N 293 
TYR CE2 CZ   sing Y N 294 
TYR CE2 HE2  sing N N 295 
TYR CZ  OH   sing N N 296 
TYR OH  HH   sing N N 297 
TYR OXT HXT  sing N N 298 
VAL N   CA   sing N N 299 
VAL N   H    sing N N 300 
VAL N   H2   sing N N 301 
VAL CA  C    sing N N 302 
VAL CA  CB   sing N N 303 
VAL CA  HA   sing N N 304 
VAL C   O    doub N N 305 
VAL C   OXT  sing N N 306 
VAL CB  CG1  sing N N 307 
VAL CB  CG2  sing N N 308 
VAL CB  HB   sing N N 309 
VAL CG1 HG11 sing N N 310 
VAL CG1 HG12 sing N N 311 
VAL CG1 HG13 sing N N 312 
VAL CG2 HG21 sing N N 313 
VAL CG2 HG22 sing N N 314 
VAL CG2 HG23 sing N N 315 
VAL OXT HXT  sing N N 316 
# 
_atom_sites.entry_id                    2BF9 
_atom_sites.fract_transf_matrix[1][1]   -0.02646826 
_atom_sites.fract_transf_matrix[1][2]   -0.01105843 
_atom_sites.fract_transf_matrix[1][3]   0.00984005 
_atom_sites.fract_transf_matrix[2][1]   0.01235451 
_atom_sites.fract_transf_matrix[2][2]   -0.02766878 
_atom_sites.fract_transf_matrix[2][3]   0.00213708 
_atom_sites.fract_transf_matrix[3][1]   0.00111688 
_atom_sites.fract_transf_matrix[3][2]   0.00329990 
_atom_sites.fract_transf_matrix[3][3]   0.03626706 
_atom_sites.fract_transf_vector[1]      -0.025200 
_atom_sites.fract_transf_vector[2]      -0.314588 
_atom_sites.fract_transf_vector[3]      0.183655 
# 
loop_
_atom_type.symbol 
C  
H  
N  
O  
ZN 
# 
loop_
_atom_site.group_PDB 
_atom_site.id 
_atom_site.type_symbol 
_atom_site.label_atom_id 
_atom_site.label_alt_id 
_atom_site.label_comp_id 
_atom_site.label_asym_id 
_atom_site.label_entity_id 
_atom_site.label_seq_id 
_atom_site.pdbx_PDB_ins_code 
_atom_site.Cartn_x 
_atom_site.Cartn_y 
_atom_site.Cartn_z 
_atom_site.occupancy 
_atom_site.B_iso_or_equiv 
_atom_site.pdbx_formal_charge 
_atom_site.auth_seq_id 
_atom_site.auth_comp_id 
_atom_site.auth_asym_id 
_atom_site.auth_atom_id 
_atom_site.pdbx_PDB_model_num 
ATOM   1   N  N    . GLY A 1 1  ? -3.328  -1.196  13.610  1.00 9.18   ? 1    GLY A N    1 
ATOM   2   C  CA   . GLY A 1 1  ? -2.486  -1.545  12.479  1.00 9.06   ? 1    GLY A CA   1 
ATOM   3   C  C    . GLY A 1 1  ? -1.957  -0.331  11.794  1.00 7.03   ? 1    GLY A C    1 
ATOM   4   O  O    . GLY A 1 1  ? -2.128  0.811   12.299  1.00 7.44   ? 1    GLY A O    1 
ATOM   5   H  H1   . GLY A 1 1  ? -3.192  -1.791  14.271  1.00 11.01  ? 1    GLY A H1   1 
ATOM   6   H  H2   . GLY A 1 1  ? -4.192  -1.255  13.362  1.00 11.01  ? 1    GLY A H2   1 
ATOM   7   H  HA2  . GLY A 1 1  ? -1.744  -2.088  12.787  1.00 10.87  ? 1    GLY A HA2  1 
ATOM   8   H  HA3  . GLY A 1 1  ? -3.000  -2.071  11.847  1.00 10.87  ? 1    GLY A HA3  1 
ATOM   9   N  N    . PRO A 1 2  ? -1.312  -0.480  10.652  1.00 8.02   ? 2    PRO A N    1 
ATOM   10  C  CA   . PRO A 1 2  ? -0.805  0.681   9.926   1.00 7.95   ? 2    PRO A CA   1 
ATOM   11  C  C    . PRO A 1 2  ? -1.977  1.527   9.426   1.00 6.60   ? 2    PRO A C    1 
ATOM   12  O  O    . PRO A 1 2  ? -3.018  1.007   9.087   1.00 8.17   ? 2    PRO A O    1 
ATOM   13  C  CB   . PRO A 1 2  ? -0.022  0.079   8.766   1.00 11.01  ? 2    PRO A CB   1 
ATOM   14  C  CG   . PRO A 1 2  ? -0.528  -1.314  8.612   1.00 15.44  ? 2    PRO A CG   1 
ATOM   15  C  CD   . PRO A 1 2  ? -1.031  -1.743  9.955   1.00 9.85   ? 2    PRO A CD   1 
ATOM   16  H  HA   . PRO A 1 2  ? -0.214  1.214   10.498  1.00 9.54   ? 2    PRO A HA   1 
ATOM   17  H  HB2  . PRO A 1 2  ? -0.172  0.587   7.954   1.00 13.21  ? 2    PRO A HB2  1 
ATOM   18  H  HB3  . PRO A 1 2  ? 0.929   0.077   8.961   1.00 13.21  ? 2    PRO A HB3  1 
ATOM   19  H  HG2  . PRO A 1 2  ? -1.245  -1.343  7.959   1.00 18.53  ? 2    PRO A HG2  1 
ATOM   20  H  HG3  . PRO A 1 2  ? 0.185   -1.902  8.315   1.00 18.53  ? 2    PRO A HG3  1 
ATOM   21  H  HD2  . PRO A 1 2  ? -1.836  -2.278  9.870   1.00 11.81  ? 2    PRO A HD2  1 
ATOM   22  H  HD3  . PRO A 1 2  ? -0.359  -2.259  10.429  1.00 11.81  ? 2    PRO A HD3  1 
ATOM   23  N  N    . SER A 1 3  ? -1.739  2.821   9.364   1.00 7.33   ? 3    SER A N    1 
ATOM   24  C  CA   . SER A 1 3  ? -2.742  3.706   8.781   1.00 7.47   ? 3    SER A CA   1 
ATOM   25  C  C    . SER A 1 3  ? -2.830  3.496   7.269   1.00 6.73   ? 3    SER A C    1 
ATOM   26  O  O    . SER A 1 3  ? -1.933  2.974   6.622   1.00 8.73   ? 3    SER A O    1 
ATOM   27  C  CB   . SER A 1 3  ? -2.448  5.139   9.173   1.00 9.03   ? 3    SER A CB   1 
ATOM   28  O  OG   A SER A 1 3  ? -2.427  5.281   10.591  0.56 18.41  ? 3    SER A OG   1 
ATOM   29  O  OG   B SER A 1 3  ? -1.167  5.535   8.916   0.44 12.73  ? 3    SER A OG   1 
ATOM   30  H  H    . SER A 1 3  ? -1.001  3.141   9.665   1.00 8.80   ? 3    SER A H    1 
ATOM   31  H  HA   . SER A 1 3  ? -3.610  3.465   9.165   1.00 8.97   ? 3    SER A HA   1 
ATOM   32  H  HB2  A SER A 1 3  ? -1.596  5.411   8.792   0.56 10.66  ? 3    SER A HB2  1 
ATOM   33  H  HB2  B SER A 1 3  ? -3.062  5.726   8.696   0.44 11.22  ? 3    SER A HB2  1 
ATOM   34  H  HB3  A SER A 1 3  ? -3.135  5.724   8.806   0.56 10.66  ? 3    SER A HB3  1 
ATOM   35  H  HB3  B SER A 1 3  ? -2.612  5.251   10.119  0.44 11.22  ? 3    SER A HB3  1 
ATOM   36  H  HG   A SER A 1 3  ? -2.247  6.061   10.788  0.56 28.65  ? 3    SER A HG   1 
ATOM   37  H  HG   B SER A 1 3  ? -1.078  6.312   9.125   0.44 18.66  ? 3    SER A HG   1 
ATOM   38  N  N    . GLN A 1 4  ? -3.944  3.874   6.708   1.00 7.51   ? 4    GLN A N    1 
ATOM   39  C  CA   . GLN A 1 4  ? -4.222  3.603   5.296   1.00 6.68   ? 4    GLN A CA   1 
ATOM   40  C  C    . GLN A 1 4  ? -3.273  4.437   4.433   1.00 5.87   ? 4    GLN A C    1 
ATOM   41  O  O    . GLN A 1 4  ? -3.164  5.655   4.574   1.00 7.52   ? 4    GLN A O    1 
ATOM   42  C  CB   . GLN A 1 4  ? -5.657  3.952   5.006   1.00 8.61   ? 4    GLN A CB   1 
ATOM   43  C  CG   . GLN A 1 4  ? -6.039  3.551   3.602   1.00 9.47   ? 4    GLN A CG   1 
ATOM   44  C  CD   . GLN A 1 4  ? -7.508  3.868   3.305   1.00 12.87  ? 4    GLN A CD   1 
ATOM   45  O  OE1  . GLN A 1 4  ? -8.262  4.342   4.162   1.00 24.44  ? 4    GLN A OE1  1 
ATOM   46  N  NE2  . GLN A 1 4  ? -7.933  3.601   2.103   1.00 16.19  ? 4    GLN A NE2  1 
ATOM   47  H  H    . GLN A 1 4  ? -4.530  4.293   7.178   1.00 9.01   ? 4    GLN A H    1 
ATOM   48  H  HA   . GLN A 1 4  ? -4.074  2.651   5.112   1.00 8.01   ? 4    GLN A HA   1 
ATOM   49  H  HB2  . GLN A 1 4  ? -6.234  3.497   5.639   1.00 10.34  ? 4    GLN A HB2  1 
ATOM   50  H  HB3  . GLN A 1 4  ? -5.784  4.907   5.115   1.00 10.34  ? 4    GLN A HB3  1 
ATOM   51  H  HG2  . GLN A 1 4  ? -5.475  4.022   2.968   1.00 11.37  ? 4    GLN A HG2  1 
ATOM   52  H  HG3  . GLN A 1 4  ? -5.887  2.600   3.487   1.00 11.37  ? 4    GLN A HG3  1 
ATOM   53  H  HE21 . GLN A 1 4  ? -7.396  3.272   1.520   1.00 19.43  ? 4    GLN A HE21 1 
ATOM   54  H  HE22 . GLN A 1 4  ? -8.754  3.756   1.894   1.00 19.43  ? 4    GLN A HE22 1 
ATOM   55  N  N    . PRO A 1 5  ? -2.549  3.808   3.511   1.00 6.47   ? 5    PRO A N    1 
ATOM   56  C  CA   . PRO A 1 5  ? -1.597  4.562   2.695   1.00 6.60   ? 5    PRO A CA   1 
ATOM   57  C  C    . PRO A 1 5  ? -2.307  5.596   1.820   1.00 6.38   ? 5    PRO A C    1 
ATOM   58  O  O    . PRO A 1 5  ? -3.443  5.415   1.412   1.00 8.02   ? 5    PRO A O    1 
ATOM   59  C  CB   . PRO A 1 5  ? -0.916  3.505   1.818   1.00 9.64   ? 5    PRO A CB   1 
ATOM   60  C  CG   . PRO A 1 5  ? -1.531  2.238   2.139   1.00 17.94  ? 5    PRO A CG   1 
ATOM   61  C  CD   . PRO A 1 5  ? -2.464  2.372   3.263   1.00 8.35   ? 5    PRO A CD   1 
ATOM   62  H  HA   . PRO A 1 5  ? -0.935  5.001   3.270   1.00 7.92   ? 5    PRO A HA   1 
ATOM   63  H  HB2  . PRO A 1 5  ? -1.042  3.713   0.880   1.00 11.57  ? 5    PRO A HB2  1 
ATOM   64  H  HB3  . PRO A 1 5  ? 0.035   3.474   2.004   1.00 11.57  ? 5    PRO A HB3  1 
ATOM   65  H  HG2  . PRO A 1 5  ? -2.008  1.906   1.362   1.00 21.53  ? 5    PRO A HG2  1 
ATOM   66  H  HG3  . PRO A 1 5  ? -0.842  1.594   2.368   1.00 21.53  ? 5    PRO A HG3  1 
ATOM   67  H  HD2  . PRO A 1 5  ? -3.333  2.010   3.033   1.00 10.01  ? 5    PRO A HD2  1 
ATOM   68  H  HD3  . PRO A 1 5  ? -2.128  1.907   4.045   1.00 10.01  ? 5    PRO A HD3  1 
ATOM   69  N  N    . THR A 1 6  ? -1.562  6.647   1.526   1.00 7.46   ? 6    THR A N    1 
ATOM   70  C  CA   . THR A 1 6  ? -2.035  7.697   0.628   1.00 7.96   ? 6    THR A CA   1 
ATOM   71  C  C    . THR A 1 6  ? -1.663  7.346   -0.811  1.00 6.93   ? 6    THR A C    1 
ATOM   72  O  O    . THR A 1 6  ? -0.519  7.059   -1.140  1.00 9.30   ? 6    THR A O    1 
ATOM   73  C  CB   . THR A 1 6  ? -1.373  9.031   1.029   1.00 11.20  ? 6    THR A CB   1 
ATOM   74  O  OG1  . THR A 1 6  ? -1.796  9.381   2.345   1.00 13.83  ? 6    THR A OG1  1 
ATOM   75  C  CG2  . THR A 1 6  ? -1.750  10.125  0.042   1.00 14.39  ? 6    THR A CG2  1 
ATOM   76  H  H    . THR A 1 6  ? -0.778  6.716   1.873   1.00 8.96   ? 6    THR A H    1 
ATOM   77  H  HA   . THR A 1 6  ? -3.009  7.778   0.704   1.00 9.55   ? 6    THR A HA   1 
ATOM   78  H  HB   . THR A 1 6  ? -0.399  8.919   1.025   1.00 13.44  ? 6    THR A HB   1 
ATOM   79  H  HG1  . THR A 1 6  ? -2.164  10.113  2.328   1.00 20.74  ? 6    THR A HG1  1 
ATOM   80  H  HG21 . THR A 1 6  ? -1.453  9.879   -0.837  1.00 21.59  ? 6    THR A HG21 1 
ATOM   81  H  HG22 . THR A 1 6  ? -2.703  10.237  0.038   1.00 21.59  ? 6    THR A HG22 1 
ATOM   82  H  HG23 . THR A 1 6  ? -1.333  10.948  0.303   1.00 21.59  ? 6    THR A HG23 1 
ATOM   83  N  N    . TYR A 1 7  ? -2.668  7.396   -1.685  1.00 8.07   ? 7    TYR A N    1 
ATOM   84  C  CA   . TYR A 1 7  ? -2.416  7.154   -3.124  1.00 7.96   ? 7    TYR A CA   1 
ATOM   85  C  C    . TYR A 1 7  ? -1.553  8.259   -3.686  1.00 7.56   ? 7    TYR A C    1 
ATOM   86  O  O    . TYR A 1 7  ? -1.878  9.433   -3.518  1.00 10.08  ? 7    TYR A O    1 
ATOM   87  C  CB   . TYR A 1 7  ? -3.753  7.042   -3.840  1.00 10.85  ? 7    TYR A CB   1 
ATOM   88  C  CG   . TYR A 1 7  ? -3.679  6.820   -5.331  1.00 9.38   ? 7    TYR A CG   1 
ATOM   89  C  CD1  . TYR A 1 7  ? -3.135  5.641   -5.813  1.00 10.35  ? 7    TYR A CD1  1 
ATOM   90  C  CD2  . TYR A 1 7  ? -4.183  7.721   -6.253  1.00 9.70   ? 7    TYR A CD2  1 
ATOM   91  C  CE1  . TYR A 1 7  ? -3.041  5.381   -7.157  1.00 11.07  ? 7    TYR A CE1  1 
ATOM   92  C  CE2  . TYR A 1 7  ? -4.100  7.447   -7.607  1.00 9.99   ? 7    TYR A CE2  1 
ATOM   93  C  CZ   . TYR A 1 7  ? -3.533  6.271   -8.061  1.00 10.26  ? 7    TYR A CZ   1 
ATOM   94  O  OH   . TYR A 1 7  ? -3.457  5.979   -9.385  1.00 12.92  ? 7    TYR A OH   1 
ATOM   95  H  H    . TYR A 1 7  ? -3.465  7.570   -1.412  1.00 9.68   ? 7    TYR A H    1 
ATOM   96  H  HA   . TYR A 1 7  ? -1.938  6.304   -3.219  1.00 9.55   ? 7    TYR A HA   1 
ATOM   97  H  HB2  . TYR A 1 7  ? -4.251  6.309   -3.447  1.00 13.02  ? 7    TYR A HB2  1 
ATOM   98  H  HB3  . TYR A 1 7  ? -4.256  7.856   -3.678  1.00 13.02  ? 7    TYR A HB3  1 
ATOM   99  H  HD1  . TYR A 1 7  ? -2.824  5.006   -5.208  1.00 12.42  ? 7    TYR A HD1  1 
ATOM   100 H  HD2  . TYR A 1 7  ? -4.580  8.510   -5.963  1.00 11.64  ? 7    TYR A HD2  1 
ATOM   101 H  HE1  . TYR A 1 7  ? -2.642  4.595   -7.451  1.00 13.28  ? 7    TYR A HE1  1 
ATOM   102 H  HE2  . TYR A 1 7  ? -4.429  8.063   -8.221  1.00 11.98  ? 7    TYR A HE2  1 
ATOM   103 H  HH   . TYR A 1 7  ? -3.782  6.593   -9.820  1.00 19.38  ? 7    TYR A HH   1 
ATOM   104 N  N    . PRO A 1 8  ? -0.465  7.938   -4.385  1.00 7.99   ? 8    PRO A N    1 
ATOM   105 C  CA   . PRO A 1 8  ? 0.486   8.969   -4.847  1.00 7.69   ? 8    PRO A CA   1 
ATOM   106 C  C    . PRO A 1 8  ? 0.057   9.687   -6.108  1.00 7.87   ? 8    PRO A C    1 
ATOM   107 O  O    . PRO A 1 8  ? 0.804   10.574  -6.539  1.00 9.93   ? 8    PRO A O    1 
ATOM   108 C  CB   . PRO A 1 8  ? 1.775   8.205   -5.042  1.00 10.27  ? 8    PRO A CB   1 
ATOM   109 C  CG   . PRO A 1 8  ? 1.340   6.821   -5.385  1.00 11.89  ? 8    PRO A CG   1 
ATOM   110 C  CD   . PRO A 1 8  ? 0.120   6.589   -4.568  1.00 8.93   ? 8    PRO A CD   1 
ATOM   111 H  HA   . PRO A 1 8  ? 0.612   9.628   -4.133  1.00 9.22   ? 8    PRO A HA   1 
ATOM   112 H  HB2  . PRO A 1 8  ? 2.299   8.590   -5.762  1.00 12.32  ? 8    PRO A HB2  1 
ATOM   113 H  HB3  . PRO A 1 8  ? 2.306   8.208   -4.230  1.00 12.32  ? 8    PRO A HB3  1 
ATOM   114 H  HG2  . PRO A 1 8  ? 1.139   6.748   -6.331  1.00 14.27  ? 8    PRO A HG2  1 
ATOM   115 H  HG3  . PRO A 1 8  ? 2.031   6.179   -5.161  1.00 14.27  ? 8    PRO A HG3  1 
ATOM   116 H  HD2  . PRO A 1 8  ? -0.500  6.004   -5.031  1.00 10.72  ? 8    PRO A HD2  1 
ATOM   117 H  HD3  . PRO A 1 8  ? 0.348   6.192   -3.713  1.00 10.72  ? 8    PRO A HD3  1 
ATOM   118 N  N    . GLY A 1 9  ? -1.071  9.311   -6.670  1.00 8.78   ? 9    GLY A N    1 
ATOM   119 C  CA   . GLY A 1 9  ? -1.560  10.007  -7.861  1.00 9.46   ? 9    GLY A CA   1 
ATOM   120 C  C    . GLY A 1 9  ? -1.359  9.193   -9.113  1.00 9.08   ? 9    GLY A C    1 
ATOM   121 O  O    . GLY A 1 9  ? -0.396  8.405   -9.226  1.00 10.88  ? 9    GLY A O    1 
ATOM   122 H  H    . GLY A 1 9  ? -1.521  8.657   -6.338  1.00 10.54  ? 9    GLY A H    1 
ATOM   123 H  HA2  . GLY A 1 9  ? -2.504  10.199  -7.753  1.00 11.35  ? 9    GLY A HA2  1 
ATOM   124 H  HA3  . GLY A 1 9  ? -1.091  10.852  -7.952  1.00 11.35  ? 9    GLY A HA3  1 
ATOM   125 N  N    . ASP A 1 10 ? -2.265  9.377   -10.110 1.00 9.91   ? 10   ASP A N    1 
ATOM   126 C  CA   . ASP A 1 10 ? -2.139  8.635   -11.354 1.00 11.25  ? 10   ASP A CA   1 
ATOM   127 C  C    . ASP A 1 10 ? -0.817  8.859   -12.088 1.00 11.08  ? 10   ASP A C    1 
ATOM   128 O  O    . ASP A 1 10 ? -0.383  7.976   -12.791 1.00 13.45  ? 10   ASP A O    1 
ATOM   129 C  CB   . ASP A 1 10 ? -3.287  9.012   -12.283 1.00 14.03  ? 10   ASP A CB   1 
ATOM   130 C  CG   . ASP A 1 10 ? -4.652  8.576   -11.853 1.00 13.78  ? 10   ASP A CG   1 
ATOM   131 O  OD1  . ASP A 1 10 ? -4.740  7.627   -11.051 1.00 13.25  ? 10   ASP A OD1  1 
ATOM   132 O  OD2  . ASP A 1 10 ? -5.667  9.151   -12.348 1.00 17.62  ? 10   ASP A OD2  1 
ATOM   133 H  H    . ASP A 1 10 ? -2.914  9.933   -10.005 1.00 11.89  ? 10   ASP A H    1 
ATOM   134 H  HA   . ASP A 1 10 ? -2.215  7.680   -11.148 1.00 13.50  ? 10   ASP A HA   1 
ATOM   135 H  HB2  . ASP A 1 10 ? -3.293  9.977   -12.381 1.00 16.84  ? 10   ASP A HB2  1 
ATOM   136 H  HB3  . ASP A 1 10 ? -3.108  8.633   -13.157 1.00 16.84  ? 10   ASP A HB3  1 
ATOM   137 N  N    . ASP A 1 11 ? -0.272  10.072  -11.949 1.00 8.63   ? 11   ASP A N    1 
ATOM   138 C  CA   . ASP A 1 11 ? 0.922   10.453  -12.691 1.00 8.64   ? 11   ASP A CA   1 
ATOM   139 C  C    . ASP A 1 11 ? 2.198   10.187  -11.944 1.00 8.85   ? 11   ASP A C    1 
ATOM   140 O  O    . ASP A 1 11 ? 3.271   10.642  -12.364 1.00 11.39  ? 11   ASP A O    1 
ATOM   141 C  CB   . ASP A 1 11 ? 0.847   11.908  -13.192 1.00 10.54  ? 11   ASP A CB   1 
ATOM   142 C  CG   . ASP A 1 11 ? -0.392  12.135  -14.038 1.00 10.45  ? 11   ASP A CG   1 
ATOM   143 O  OD1  . ASP A 1 11 ? -0.656  11.347  -14.949 1.00 16.44  ? 11   ASP A OD1  1 
ATOM   144 O  OD2  . ASP A 1 11 ? -1.101  13.128  -13.777 1.00 13.49  ? 11   ASP A OD2  1 
ATOM   145 H  H    . ASP A 1 11 ? -0.633  10.637  -11.412 1.00 10.36  ? 11   ASP A H    1 
ATOM   146 H  HA   . ASP A 1 11 ? 0.946   9.886   -13.489 1.00 10.37  ? 11   ASP A HA   1 
ATOM   147 H  HB2  . ASP A 1 11 ? 0.832   12.510  -12.431 1.00 12.65  ? 11   ASP A HB2  1 
ATOM   148 H  HB3  . ASP A 1 11 ? 1.637   12.109  -13.718 1.00 12.65  ? 11   ASP A HB3  1 
ATOM   149 N  N    . ALA A 1 12 ? 2.142   9.467   -10.830 1.00 9.42   ? 12   ALA A N    1 
ATOM   150 C  CA   . ALA A 1 12 ? 3.354   9.164   -10.098 1.00 10.21  ? 12   ALA A CA   1 
ATOM   151 C  C    . ALA A 1 12 ? 4.288   8.282   -10.916 1.00 10.40  ? 12   ALA A C    1 
ATOM   152 O  O    . ALA A 1 12 ? 3.843   7.432   -11.702 1.00 12.33  ? 12   ALA A O    1 
ATOM   153 C  CB   . ALA A 1 12 ? 2.942   8.504   -8.780  1.00 12.57  ? 12   ALA A CB   1 
ATOM   154 H  H    . ALA A 1 12 ? 1.384   9.179   -10.544 1.00 11.31  ? 12   ALA A H    1 
ATOM   155 H  HA   . ALA A 1 12 ? 3.816   10.004  -9.895  1.00 12.25  ? 12   ALA A HA   1 
ATOM   156 H  HB1  . ALA A 1 12 ? 2.488   7.679   -8.965  1.00 18.86  ? 12   ALA A HB1  1 
ATOM   157 H  HB2  . ALA A 1 12 ? 3.725   8.329   -8.252  1.00 18.86  ? 12   ALA A HB2  1 
ATOM   158 H  HB3  . ALA A 1 12 ? 2.356   9.092   -8.299  1.00 18.86  ? 12   ALA A HB3  1 
ATOM   159 N  N    . PRO A 1 13 ? 5.584   8.410   -10.695 1.00 12.16  ? 13   PRO A N    1 
ATOM   160 C  CA   . PRO A 1 13 ? 6.501   7.481   -11.380 1.00 13.42  ? 13   PRO A CA   1 
ATOM   161 C  C    . PRO A 1 13 ? 6.228   6.058   -10.954 1.00 10.79  ? 13   PRO A C    1 
ATOM   162 O  O    . PRO A 1 13 ? 5.731   5.781   -9.847  1.00 10.63  ? 13   PRO A O    1 
ATOM   163 C  CB   . PRO A 1 13 ? 7.874   7.950   -10.921 1.00 17.01  ? 13   PRO A CB   1 
ATOM   164 C  CG   . PRO A 1 13 ? 7.657   8.808   -9.743  1.00 28.21  ? 13   PRO A CG   1 
ATOM   165 C  CD   . PRO A 1 13 ? 6.258   9.330   -9.804  1.00 14.54  ? 13   PRO A CD   1 
ATOM   166 H  HA   . PRO A 1 13 ? 6.416   7.570   -12.353 1.00 16.10  ? 13   PRO A HA   1 
ATOM   167 H  HB2  . PRO A 1 13 ? 8.429   7.190   -10.688 1.00 20.41  ? 13   PRO A HB2  1 
ATOM   168 H  HB3  . PRO A 1 13 ? 8.313   8.449   -11.627 1.00 20.41  ? 13   PRO A HB3  1 
ATOM   169 H  HG2  . PRO A 1 13 ? 7.787   8.297   -8.930  1.00 33.85  ? 13   PRO A HG2  1 
ATOM   170 H  HG3  . PRO A 1 13 ? 8.288   9.545   -9.747  1.00 33.85  ? 13   PRO A HG3  1 
ATOM   171 H  HD2  . PRO A 1 13 ? 5.847   9.327   -8.925  1.00 17.45  ? 13   PRO A HD2  1 
ATOM   172 H  HD3  . PRO A 1 13 ? 6.239   10.233  -10.157 1.00 17.45  ? 13   PRO A HD3  1 
ATOM   173 N  N    . VAL A 1 14 ? 6.565   5.109   -11.798 1.00 12.04  ? 14   VAL A N    1 
ATOM   174 C  CA   . VAL A 1 14 ? 6.414   3.695   -11.524 1.00 11.69  ? 14   VAL A CA   1 
ATOM   175 C  C    . VAL A 1 14 ? 7.012   3.314   -10.172 1.00 11.00  ? 14   VAL A C    1 
ATOM   176 O  O    . VAL A 1 14 ? 6.382   2.543   -9.466  1.00 10.61  ? 14   VAL A O    1 
ATOM   177 C  CB   . VAL A 1 14 ? 6.971   2.853   -12.697 1.00 14.74  ? 14   VAL A CB   1 
ATOM   178 C  CG1  . VAL A 1 14 ? 7.012   1.381   -12.321 1.00 23.75  ? 14   VAL A CG1  1 
ATOM   179 C  CG2  . VAL A 1 14 ? 6.174   3.148   -13.970 1.00 23.36  ? 14   VAL A CG2  1 
ATOM   180 H  H    . VAL A 1 14 ? 6.895   5.342   -12.557 1.00 14.44  ? 14   VAL A H    1 
ATOM   181 H  HA   . VAL A 1 14 ? 5.453   3.514   -11.473 1.00 14.03  ? 14   VAL A HA   1 
ATOM   182 H  HB   . VAL A 1 14 ? 7.895   3.143   -12.853 1.00 17.69  ? 14   VAL A HB   1 
ATOM   183 H  HG11 . VAL A 1 14 ? 7.529   1.270   -11.520 1.00 35.63  ? 14   VAL A HG11 1 
ATOM   184 H  HG12 . VAL A 1 14 ? 6.118   1.065   -12.173 1.00 35.63  ? 14   VAL A HG12 1 
ATOM   185 H  HG13 . VAL A 1 14 ? 7.415   0.880   -13.034 1.00 35.63  ? 14   VAL A HG13 1 
ATOM   186 H  HG21 . VAL A 1 14 ? 6.189   4.092   -14.146 1.00 35.03  ? 14   VAL A HG21 1 
ATOM   187 H  HG22 . VAL A 1 14 ? 6.569   2.678   -14.710 1.00 35.03  ? 14   VAL A HG22 1 
ATOM   188 H  HG23 . VAL A 1 14 ? 5.267   2.857   -13.853 1.00 35.03  ? 14   VAL A HG23 1 
ATOM   189 N  N    . GLU A 1 15 ? 8.190   3.837   -9.802  1.00 12.00  ? 15   GLU A N    1 
ATOM   190 C  CA   . GLU A 1 15 ? 8.803   3.507   -8.519  1.00 12.37  ? 15   GLU A CA   1 
ATOM   191 C  C    . GLU A 1 15 ? 7.886   3.832   -7.356  1.00 10.66  ? 15   GLU A C    1 
ATOM   192 O  O    . GLU A 1 15 ? 7.853   3.129   -6.377  1.00 11.84  ? 15   GLU A O    1 
ATOM   193 C  CB   . GLU A 1 15 ? 10.125  4.294   -8.378  1.00 25.27  ? 15   GLU A CB   1 
ATOM   194 C  CG   . GLU A 1 15 ? 11.170  3.829   -9.354  1.00 48.90  ? 15   GLU A CG   1 
ATOM   195 C  CD   . GLU A 1 15 ? 11.136  4.317   -10.785 1.00 108.38 ? 15   GLU A CD   1 
ATOM   196 O  OE1  . GLU A 1 15 ? 10.324  5.160   -11.230 1.00 38.67  ? 15   GLU A OE1  1 
ATOM   197 O  OE2  . GLU A 1 15 ? 12.005  3.784   -11.516 1.00 82.81  ? 15   GLU A OE2  1 
ATOM   198 H  H    . GLU A 1 15 ? 8.593   4.380   -10.333 1.00 14.40  ? 15   GLU A H    1 
ATOM   199 H  HA   . GLU A 1 15 ? 9.005   2.548   -8.505  1.00 14.85  ? 15   GLU A HA   1 
ATOM   200 H  HB2  . GLU A 1 15 ? 9.952   5.238   -8.523  1.00 30.33  ? 15   GLU A HB2  1 
ATOM   201 H  HB3  . GLU A 1 15 ? 10.463  4.189   -7.475  1.00 30.33  ? 15   GLU A HB3  1 
ATOM   202 H  HG2  . GLU A 1 15 ? 12.036  4.068   -8.987  1.00 58.67  ? 15   GLU A HG2  1 
ATOM   203 H  HG3  . GLU A 1 15 ? 11.132  2.859   -9.379  1.00 58.67  ? 15   GLU A HG3  1 
ATOM   204 N  N    . ASP A 1 16 ? 7.168   4.964   -7.446  1.00 9.86   ? 16   ASP A N    1 
ATOM   205 C  CA   . ASP A 1 16 ? 6.251   5.363   -6.381  1.00 9.27   ? 16   ASP A CA   1 
ATOM   206 C  C    . ASP A 1 16 ? 4.978   4.523   -6.411  1.00 8.05   ? 16   ASP A C    1 
ATOM   207 O  O    . ASP A 1 16 ? 4.392   4.317   -5.335  1.00 9.53   ? 16   ASP A O    1 
ATOM   208 C  CB   . ASP A 1 16 ? 5.905   6.841   -6.490  1.00 11.84  ? 16   ASP A CB   1 
ATOM   209 C  CG   . ASP A 1 16 ? 7.020   7.764   -6.089  1.00 18.14  ? 16   ASP A CG   1 
ATOM   210 O  OD1  . ASP A 1 16 ? 7.948   7.333   -5.379  1.00 28.54  ? 16   ASP A OD1  1 
ATOM   211 O  OD2  . ASP A 1 16 ? 6.975   8.958   -6.446  1.00 27.93  ? 16   ASP A OD2  1 
ATOM   212 H  H    . ASP A 1 16 ? 7.249   5.462   -8.143  1.00 11.83  ? 16   ASP A H    1 
ATOM   213 H  HA   . ASP A 1 16 ? 6.696   5.215   -5.521  1.00 11.13  ? 16   ASP A HA   1 
ATOM   214 H  HB2  . ASP A 1 16 ? 5.655   7.035   -7.407  1.00 14.21  ? 16   ASP A HB2  1 
ATOM   215 H  HB3  . ASP A 1 16 ? 5.134   7.022   -5.930  1.00 14.21  ? 16   ASP A HB3  1 
ATOM   216 N  N    . LEU A 1 17 ? 4.510   4.097   -7.567  1.00 8.17   ? 17   LEU A N    1 
ATOM   217 C  CA   . LEU A 1 17 ? 3.398   3.155   -7.605  1.00 8.14   ? 17   LEU A CA   1 
ATOM   218 C  C    . LEU A 1 17 ? 3.776   1.828   -7.006  1.00 7.51   ? 17   LEU A C    1 
ATOM   219 O  O    . LEU A 1 17 ? 2.948   1.229   -6.330  1.00 8.63   ? 17   LEU A O    1 
ATOM   220 C  CB   . LEU A 1 17 ? 2.904   2.987   -9.051  1.00 8.95   ? 17   LEU A CB   1 
ATOM   221 C  CG   . LEU A 1 17 ? 2.189   4.171   -9.639  1.00 13.28  ? 17   LEU A CG   1 
ATOM   222 C  CD1  . LEU A 1 17 ? 1.884   3.909   -11.115 1.00 22.27  ? 17   LEU A CD1  1 
ATOM   223 C  CD2  . LEU A 1 17 ? 0.879   4.474   -8.909  1.00 16.05  ? 17   LEU A CD2  1 
ATOM   224 H  H    . LEU A 1 17 ? 4.862   4.374   -8.301  1.00 9.81   ? 17   LEU A H    1 
ATOM   225 H  HA   . LEU A 1 17 ? 2.664   3.529   -7.074  1.00 9.77   ? 17   LEU A HA   1 
ATOM   226 H  HB2  . LEU A 1 17 ? 3.669   2.782   -9.612  1.00 10.74  ? 17   LEU A HB2  1 
ATOM   227 H  HB3  . LEU A 1 17 ? 2.308   2.223   -9.083  1.00 10.74  ? 17   LEU A HB3  1 
ATOM   228 H  HG   . LEU A 1 17 ? 2.775   4.954   -9.574  1.00 15.93  ? 17   LEU A HG   1 
ATOM   229 H  HD11 . LEU A 1 17 ? 1.331   3.127   -11.194 1.00 33.41  ? 17   LEU A HD11 1 
ATOM   230 H  HD12 . LEU A 1 17 ? 1.425   4.665   -11.487 1.00 33.41  ? 17   LEU A HD12 1 
ATOM   231 H  HD13 . LEU A 1 17 ? 2.706   3.768   -11.592 1.00 33.41  ? 17   LEU A HD13 1 
ATOM   232 H  HD21 . LEU A 1 17 ? 0.296   3.713   -8.967  1.00 24.07  ? 17   LEU A HD21 1 
ATOM   233 H  HD22 . LEU A 1 17 ? 1.064   4.667   -7.987  1.00 24.07  ? 17   LEU A HD22 1 
ATOM   234 H  HD23 . LEU A 1 17 ? 0.454   5.233   -9.315  1.00 24.07  ? 17   LEU A HD23 1 
ATOM   235 N  N    . ILE A 1 18 ? 4.986   1.336   -7.197  1.00 7.65   ? 18   ILE A N    1 
ATOM   236 C  CA   . ILE A 1 18 ? 5.498   0.115   -6.564  1.00 8.17   ? 18   ILE A CA   1 
ATOM   237 C  C    . ILE A 1 18 ? 5.538   0.301   -5.058  1.00 7.23   ? 18   ILE A C    1 
ATOM   238 O  O    . ILE A 1 18 ? 5.102   -0.552  -4.295  1.00 8.63   ? 18   ILE A O    1 
ATOM   239 C  CB   . ILE A 1 18 ? 6.853   -0.293  -7.138  1.00 9.41   ? 18   ILE A CB   1 
ATOM   240 C  CG1  . ILE A 1 18 ? 6.746   -0.732  -8.595  1.00 10.00  ? 18   ILE A CG1  1 
ATOM   241 C  CG2  . ILE A 1 18 ? 7.507   -1.362  -6.279  1.00 12.58  ? 18   ILE A CG2  1 
ATOM   242 C  CD1  . ILE A 1 18 ? 8.027   -1.025  -9.342  1.00 15.31  ? 18   ILE A CD1  1 
ATOM   243 H  H    . ILE A 1 18 ? 5.511   1.759   -7.729  1.00 9.18   ? 18   ILE A H    1 
ATOM   244 H  HA   . ILE A 1 18 ? 4.864   -0.606  -6.757  1.00 9.81   ? 18   ILE A HA   1 
ATOM   245 H  HB   . ILE A 1 18 ? 7.432   0.497   -7.112  1.00 11.29  ? 18   ILE A HB   1 
ATOM   246 H  HG12 . ILE A 1 18 ? 6.196   -1.530  -8.625  1.00 12.00  ? 18   ILE A HG12 1 
ATOM   247 H  HG13 . ILE A 1 18 ? 6.272   -0.038  -9.079  1.00 12.00  ? 18   ILE A HG13 1 
ATOM   248 H  HG21 . ILE A 1 18 ? 7.557   -1.056  -5.370  1.00 18.87  ? 18   ILE A HG21 1 
ATOM   249 H  HG22 . ILE A 1 18 ? 6.987   -2.167  -6.318  1.00 18.87  ? 18   ILE A HG22 1 
ATOM   250 H  HG23 . ILE A 1 18 ? 8.393   -1.538  -6.606  1.00 18.87  ? 18   ILE A HG23 1 
ATOM   251 H  HD11 . ILE A 1 18 ? 8.578   -0.239  -9.355  1.00 22.96  ? 18   ILE A HD11 1 
ATOM   252 H  HD12 . ILE A 1 18 ? 8.498   -1.738  -8.904  1.00 22.96  ? 18   ILE A HD12 1 
ATOM   253 H  HD13 . ILE A 1 18 ? 7.820   -1.285  -10.243 1.00 22.96  ? 18   ILE A HD13 1 
ATOM   254 N  N    . ARG A 1 19 ? 6.012   1.458   -4.579  1.00 7.78   ? 19   ARG A N    1 
ATOM   255 C  CA   . ARG A 1 19 ? 6.048   1.718   -3.151  1.00 8.34   ? 19   ARG A CA   1 
ATOM   256 C  C    . ARG A 1 19 ? 4.632   1.690   -2.553  1.00 7.47   ? 19   ARG A C    1 
ATOM   257 O  O    . ARG A 1 19 ? 4.394   1.133   -1.466  1.00 8.32   ? 19   ARG A O    1 
ATOM   258 C  CB   . ARG A 1 19 ? 6.726   3.034   -2.810  1.00 11.12  ? 19   ARG A CB   1 
ATOM   259 C  CG   . ARG A 1 19 ? 8.234   3.009   -2.977  1.00 17.36  ? 19   ARG A CG   1 
ATOM   260 C  CD   . ARG A 1 19 ? 8.803   4.364   -2.562  1.00 28.91  ? 19   ARG A CD   1 
ATOM   261 N  NE   . ARG A 1 19 ? 9.255   5.227   -3.596  1.00 49.65  ? 19   ARG A NE   1 
ATOM   262 C  CZ   . ARG A 1 19 ? 10.469  5.660   -3.881  1.00 90.74  ? 19   ARG A CZ   1 
ATOM   263 N  NH1  . ARG A 1 19 ? 11.543  5.321   -3.187  1.00 89.66  ? 19   ARG A NH1  1 
ATOM   264 N  NH2  . ARG A 1 19 ? 10.587  6.474   -4.922  1.00 87.90  ? 19   ARG A NH2  1 
ATOM   265 H  H    . ARG A 1 19 ? 6.300   2.056   -5.127  1.00 9.34   ? 19   ARG A H    1 
ATOM   266 H  HA   . ARG A 1 19 ? 6.564   1.000   -2.730  1.00 10.00  ? 19   ARG A HA   1 
ATOM   267 H  HB2  . ARG A 1 19 ? 6.360   3.730   -3.376  1.00 13.34  ? 19   ARG A HB2  1 
ATOM   268 H  HB3  . ARG A 1 19 ? 6.518   3.263   -1.890  1.00 13.34  ? 19   ARG A HB3  1 
ATOM   269 H  HG2  . ARG A 1 19 ? 8.616   2.308   -2.428  1.00 20.83  ? 19   ARG A HG2  1 
ATOM   270 H  HG3  . ARG A 1 19 ? 8.459   2.828   -3.903  1.00 20.83  ? 19   ARG A HG3  1 
ATOM   271 H  HD2  . ARG A 1 19 ? 8.119   4.833   -2.057  1.00 34.69  ? 19   ARG A HD2  1 
ATOM   272 H  HD3  . ARG A 1 19 ? 9.546   4.204   -1.959  1.00 34.69  ? 19   ARG A HD3  1 
ATOM   273 H  HE   . ARG A 1 19 ? 8.636   5.514   -4.122  1.00 59.58  ? 19   ARG A HE   1 
ATOM   274 H  HH11 . ARG A 1 19 ? 11.469  4.792   -2.512  1.00 107.60 ? 19   ARG A HH11 1 
ATOM   275 H  HH12 . ARG A 1 19 ? 12.314  5.628   -3.411  1.00 107.60 ? 19   ARG A HH12 1 
ATOM   276 H  HH21 . ARG A 1 19 ? 9.891   6.695   -5.376  1.00 105.48 ? 19   ARG A HH21 1 
ATOM   277 H  HH22 . ARG A 1 19 ? 11.360  6.780   -5.143  1.00 105.48 ? 19   ARG A HH22 1 
ATOM   278 N  N    . PHE A 1 20 ? 3.679   2.287   -3.235  1.00 7.71   ? 20   PHE A N    1 
ATOM   279 C  CA   . PHE A 1 20 ? 2.305   2.324   -2.806  1.00 7.17   ? 20   PHE A CA   1 
ATOM   280 C  C    . PHE A 1 20 ? 1.721   0.906   -2.802  1.00 6.64   ? 20   PHE A C    1 
ATOM   281 O  O    . PHE A 1 20 ? 1.070   0.523   -1.838  1.00 7.52   ? 20   PHE A O    1 
ATOM   282 C  CB   . PHE A 1 20 ? 1.481   3.255   -3.660  1.00 7.87   ? 20   PHE A CB   1 
ATOM   283 C  CG   . PHE A 1 20 ? 0.000   3.166   -3.375  1.00 7.09   ? 20   PHE A CG   1 
ATOM   284 C  CD1  . PHE A 1 20 ? -0.508  3.765   -2.261  1.00 7.60   ? 20   PHE A CD1  1 
ATOM   285 C  CD2  . PHE A 1 20 ? -0.852  2.504   -4.206  1.00 10.19  ? 20   PHE A CD2  1 
ATOM   286 C  CE1  . PHE A 1 20 ? -1.854  3.702   -1.985  1.00 9.30   ? 20   PHE A CE1  1 
ATOM   287 C  CE2  . PHE A 1 20 ? -2.183  2.451   -3.928  1.00 13.88  ? 20   PHE A CE2  1 
ATOM   288 C  CZ   . PHE A 1 20 ? -2.710  3.017   -2.790  1.00 12.42  ? 20   PHE A CZ   1 
ATOM   289 H  H    . PHE A 1 20 ? 3.886   2.674   -3.974  1.00 9.26   ? 20   PHE A H    1 
ATOM   290 H  HA   . PHE A 1 20 ? 2.285   2.662   -1.886  1.00 8.60   ? 20   PHE A HA   1 
ATOM   291 H  HB2  . PHE A 1 20 ? 1.777   4.166   -3.510  1.00 9.45   ? 20   PHE A HB2  1 
ATOM   292 H  HB3  . PHE A 1 20 ? 1.636   3.045   -4.595  1.00 9.45   ? 20   PHE A HB3  1 
ATOM   293 H  HD1  . PHE A 1 20 ? 0.059   4.220   -1.681  1.00 9.12   ? 20   PHE A HD1  1 
ATOM   294 H  HD2  . PHE A 1 20 ? -0.522  2.084   -4.967  1.00 12.23  ? 20   PHE A HD2  1 
ATOM   295 H  HE1  . PHE A 1 20 ? -2.186  4.138   -1.234  1.00 11.16  ? 20   PHE A HE1  1 
ATOM   296 H  HE2  . PHE A 1 20 ? -2.751  2.021   -4.523  1.00 16.66  ? 20   PHE A HE2  1 
ATOM   297 H  HZ   . PHE A 1 20 ? -3.612  2.936   -2.581  1.00 14.90  ? 20   PHE A HZ   1 
ATOM   298 N  N    . TYR A 1 21 ? 1.957   0.142   -3.844  1.00 6.68   ? 21   TYR A N    1 
ATOM   299 C  CA   . TYR A 1 21 ? 1.539   -1.242  -3.933  1.00 6.86   ? 21   TYR A CA   1 
ATOM   300 C  C    . TYR A 1 21 ? 2.023   -2.022  -2.720  1.00 6.02   ? 21   TYR A C    1 
ATOM   301 O  O    . TYR A 1 21 ? 1.249   -2.749  -2.100  1.00 6.90   ? 21   TYR A O    1 
ATOM   302 C  CB   . TYR A 1 21 ? 2.105   -1.797  -5.255  1.00 9.20   ? 21   TYR A CB   1 
ATOM   303 C  CG   . TYR A 1 21 ? 1.941   -3.280  -5.383  1.00 10.29  ? 21   TYR A CG   1 
ATOM   304 C  CD1  . TYR A 1 21 ? 0.735   -3.852  -5.765  1.00 14.30  ? 21   TYR A CD1  1 
ATOM   305 C  CD2  . TYR A 1 21 ? 3.010   -4.092  -5.080  1.00 16.97  ? 21   TYR A CD2  1 
ATOM   306 C  CE1  . TYR A 1 21 ? 0.589   -5.217  -5.877  1.00 24.03  ? 21   TYR A CE1  1 
ATOM   307 C  CE2  . TYR A 1 21 ? 2.855   -5.447  -5.177  1.00 27.79  ? 21   TYR A CE2  1 
ATOM   308 C  CZ   . TYR A 1 21 ? 1.666   -6.033  -5.570  1.00 30.08  ? 21   TYR A CZ   1 
ATOM   309 O  OH   . TYR A 1 21 ? 1.566   -7.394  -5.652  1.00 43.08  ? 21   TYR A OH   1 
ATOM   310 H  H    . TYR A 1 21 ? 2.384   0.482   -4.509  1.00 8.02   ? 21   TYR A H    1 
ATOM   311 H  HA   . TYR A 1 21 ? 0.560   -1.277  -3.965  1.00 8.24   ? 21   TYR A HA   1 
ATOM   312 H  HB2  . TYR A 1 21 ? 1.655   -1.364  -5.997  1.00 11.04  ? 21   TYR A HB2  1 
ATOM   313 H  HB3  . TYR A 1 21 ? 3.048   -1.578  -5.312  1.00 11.04  ? 21   TYR A HB3  1 
ATOM   314 H  HD1  . TYR A 1 21 ? 0.008   -3.301  -5.948  1.00 17.16  ? 21   TYR A HD1  1 
ATOM   315 H  HD2  . TYR A 1 21 ? 3.824   -3.726  -4.815  1.00 20.37  ? 21   TYR A HD2  1 
ATOM   316 H  HE1  . TYR A 1 21 ? -0.219  -5.585  -6.155  1.00 28.84  ? 21   TYR A HE1  1 
ATOM   317 H  HE2  . TYR A 1 21 ? 3.576   -5.996  -4.969  1.00 33.35  ? 21   TYR A HE2  1 
ATOM   318 H  HH   . TYR A 1 21 ? 2.280   -7.734  -5.438  1.00 64.63  ? 21   TYR A HH   1 
ATOM   319 N  N    . ASN A 1 22 ? 3.308   -1.891  -2.361  1.00 5.90   ? 22   ASN A N    1 
ATOM   320 C  CA   . ASN A 1 22 ? 3.816   -2.625  -1.195  1.00 6.39   ? 22   ASN A CA   1 
ATOM   321 C  C    . ASN A 1 22 ? 3.146   -2.189  0.080   1.00 5.34   ? 22   ASN A C    1 
ATOM   322 O  O    . ASN A 1 22 ? 2.880   -3.001  0.950   1.00 6.82   ? 22   ASN A O    1 
ATOM   323 C  CB   . ASN A 1 22 ? 5.334   -2.452  -1.085  1.00 7.08   ? 22   ASN A CB   1 
ATOM   324 C  CG   . ASN A 1 22 ? 6.076   -3.152  -2.195  1.00 7.87   ? 22   ASN A CG   1 
ATOM   325 O  OD1  . ASN A 1 22 ? 5.600   -4.169  -2.697  1.00 12.12  ? 22   ASN A OD1  1 
ATOM   326 N  ND2  . ASN A 1 22 ? 7.260   -2.688  -2.523  1.00 9.86   ? 22   ASN A ND2  1 
ATOM   327 H  H    . ASN A 1 22 ? 3.832   -1.379  -2.810  1.00 7.07   ? 22   ASN A H    1 
ATOM   328 H  HA   . ASN A 1 22 ? 3.626   -3.577  -1.330  1.00 7.66   ? 22   ASN A HA   1 
ATOM   329 H  HB2  . ASN A 1 22 ? 5.548   -1.506  -1.109  1.00 8.50   ? 22   ASN A HB2  1 
ATOM   330 H  HB3  . ASN A 1 22 ? 5.632   -2.804  -0.233  1.00 8.50   ? 22   ASN A HB3  1 
ATOM   331 H  HD21 . ASN A 1 22 ? 7.560   -1.974  -2.151  1.00 11.84  ? 22   ASN A HD21 1 
ATOM   332 H  HD22 . ASN A 1 22 ? 7.734   -3.098  -3.113  1.00 11.84  ? 22   ASN A HD22 1 
ATOM   333 N  N    . ASP A 1 23 ? 2.920   -0.891  0.247   1.00 5.56   ? 23   ASP A N    1 
ATOM   334 C  CA   . ASP A 1 23 ? 2.261   -0.397  1.464   1.00 5.82   ? 23   ASP A CA   1 
ATOM   335 C  C    . ASP A 1 23 ? 0.815   -0.815  1.520   1.00 5.68   ? 23   ASP A C    1 
ATOM   336 O  O    . ASP A 1 23 ? 0.300   -1.116  2.615   1.00 6.96   ? 23   ASP A O    1 
ATOM   337 C  CB   . ASP A 1 23 ? 2.394   1.126   1.566   1.00 6.50   ? 23   ASP A CB   1 
ATOM   338 C  CG   . ASP A 1 23 ? 3.774   1.647   1.963   1.00 6.59   ? 23   ASP A CG   1 
ATOM   339 O  OD1  . ASP A 1 23 ? 4.623   0.867   2.382   1.00 8.51   ? 23   ASP A OD1  1 
ATOM   340 O  OD2  . ASP A 1 23 ? 3.919   2.901   1.857   1.00 8.69   ? 23   ASP A OD2  1 
ATOM   341 H  H    . ASP A 1 23 ? 3.162   -0.335  -0.363  1.00 6.67   ? 23   ASP A H    1 
ATOM   342 H  HA   . ASP A 1 23 ? 2.717   -0.791  2.235   1.00 6.98   ? 23   ASP A HA   1 
ATOM   343 H  HB2  . ASP A 1 23 ? 2.159   1.512   0.707   1.00 7.81   ? 23   ASP A HB2  1 
ATOM   344 H  HB3  . ASP A 1 23 ? 1.749   1.447   2.215   1.00 7.81   ? 23   ASP A HB3  1 
ATOM   345 N  N    . LEU A 1 24 ? 0.138   -0.850  0.385   1.00 5.69   ? 24   LEU A N    1 
ATOM   346 C  CA   . LEU A 1 24 ? -1.244  -1.298  0.321   1.00 6.05   ? 24   LEU A CA   1 
ATOM   347 C  C    . LEU A 1 24 ? -1.342  -2.776  0.653   1.00 6.08   ? 24   LEU A C    1 
ATOM   348 O  O    . LEU A 1 24 ? -2.244  -3.199  1.345   1.00 7.56   ? 24   LEU A O    1 
ATOM   349 C  CB   . LEU A 1 24 ? -1.839  -0.976  -1.047  1.00 7.05   ? 24   LEU A CB   1 
ATOM   350 C  CG   . LEU A 1 24 ? -3.312  -1.356  -1.210  1.00 9.71   ? 24   LEU A CG   1 
ATOM   351 C  CD1  . LEU A 1 24 ? -4.187  -0.631  -0.205  1.00 15.25  ? 24   LEU A CD1  1 
ATOM   352 C  CD2  . LEU A 1 24 ? -3.757  -1.055  -2.634  1.00 13.08  ? 24   LEU A CD2  1 
ATOM   353 H  H    . LEU A 1 24 ? 0.528   -0.600  -0.339  1.00 6.83   ? 24   LEU A H    1 
ATOM   354 H  HA   . LEU A 1 24 ? -1.754  -0.803  0.996   1.00 7.26   ? 24   LEU A HA   1 
ATOM   355 H  HB2  . LEU A 1 24 ? -1.746  -0.023  -1.208  1.00 8.46   ? 24   LEU A HB2  1 
ATOM   356 H  HB3  . LEU A 1 24 ? -1.324  -1.439  -1.725  1.00 8.46   ? 24   LEU A HB3  1 
ATOM   357 H  HG   . LEU A 1 24 ? -3.400  -2.320  -1.056  1.00 11.65  ? 24   LEU A HG   1 
ATOM   358 H  HD11 . LEU A 1 24 ? -3.884  -0.829  0.685   1.00 22.88  ? 24   LEU A HD11 1 
ATOM   359 H  HD12 . LEU A 1 24 ? -4.134  0.315   -0.358  1.00 22.88  ? 24   LEU A HD12 1 
ATOM   360 H  HD13 . LEU A 1 24 ? -5.096  -0.921  -0.304  1.00 22.88  ? 24   LEU A HD13 1 
ATOM   361 H  HD21 . LEU A 1 24 ? -3.197  -1.530  -3.251  1.00 19.62  ? 24   LEU A HD21 1 
ATOM   362 H  HD22 . LEU A 1 24 ? -4.668  -1.334  -2.749  1.00 19.62  ? 24   LEU A HD22 1 
ATOM   363 H  HD23 . LEU A 1 24 ? -3.688  -0.112  -2.799  1.00 19.62  ? 24   LEU A HD23 1 
ATOM   364 N  N    . GLN A 1 25 ? -0.407  -3.595  0.169   1.00 7.01   ? 25   GLN A N    1 
ATOM   365 C  CA   . GLN A 1 25 ? -0.375  -5.005  0.497   1.00 7.88   ? 25   GLN A CA   1 
ATOM   366 C  C    . GLN A 1 25 ? -0.297  -5.209  2.003   1.00 7.52   ? 25   GLN A C    1 
ATOM   367 O  O    . GLN A 1 25 ? -1.061  -6.011  2.548   1.00 9.37   ? 25   GLN A O    1 
ATOM   368 C  CB   . GLN A 1 25 ? 0.839   -5.679  -0.197  1.00 9.67   ? 25   GLN A CB   1 
ATOM   369 C  CG   . GLN A 1 25 ? 0.940   -7.168  0.054   1.00 15.33  ? 25   GLN A CG   1 
ATOM   370 C  CD   . GLN A 1 25 ? 1.915   -7.906  -0.866  1.00 26.16  ? 25   GLN A CD   1 
ATOM   371 O  OE1  . GLN A 1 25 ? 1.841   -9.117  -0.999  1.00 37.85  ? 25   GLN A OE1  1 
ATOM   372 N  NE2  . GLN A 1 25 ? 2.818   -7.208  -1.533  1.00 41.26  ? 25   GLN A NE2  1 
ATOM   373 H  H    . GLN A 1 25 ? 0.196   -3.276  -0.354  1.00 8.42   ? 25   GLN A H    1 
ATOM   374 H  HA   . GLN A 1 25 ? -1.198  -5.422  0.166   1.00 9.45   ? 25   GLN A HA   1 
ATOM   375 H  HB2  . GLN A 1 25 ? 0.775   -5.528  -1.153  1.00 11.60  ? 25   GLN A HB2  1 
ATOM   376 H  HB3  . GLN A 1 25 ? 1.652   -5.254  0.115   1.00 11.60  ? 25   GLN A HB3  1 
ATOM   377 H  HG2  . GLN A 1 25 ? 1.215   -7.309  0.973   1.00 18.40  ? 25   GLN A HG2  1 
ATOM   378 H  HG3  . GLN A 1 25 ? 0.059   -7.560  -0.051  1.00 18.40  ? 25   GLN A HG3  1 
ATOM   379 H  HE21 . GLN A 1 25 ? 2.863   -6.355  -1.433  1.00 49.51  ? 25   GLN A HE21 1 
ATOM   380 H  HE22 . GLN A 1 25 ? 3.361   -7.607  -2.068  1.00 49.51  ? 25   GLN A HE22 1 
ATOM   381 N  N    . GLN A 1 26 ? 0.617   -4.497  2.628   1.00 7.68   ? 26   GLN A N    1 
ATOM   382 C  CA   . GLN A 1 26 ? 0.772   -4.626  4.074   1.00 8.43   ? 26   GLN A CA   1 
ATOM   383 C  C    . GLN A 1 26 ? -0.504  -4.229  4.788   1.00 7.80   ? 26   GLN A C    1 
ATOM   384 O  O    . GLN A 1 26 ? -0.961  -4.892  5.727   1.00 9.95   ? 26   GLN A O    1 
ATOM   385 C  CB   . GLN A 1 26 ? 1.972   -3.804  4.562   1.00 11.73  ? 26   GLN A CB   1 
ATOM   386 C  CG   . GLN A 1 26 ? 2.220   -3.950  6.043   1.00 21.22  ? 26   GLN A CG   1 
ATOM   387 C  CD   . GLN A 1 26 ? 2.476   -5.354  6.537   1.00 95.21  ? 26   GLN A CD   1 
ATOM   388 O  OE1  . GLN A 1 26 ? 2.124   -5.728  7.671   1.00 81.02  ? 26   GLN A OE1  1 
ATOM   389 N  NE2  . GLN A 1 26 ? 3.115   -6.188  5.702   1.00 47.94  ? 26   GLN A NE2  1 
ATOM   390 H  H    . GLN A 1 26 ? 1.120   -3.958  2.185   1.00 9.21   ? 26   GLN A H    1 
ATOM   391 H  HA   . GLN A 1 26 ? 0.949   -5.568  4.275   1.00 10.12  ? 26   GLN A HA   1 
ATOM   392 H  HB2  . GLN A 1 26 ? 2.766   -4.087  4.080   1.00 14.08  ? 26   GLN A HB2  1 
ATOM   393 H  HB3  . GLN A 1 26 ? 1.819   -2.868  4.358   1.00 14.08  ? 26   GLN A HB3  1 
ATOM   394 H  HG2  . GLN A 1 26 ? 2.982   -3.401  6.280   1.00 25.46  ? 26   GLN A HG2  1 
ATOM   395 H  HG3  . GLN A 1 26 ? 1.449   -3.598  6.516   1.00 25.46  ? 26   GLN A HG3  1 
ATOM   396 H  HE21 . GLN A 1 26 ? 3.352   -5.915  4.922   1.00 57.53  ? 26   GLN A HE21 1 
ATOM   397 H  HE22 . GLN A 1 26 ? 3.287   -6.994  5.947   1.00 57.53  ? 26   GLN A HE22 1 
ATOM   398 N  N    . TYR A 1 27 ? -1.132  -3.147  4.413   1.00 7.03   ? 27   TYR A N    1 
ATOM   399 C  CA   . TYR A 1 27 ? -2.369  -2.644  4.982   1.00 7.04   ? 27   TYR A CA   1 
ATOM   400 C  C    . TYR A 1 27 ? -3.470  -3.687  4.856   1.00 6.80   ? 27   TYR A C    1 
ATOM   401 O  O    . TYR A 1 27 ? -4.147  -4.009  5.817   1.00 8.23   ? 27   TYR A O    1 
ATOM   402 C  CB   . TYR A 1 27 ? -2.749  -1.328  4.307   1.00 7.73   ? 27   TYR A CB   1 
ATOM   403 C  CG   . TYR A 1 27 ? -4.077  -0.766  4.784   1.00 7.00   ? 27   TYR A CG   1 
ATOM   404 C  CD1  . TYR A 1 27 ? -4.220  -0.135  6.008   1.00 7.90   ? 27   TYR A CD1  1 
ATOM   405 C  CD2  . TYR A 1 27 ? -5.234  -0.853  4.005   1.00 8.02   ? 27   TYR A CD2  1 
ATOM   406 C  CE1  . TYR A 1 27 ? -5.416  0.376   6.432   1.00 9.75   ? 27   TYR A CE1  1 
ATOM   407 C  CE2  . TYR A 1 27 ? -6.439  -0.336  4.400   1.00 9.59   ? 27   TYR A CE2  1 
ATOM   408 C  CZ   . TYR A 1 27 ? -6.527  0.270   5.639   1.00 9.25   ? 27   TYR A CZ   1 
ATOM   409 O  OH   . TYR A 1 27 ? -7.707  0.794   6.073   1.00 14.11  ? 27   TYR A OH   1 
ATOM   410 H  H    . TYR A 1 27 ? -0.782  -2.692  3.772   1.00 8.44   ? 27   TYR A H    1 
ATOM   411 H  HA   . TYR A 1 27 ? -2.221  -2.468  5.935   1.00 8.44   ? 27   TYR A HA   1 
ATOM   412 H  HB2  . TYR A 1 27 ? -2.053  -0.674  4.477   1.00 9.28   ? 27   TYR A HB2  1 
ATOM   413 H  HB3  . TYR A 1 27 ? -2.795  -1.468  3.348   1.00 9.28   ? 27   TYR A HB3  1 
ATOM   414 H  HD1  . TYR A 1 27 ? -3.477  -0.054  6.562   1.00 9.48   ? 27   TYR A HD1  1 
ATOM   415 H  HD2  . TYR A 1 27 ? -5.183  -1.280  3.182   1.00 9.63   ? 27   TYR A HD2  1 
ATOM   416 H  HE1  . TYR A 1 27 ? -5.474  0.796   7.259   1.00 11.70  ? 27   TYR A HE1  1 
ATOM   417 H  HE2  . TYR A 1 27 ? -7.184  -0.393  3.846   1.00 11.51  ? 27   TYR A HE2  1 
ATOM   418 H  HH   . TYR A 1 27 ? -8.288  0.663   5.511   1.00 21.17  ? 27   TYR A HH   1 
ATOM   419 N  N    . LEU A 1 28 ? -3.658  -4.219  3.656   1.00 6.57   ? 28   LEU A N    1 
ATOM   420 C  CA   . LEU A 1 28 ? -4.702  -5.216  3.415   1.00 7.54   ? 28   LEU A CA   1 
ATOM   421 C  C    . LEU A 1 28 ? -4.443  -6.483  4.191   1.00 7.08   ? 28   LEU A C    1 
ATOM   422 O  O    . LEU A 1 28 ? -5.432  -7.083  4.711   1.00 9.22   ? 28   LEU A O    1 
ATOM   423 C  CB   . LEU A 1 28 ? -4.838  -5.527  1.931   1.00 8.29   ? 28   LEU A CB   1 
ATOM   424 C  CG   . LEU A 1 28 ? -5.420  -4.372  1.098   1.00 10.20  ? 28   LEU A CG   1 
ATOM   425 C  CD1  . LEU A 1 28 ? -5.363  -4.697  -0.368  1.00 12.57  ? 28   LEU A CD1  1 
ATOM   426 C  CD2  . LEU A 1 28 ? -6.855  -4.036  1.537   1.00 13.28  ? 28   LEU A CD2  1 
ATOM   427 H  H    . LEU A 1 28 ? -3.154  -3.973  3.005   1.00 7.89   ? 28   LEU A H    1 
ATOM   428 H  HA   . LEU A 1 28 ? -5.552  -4.842  3.724   1.00 9.04   ? 28   LEU A HA   1 
ATOM   429 H  HB2  . LEU A 1 28 ? -3.964  -5.754  1.578   1.00 9.95   ? 28   LEU A HB2  1 
ATOM   430 H  HB3  . LEU A 1 28 ? -5.409  -6.305  1.826   1.00 9.95   ? 28   LEU A HB3  1 
ATOM   431 H  HG   . LEU A 1 28 ? -4.865  -3.580  1.253   1.00 12.25  ? 28   LEU A HG   1 
ATOM   432 H  HD11 . LEU A 1 28 ? -4.458  -4.902  -0.615  1.00 18.86  ? 28   LEU A HD11 1 
ATOM   433 H  HD12 . LEU A 1 28 ? -5.924  -5.454  -0.550  1.00 18.86  ? 28   LEU A HD12 1 
ATOM   434 H  HD13 . LEU A 1 28 ? -5.670  -3.941  -0.874  1.00 18.86  ? 28   LEU A HD13 1 
ATOM   435 H  HD21 . LEU A 1 28 ? -6.864  -3.830  2.474   1.00 19.93  ? 28   LEU A HD21 1 
ATOM   436 H  HD22 . LEU A 1 28 ? -7.172  -3.277  1.040   1.00 19.93  ? 28   LEU A HD22 1 
ATOM   437 H  HD23 . LEU A 1 28 ? -7.426  -4.789  1.369   1.00 19.93  ? 28   LEU A HD23 1 
ATOM   438 N  N    . ASN A 1 29 ? -3.206  -6.933  4.323   1.00 8.11   ? 29   ASN A N    1 
ATOM   439 C  CA   . ASN A 1 29 ? -2.886  -8.095  5.119   1.00 8.80   ? 29   ASN A CA   1 
ATOM   440 C  C    . ASN A 1 29 ? -3.291  -7.891  6.565   1.00 8.21   ? 29   ASN A C    1 
ATOM   441 O  O    . ASN A 1 29 ? -3.795  -8.820  7.234   1.00 11.28  ? 29   ASN A O    1 
ATOM   442 C  CB   . ASN A 1 29 ? -1.401  -8.453  5.050   1.00 10.93  ? 29   ASN A CB   1 
ATOM   443 C  CG   . ASN A 1 29 ? -1.040  -9.079  3.721   1.00 14.27  ? 29   ASN A CG   1 
ATOM   444 O  OD1  . ASN A 1 29 ? -1.863  -9.464  2.913   1.00 19.89  ? 29   ASN A OD1  1 
ATOM   445 N  ND2  . ASN A 1 29 ? 0.283   -9.136  3.509   1.00 24.15  ? 29   ASN A ND2  1 
ATOM   446 H  H    . ASN A 1 29 ? -2.568  -6.518  3.921   1.00 9.73   ? 29   ASN A H    1 
ATOM   447 H  HA   . ASN A 1 29 ? -3.396  -8.853  4.766   1.00 10.56  ? 29   ASN A HA   1 
ATOM   448 H  HB2  . ASN A 1 29 ? -0.872  -7.651  5.182   1.00 13.12  ? 29   ASN A HB2  1 
ATOM   449 H  HB3  . ASN A 1 29 ? -1.188  -9.073  5.766   1.00 13.12  ? 29   ASN A HB3  1 
ATOM   450 H  HD21 . ASN A 1 29 ? 0.828   -8.851  4.111   1.00 28.98  ? 29   ASN A HD21 1 
ATOM   451 H  HD22 . ASN A 1 29 ? 0.587   -9.457  2.771   1.00 28.98  ? 29   ASN A HD22 1 
ATOM   452 N  N    . VAL A 1 30 ? -3.070  -6.708  7.103   1.00 8.62   ? 30   VAL A N    1 
ATOM   453 C  CA   . VAL A 1 30 ? -3.469  -6.474  8.489   1.00 9.56   ? 30   VAL A CA   1 
ATOM   454 C  C    . VAL A 1 30 ? -4.979  -6.372  8.639   1.00 8.87   ? 30   VAL A C    1 
ATOM   455 O  O    . VAL A 1 30 ? -5.546  -6.973  9.558   1.00 11.40  ? 30   VAL A O    1 
ATOM   456 C  CB   . VAL A 1 30 ? -2.724  -5.249  9.054   1.00 11.04  ? 30   VAL A CB   1 
ATOM   457 C  CG1  . VAL A 1 30 ? -3.214  -5.016  10.460  1.00 16.09  ? 30   VAL A CG1  1 
ATOM   458 C  CG2  . VAL A 1 30 ? -1.205  -5.429  9.047   1.00 14.44  ? 30   VAL A CG2  1 
ATOM   459 H  H    . VAL A 1 30 ? -2.697  -6.084  6.645   1.00 10.34  ? 30   VAL A H    1 
ATOM   460 H  HA   . VAL A 1 30 ? -3.179  -7.252  9.008   1.00 11.47  ? 30   VAL A HA   1 
ATOM   461 H  HB   . VAL A 1 30 ? -2.950  -4.466  8.509   1.00 13.25  ? 30   VAL A HB   1 
ATOM   462 H  HG11 . VAL A 1 30 ? -4.167  -4.899  10.452  1.00 24.14  ? 30   VAL A HG11 1 
ATOM   463 H  HG12 . VAL A 1 30 ? -2.988  -5.771  11.007  1.00 24.14  ? 30   VAL A HG12 1 
ATOM   464 H  HG13 . VAL A 1 30 ? -2.798  -4.227  10.816  1.00 24.14  ? 30   VAL A HG13 1 
ATOM   465 H  HG21 . VAL A 1 30 ? -0.905  -5.581  8.149   1.00 21.66  ? 30   VAL A HG21 1 
ATOM   466 H  HG22 . VAL A 1 30 ? -0.788  -4.637  9.394   1.00 21.66  ? 30   VAL A HG22 1 
ATOM   467 H  HG23 . VAL A 1 30 ? -0.971  -6.181  9.596   1.00 21.66  ? 30   VAL A HG23 1 
ATOM   468 N  N    . VAL A 1 31 ? -5.670  -5.650  7.735   1.00 9.31   ? 31   VAL A N    1 
ATOM   469 C  CA   . VAL A 1 31 ? -7.121  -5.499  7.795   1.00 10.90  ? 31   VAL A CA   1 
ATOM   470 C  C    . VAL A 1 31 ? -7.832  -6.833  7.732   1.00 9.99   ? 31   VAL A C    1 
ATOM   471 O  O    . VAL A 1 31 ? -8.885  -6.987  8.345   1.00 14.30  ? 31   VAL A O    1 
ATOM   472 C  CB   . VAL A 1 31 ? -7.650  -4.526  6.649   1.00 19.27  ? 31   VAL A CB   1 
ATOM   473 C  CG1  . VAL A 1 31 ? -9.149  -4.604  6.530   1.00 27.09  ? 31   VAL A CG1  1 
ATOM   474 C  CG2  . VAL A 1 31 ? -7.126  -3.131  6.879   1.00 24.85  ? 31   VAL A CG2  1 
ATOM   475 H  H    . VAL A 1 31 ? -5.239  -5.263  7.099   1.00 11.17  ? 31   VAL A H    1 
ATOM   476 H  HA   . VAL A 1 31 ? -7.340  -5.088  8.657   1.00 13.08  ? 31   VAL A HA   1 
ATOM   477 H  HB   . VAL A 1 31 ? -7.272  -4.842  5.802   1.00 23.12  ? 31   VAL A HB   1 
ATOM   478 H  HG11 . VAL A 1 31 ? -9.412  -5.517  6.391   1.00 40.64  ? 31   VAL A HG11 1 
ATOM   479 H  HG12 . VAL A 1 31 ? -9.552  -4.274  7.336   1.00 40.64  ? 31   VAL A HG12 1 
ATOM   480 H  HG13 . VAL A 1 31 ? -9.439  -4.071  5.786   1.00 40.64  ? 31   VAL A HG13 1 
ATOM   481 H  HG21 . VAL A 1 31 ? -6.169  -3.156  6.954   1.00 37.27  ? 31   VAL A HG21 1 
ATOM   482 H  HG22 . VAL A 1 31 ? -7.374  -2.570  6.140   1.00 37.27  ? 31   VAL A HG22 1 
ATOM   483 H  HG23 . VAL A 1 31 ? -7.500  -2.778  7.689   1.00 37.27  ? 31   VAL A HG23 1 
ATOM   484 N  N    . THR A 1 32 ? -7.308  -7.754  6.938   1.00 8.82   ? 32   THR A N    1 
ATOM   485 C  CA   . THR A 1 32 ? -7.906  -9.059  6.770   1.00 9.65   ? 32   THR A CA   1 
ATOM   486 C  C    . THR A 1 32 ? -7.340  -10.087 7.771   1.00 8.83   ? 32   THR A C    1 
ATOM   487 O  O    . THR A 1 32 ? -7.701  -11.272 7.716   1.00 12.80  ? 32   THR A O    1 
ATOM   488 C  CB   . THR A 1 32 ? -7.715  -9.630  5.347   1.00 11.36  ? 32   THR A CB   1 
ATOM   489 O  OG1  . THR A 1 32 ? -6.340  -9.785  5.055   1.00 11.10  ? 32   THR A OG1  1 
ATOM   490 C  CG2  . THR A 1 32 ? -8.394  -8.725  4.330   1.00 13.28  ? 32   THR A CG2  1 
ATOM   491 H  H    . THR A 1 32 ? -6.588  -7.569  6.508   1.00 10.58  ? 32   THR A H    1 
ATOM   492 H  HA   . THR A 1 32 ? -8.869  -8.974  6.935   1.00 11.58  ? 32   THR A HA   1 
ATOM   493 H  HB   . THR A 1 32 ? -8.140  -10.513 5.309   1.00 13.63  ? 32   THR A HB   1 
ATOM   494 H  HG1  . THR A 1 32 ? -5.995  -10.276 5.614   1.00 16.66  ? 32   THR A HG1  1 
ATOM   495 H  HG21 . THR A 1 32 ? -9.332  -8.670  4.525   1.00 19.92  ? 32   THR A HG21 1 
ATOM   496 H  HG22 . THR A 1 32 ? -8.005  -7.848  4.372   1.00 19.92  ? 32   THR A HG22 1 
ATOM   497 H  HG23 . THR A 1 32 ? -8.271  -9.087  3.449   1.00 19.92  ? 32   THR A HG23 1 
ATOM   498 N  N    . ARG A 1 33 ? -6.459  -9.667  8.682   1.00 8.41   ? 33   ARG A N    1 
ATOM   499 C  CA   . ARG A 1 33 ? -5.907  -10.476 9.752   1.00 8.58   ? 33   ARG A CA   1 
ATOM   500 C  C    . ARG A 1 33 ? -5.096  -11.646 9.203   1.00 8.52   ? 33   ARG A C    1 
ATOM   501 O  O    . ARG A 1 33 ? -4.982  -12.719 9.781   1.00 11.34  ? 33   ARG A O    1 
ATOM   502 C  CB   . ARG A 1 33 ? -6.972  -10.970 10.745  1.00 9.18   ? 33   ARG A CB   1 
ATOM   503 C  CG   . ARG A 1 33 ? -7.903  -9.863  11.271  1.00 11.18  ? 33   ARG A CG   1 
ATOM   504 C  CD   . ARG A 1 33 ? -8.853  -10.371 12.338  1.00 10.54  ? 33   ARG A CD   1 
ATOM   505 N  NE   . ARG A 1 33 ? -8.226  -10.787 13.542  1.00 10.01  ? 33   ARG A NE   1 
ATOM   506 C  CZ   . ARG A 1 33 ? -7.855  -10.049 14.578  1.00 10.55  ? 33   ARG A CZ   1 
ATOM   507 N  NH1  . ARG A 1 33 ? -8.080  -8.746  14.543  1.00 14.21  ? 33   ARG A NH1  1 
ATOM   508 N  NH2  . ARG A 1 33 ? -7.270  -10.573 15.649  1.00 12.77  ? 33   ARG A NH2  1 
ATOM   509 H  H    . ARG A 1 33 ? -6.198  -8.850  8.630   1.00 10.09  ? 33   ARG A H    1 
ATOM   510 H  HA   . ARG A 1 33 ? -5.288  -9.904  10.253  1.00 10.30  ? 33   ARG A HA   1 
ATOM   511 H  HB2  . ARG A 1 33 ? -7.511  -11.649 10.311  1.00 11.02  ? 33   ARG A HB2  1 
ATOM   512 H  HB3  . ARG A 1 33 ? -6.524  -11.386 11.498  1.00 11.02  ? 33   ARG A HB3  1 
ATOM   513 H  HG2  . ARG A 1 33 ? -7.366  -9.144  11.641  1.00 13.42  ? 33   ARG A HG2  1 
ATOM   514 H  HG3  . ARG A 1 33 ? -8.418  -9.501  10.533  1.00 13.42  ? 33   ARG A HG3  1 
ATOM   515 H  HD2  . ARG A 1 33 ? -9.489  -9.670  12.545  1.00 12.65  ? 33   ARG A HD2  1 
ATOM   516 H  HD3  . ARG A 1 33 ? -9.353  -11.120 11.974  1.00 12.65  ? 33   ARG A HD3  1 
ATOM   517 H  HE   . ARG A 1 33 ? -8.068  -11.630 13.609  1.00 12.01  ? 33   ARG A HE   1 
ATOM   518 H  HH11 . ARG A 1 33 ? -8.461  -8.395  13.856  1.00 17.06  ? 33   ARG A HH11 1 
ATOM   519 H  HH12 . ARG A 1 33 ? -7.845  -8.252  15.206  1.00 17.06  ? 33   ARG A HH12 1 
ATOM   520 H  HH21 . ARG A 1 33 ? -7.120  -11.419 15.688  1.00 15.33  ? 33   ARG A HH21 1 
ATOM   521 H  HH22 . ARG A 1 33 ? -7.041  -10.066 16.305  1.00 15.33  ? 33   ARG A HH22 1 
ATOM   522 N  N    . HIS A 1 34 ? -4.432  -11.453 8.086   1.00 10.11  ? 34   HIS A N    1 
ATOM   523 C  CA   . HIS A 1 34 ? -3.720  -12.514 7.358   1.00 10.43  ? 34   HIS A CA   1 
ATOM   524 C  C    . HIS A 1 34 ? -2.341  -12.013 6.959   1.00 11.25  ? 34   HIS A C    1 
ATOM   525 O  O    . HIS A 1 34 ? -2.104  -11.633 5.836   1.00 13.44  ? 34   HIS A O    1 
ATOM   526 C  CB   . HIS A 1 34 ? -4.568  -12.969 6.196   1.00 10.84  ? 34   HIS A CB   1 
ATOM   527 C  CG   . HIS A 1 34 ? -4.091  -14.175 5.480   1.00 10.43  ? 34   HIS A CG   1 
ATOM   528 N  ND1  . HIS A 1 34 ? -3.523  -14.192 4.244   1.00 15.88  ? 34   HIS A ND1  1 
ATOM   529 C  CD2  . HIS A 1 34 ? -4.114  -15.473 5.877   1.00 8.52   ? 34   HIS A CD2  1 
ATOM   530 C  CE1  . HIS A 1 34 ? -3.224  -15.427 3.931   1.00 13.87  ? 34   HIS A CE1  1 
ATOM   531 N  NE2  . HIS A 1 34 ? -3.544  -16.275 4.893   1.00 9.15   ? 34   HIS A NE2  1 
ATOM   532 H  H    . HIS A 1 34 ? -4.412  -10.658 7.760   1.00 12.13  ? 34   HIS A H    1 
ATOM   533 H  HA   . HIS A 1 34 ? -3.603  -13.275 7.967   1.00 12.52  ? 34   HIS A HA   1 
ATOM   534 H  HB2  . HIS A 1 34 ? -5.464  -13.142 6.522   1.00 13.00  ? 34   HIS A HB2  1 
ATOM   535 H  HB3  . HIS A 1 34 ? -4.626  -12.240 5.559   1.00 13.00  ? 34   HIS A HB3  1 
ATOM   536 H  HD1  . HIS A 1 34 ? -3.383  -13.503 3.749   1.00 19.06  ? 34   HIS A HD1  1 
ATOM   537 H  HD2  . HIS A 1 34 ? -4.458  -15.780 6.685   1.00 10.22  ? 34   HIS A HD2  1 
ATOM   538 H  HE1  . HIS A 1 34 ? -2.833  -15.679 3.125   1.00 16.65  ? 34   HIS A HE1  1 
ATOM   539 N  N    . ARG A 1 35 ? -1.426  -11.963 7.943   1.00 14.80  ? 35   ARG A N    1 
ATOM   540 C  CA   . ARG A 1 35 ? -0.103  -11.385 7.737   1.00 21.74  ? 35   ARG A CA   1 
ATOM   541 C  C    . ARG A 1 35 ? 0.923   -12.427 7.296   1.00 31.23  ? 35   ARG A C    1 
ATOM   542 O  O    . ARG A 1 35 ? 1.973   -12.653 7.867   1.00 66.39  ? 35   ARG A O    1 
ATOM   543 C  CB   . ARG A 1 35 ? 0.379   -10.697 9.007   1.00 33.23  ? 35   ARG A CB   1 
ATOM   544 C  CG   . ARG A 1 35 ? -0.599  -9.840  9.778   1.00 38.18  ? 35   ARG A CG   1 
ATOM   545 C  CD   . ARG A 1 35 ? -0.001  -9.574  11.163  1.00 53.35  ? 35   ARG A CD   1 
ATOM   546 N  NE   . ARG A 1 35 ? -1.040  -9.069  12.042  1.00 38.50  ? 35   ARG A NE   1 
ATOM   547 C  CZ   . ARG A 1 35 ? -1.156  -7.893  12.629  1.00 49.66  ? 35   ARG A CZ   1 
ATOM   548 N  NH1  . ARG A 1 35 ? -0.253  -6.929  12.490  1.00 35.18  ? 35   ARG A NH1  1 
ATOM   549 N  NH2  . ARG A 1 35 ? -2.225  -7.682  13.389  1.00 32.55  ? 35   ARG A NH2  1 
ATOM   550 H  H    . ARG A 1 35 ? -1.627  -12.281 8.716   1.00 17.76  ? 35   ARG A H    1 
ATOM   551 H  HA   . ARG A 1 35 ? -0.173  -10.709 7.032   1.00 26.09  ? 35   ARG A HA   1 
ATOM   552 H  HB2  . ARG A 1 35 ? 0.708   -11.384 9.608   1.00 39.88  ? 35   ARG A HB2  1 
ATOM   553 H  HB3  . ARG A 1 35 ? 1.137   -10.140 8.770   1.00 39.88  ? 35   ARG A HB3  1 
ATOM   554 H  HG2  . ARG A 1 35 ? -0.748  -9.003  9.312   1.00 45.82  ? 35   ARG A HG2  1 
ATOM   555 H  HG3  . ARG A 1 35 ? -1.448  -10.299 9.865   1.00 45.82  ? 35   ARG A HG3  1 
ATOM   556 H  HD2  . ARG A 1 35 ? 0.368   -10.394 11.525  1.00 64.02  ? 35   ARG A HD2  1 
ATOM   557 H  HD3  . ARG A 1 35 ? 0.716   -8.923  11.092  1.00 64.02  ? 35   ARG A HD3  1 
ATOM   558 H  HE   . ARG A 1 35 ? -1.679  -9.621  12.205  1.00 46.21  ? 35   ARG A HE   1 
ATOM   559 H  HH11 . ARG A 1 35 ? 0.443   -7.059  12.001  1.00 42.22  ? 35   ARG A HH11 1 
ATOM   560 H  HH12 . ARG A 1 35 ? -0.364  -6.176  12.889  1.00 42.22  ? 35   ARG A HH12 1 
ATOM   561 H  HH21 . ARG A 1 35 ? -2.813  -8.301  13.484  1.00 39.06  ? 35   ARG A HH21 1 
ATOM   562 H  HH22 . ARG A 1 35 ? -2.328  -6.926  13.784  1.00 39.06  ? 35   ARG A HH22 1 
HETATM 563 N  N    . TYC A 1 36 ? 0.533   -13.055 6.209   1.00 56.16  ? 36   TYC A N    1 
HETATM 564 C  CA   . TYC A 1 36 ? 1.434   -13.891 5.454   1.00 72.51  ? 36   TYC A CA   1 
HETATM 565 C  C    . TYC A 1 36 ? 1.368   -13.404 3.994   1.00 130.99 ? 36   TYC A C    1 
HETATM 566 O  O    . TYC A 1 36 ? 0.469   -12.597 3.737   1.00 109.26 ? 36   TYC A O    1 
HETATM 567 C  CB   . TYC A 1 36 ? 1.081   -15.343 5.483   1.00 59.23  ? 36   TYC A CB   1 
HETATM 568 C  CG   . TYC A 1 36 ? 0.429   -15.978 6.658   1.00 59.31  ? 36   TYC A CG   1 
HETATM 569 C  CD1  . TYC A 1 36 ? -0.825  -15.682 7.124   1.00 32.13  ? 36   TYC A CD1  1 
HETATM 570 C  CD2  . TYC A 1 36 ? 1.191   -16.950 7.297   1.00 36.40  ? 36   TYC A CD2  1 
HETATM 571 C  CE1  . TYC A 1 36 ? -1.413  -16.302 8.242   1.00 29.03  ? 36   TYC A CE1  1 
HETATM 572 C  CE2  . TYC A 1 36 ? 0.621   -17.581 8.384   1.00 43.08  ? 36   TYC A CE2  1 
HETATM 573 O  OH   . TYC A 1 36 ? -1.107  -17.985 9.956   1.00 21.74  ? 36   TYC A OH   1 
HETATM 574 C  CZ   . TYC A 1 36 ? -0.639  -17.273 8.861   1.00 25.91  ? 36   TYC A CZ   1 
HETATM 575 N  NXT  . TYC A 1 36 ? 2.262   -13.886 3.155   1.00 93.34  ? 36   TYC A NXT  1 
HETATM 576 H  H0   . TYC A 1 36 ? -0.279  -12.963 5.940   1.00 67.40  ? 36   TYC A H0   1 
HETATM 577 H  HA   . TYC A 1 36 ? 2.345   -13.773 5.794   1.00 87.01  ? 36   TYC A HA   1 
HETATM 578 H  HB1  . TYC A 1 36 ? 0.504   -15.505 4.721   1.00 71.08  ? 36   TYC A HB1  1 
HETATM 579 H  HB2  . TYC A 1 36 ? 1.902   -15.833 5.320   1.00 71.08  ? 36   TYC A HB2  1 
HETATM 580 H  HD1  . TYC A 1 36 ? -1.318  -15.033 6.674   1.00 38.56  ? 36   TYC A HD1  1 
HETATM 581 H  HD2  . TYC A 1 36 ? 2.047   -17.164 7.005   1.00 43.68  ? 36   TYC A HD2  1 
HETATM 582 H  HE1  . TYC A 1 36 ? -2.263  -16.077 8.545   1.00 34.84  ? 36   TYC A HE1  1 
HETATM 583 H  HE2  . TYC A 1 36 ? 1.109   -18.246 8.816   1.00 51.70  ? 36   TYC A HE2  1 
HETATM 584 H  HH   . TYC A 1 36 ? -1.863  -17.731 10.145  1.00 32.61  ? 36   TYC A HH   1 
HETATM 585 H  HT21 . TYC A 1 36 ? 2.255   -13.641 2.331   1.00 112.00 ? 36   TYC A HT21 1 
HETATM 586 H  HT22 . TYC A 1 36 ? 2.853   -14.448 3.432   1.00 112.00 ? 36   TYC A HT22 1 
HETATM 587 ZN ZN   . ZN  B 2 .  ? -2.974  0.684   14.329  1.00 7.81   ? 37   ZN  A ZN   1 
HETATM 588 O  O    . HOH C 3 .  ? -0.936  3.718   12.736  1.00 13.02  ? 2001 HOH A O    1 
HETATM 589 O  O    . HOH C 3 .  ? -0.652  7.810   10.019  1.00 18.37  ? 2002 HOH A O    1 
HETATM 590 O  O    . HOH C 3 .  ? 0.737   2.810   5.985   1.00 12.02  ? 2003 HOH A O    1 
HETATM 591 O  O    . HOH C 3 .  ? 0.734   3.427   8.389   0.50 72.42  ? 2004 HOH A O    1 
HETATM 592 O  O    . HOH C 3 .  ? -3.928  14.935  3.472   1.00 113.79 ? 2005 HOH A O    1 
HETATM 593 O  O    . HOH C 3 .  ? -6.120  10.275  -3.212  1.00 36.21  ? 2006 HOH A O    1 
HETATM 594 O  O    . HOH C 3 .  ? -8.585  5.010   6.522   1.00 43.69  ? 2007 HOH A O    1 
HETATM 595 O  O    . HOH C 3 .  ? -4.955  11.495  -7.099  1.00 64.69  ? 2008 HOH A O    1 
HETATM 596 O  O    . HOH C 3 .  ? 8.217   3.736   -16.516 1.00 114.32 ? 2009 HOH A O    1 
HETATM 597 O  O    . HOH C 3 .  ? -3.177  11.691  3.174   1.00 37.25  ? 2010 HOH A O    1 
HETATM 598 O  O    . HOH C 3 .  ? 1.916   7.009   -0.044  1.00 28.31  ? 2011 HOH A O    1 
HETATM 599 O  O    . HOH C 3 .  ? 1.208   6.611   2.575   1.00 16.53  ? 2012 HOH A O    1 
HETATM 600 O  O    . HOH C 3 .  ? 13.875  4.523   -16.592 1.00 79.26  ? 2013 HOH A O    1 
HETATM 601 O  O    . HOH C 3 .  ? 13.268  2.736   -6.242  1.00 86.34  ? 2014 HOH A O    1 
HETATM 602 O  O    . HOH C 3 .  ? 4.645   8.591   -2.386  1.00 61.93  ? 2015 HOH A O    1 
HETATM 603 O  O    . HOH C 3 .  ? -3.718  11.445  -3.634  1.00 29.02  ? 2016 HOH A O    1 
HETATM 604 O  O    . HOH C 3 .  ? -3.534  3.482   -10.663 1.00 15.62  ? 2017 HOH A O    1 
HETATM 605 O  O    . HOH C 3 .  ? 2.944   -1.240  6.390   1.00 25.72  ? 2018 HOH A O    1 
HETATM 606 O  O    . HOH C 3 .  ? -7.696  10.640  -10.798 1.00 66.87  ? 2019 HOH A O    1 
HETATM 607 O  O    . HOH C 3 .  ? -3.836  11.741  -9.740  1.00 23.19  ? 2020 HOH A O    1 
HETATM 608 O  O    . HOH C 3 .  ? -7.319  6.885   -10.289 1.00 14.98  ? 2021 HOH A O    1 
HETATM 609 O  O    . HOH C 3 .  ? -5.595  11.343  -14.193 1.00 52.78  ? 2022 HOH A O    1 
HETATM 610 O  O    . HOH C 3 .  ? -1.862  -10.529 -0.892  1.00 47.02  ? 2023 HOH A O    1 
HETATM 611 O  O    . HOH C 3 .  ? 3.803   -7.729  11.160  1.00 96.59  ? 2024 HOH A O    1 
HETATM 612 O  O    . HOH C 3 .  ? -11.632 -1.091  6.873   1.00 67.16  ? 2025 HOH A O    1 
HETATM 613 O  O    . HOH C 3 .  ? -3.522  11.792  -15.421 1.00 23.77  ? 2026 HOH A O    1 
HETATM 614 O  O    . HOH C 3 .  ? 4.249   10.617  -15.088 1.00 54.01  ? 2027 HOH A O    1 
HETATM 615 O  O    . HOH C 3 .  ? -3.576  13.174  -13.587 1.00 79.63  ? 2028 HOH A O    1 
HETATM 616 O  O    . HOH C 3 .  ? -0.786  14.793  -11.781 1.00 11.44  ? 2029 HOH A O    1 
HETATM 617 O  O    . HOH C 3 .  ? -5.256  -8.803  -0.099  1.00 52.94  ? 2030 HOH A O    1 
HETATM 618 O  O    . HOH C 3 .  ? -12.503 -10.289 11.314  1.00 57.00  ? 2031 HOH A O    1 
HETATM 619 O  O    . HOH C 3 .  ? -13.597 -6.306  9.715   0.50 90.36  ? 2032 HOH A O    1 
HETATM 620 O  O    . HOH C 3 .  ? -6.801  -11.461 0.638   1.00 53.75  ? 2033 HOH A O    1 
HETATM 621 O  O    . HOH C 3 .  ? 4.211   8.285   -15.201 1.00 97.92  ? 2034 HOH A O    1 
HETATM 622 O  O    . HOH C 3 .  ? 2.086   6.862   -13.705 1.00 21.28  ? 2035 HOH A O    1 
HETATM 623 O  O    . HOH C 3 .  ? 7.406   -10.608 7.963   1.00 89.06  ? 2036 HOH A O    1 
HETATM 624 O  O    . HOH C 3 .  ? 0.157   -17.264 3.146   1.00 41.38  ? 2037 HOH A O    1 
HETATM 625 O  O    . HOH C 3 .  ? 7.840   6.155   -14.280 1.00 42.54  ? 2038 HOH A O    1 
HETATM 626 O  O    . HOH C 3 .  ? 14.154  4.834   -13.168 1.00 89.91  ? 2039 HOH A O    1 
HETATM 627 O  O    . HOH C 3 .  ? 10.158  6.108   -13.794 1.00 107.13 ? 2040 HOH A O    1 
HETATM 628 O  O    . HOH C 3 .  ? 11.693  7.385   -9.359  1.00 69.77  ? 2041 HOH A O    1 
HETATM 629 O  O    . HOH C 3 .  ? 10.067  1.230   -5.704  1.00 30.71  ? 2042 HOH A O    1 
HETATM 630 O  O    . HOH C 3 .  ? 11.940  0.534   -10.621 1.00 73.28  ? 2043 HOH A O    1 
HETATM 631 O  O    . HOH C 3 .  ? 7.190   7.531   -2.549  1.00 82.62  ? 2044 HOH A O    1 
HETATM 632 O  O    . HOH C 3 .  ? 8.530   10.878  -6.826  1.00 46.24  ? 2045 HOH A O    1 
HETATM 633 O  O    . HOH C 3 .  ? 4.925   9.848   -4.289  1.00 76.18  ? 2046 HOH A O    1 
HETATM 634 O  O    . HOH C 3 .  ? 4.260   5.927   -2.914  1.00 28.63  ? 2047 HOH A O    1 
HETATM 635 O  O    . HOH C 3 .  ? 12.775  6.941   -6.089  0.50 89.26  ? 2048 HOH A O    1 
HETATM 636 O  O    . HOH C 3 .  ? 11.935  3.601   -1.154  1.00 58.99  ? 2049 HOH A O    1 
HETATM 637 O  O    . HOH C 3 .  ? 10.727  8.598   -6.905  1.00 62.72  ? 2050 HOH A O    1 
HETATM 638 O  O    . HOH C 3 .  ? 4.329   -5.457  1.021   1.00 20.95  ? 2051 HOH A O    1 
HETATM 639 O  O    . HOH C 3 .  ? 6.722   -5.286  -4.981  1.00 31.27  ? 2052 HOH A O    1 
HETATM 640 O  O    . HOH C 3 .  ? 8.799   -0.466  -1.159  1.00 11.49  ? 2053 HOH A O    1 
HETATM 641 O  O    . HOH C 3 .  ? 3.010   4.597   -0.364  1.00 26.19  ? 2054 HOH A O    1 
HETATM 642 O  O    . HOH C 3 .  ? 4.805   -1.069  4.264   1.00 24.97  ? 2055 HOH A O    1 
HETATM 643 O  O    . HOH C 3 .  ? 1.106   0.185   5.069   1.00 15.09  ? 2056 HOH A O    1 
HETATM 644 O  O    . HOH C 3 .  ? 0.043   -11.205 0.681   1.00 46.13  ? 2057 HOH A O    1 
HETATM 645 O  O    . HOH C 3 .  ? 1.874   -11.478 -2.312  1.00 75.02  ? 2058 HOH A O    1 
HETATM 646 O  O    . HOH C 3 .  ? 2.229   -8.603  5.657   1.00 51.89  ? 2059 HOH A O    1 
HETATM 647 O  O    . HOH C 3 .  ? 3.786   -6.819  3.389   1.00 48.53  ? 2060 HOH A O    1 
HETATM 648 O  O    . HOH C 3 .  ? 1.965   -5.085  9.887   1.00 66.27  ? 2061 HOH A O    1 
HETATM 649 O  O    . HOH C 3 .  ? -9.864  0.471   4.637   1.00 25.44  ? 2062 HOH A O    1 
HETATM 650 O  O    . HOH C 3 .  ? -7.608  2.620   8.065   1.00 25.64  ? 2063 HOH A O    1 
HETATM 651 O  O    . HOH C 3 .  ? 3.633   -9.898  3.186   1.00 75.80  ? 2064 HOH A O    1 
HETATM 652 O  O    . HOH C 3 .  ? -2.827  -8.019  0.182   1.00 48.21  ? 2065 HOH A O    1 
HETATM 653 O  O    . HOH C 3 .  ? -6.312  -6.430  12.113  1.00 58.73  ? 2066 HOH A O    1 
HETATM 654 O  O    . HOH C 3 .  ? -10.562 -7.311  10.450  1.00 49.46  ? 2067 HOH A O    1 
HETATM 655 O  O    . HOH C 3 .  ? -8.805  -5.806  11.264  1.00 84.25  ? 2068 HOH A O    1 
HETATM 656 O  O    . HOH C 3 .  ? -6.184  -11.805 2.937   1.00 40.30  ? 2069 HOH A O    1 
HETATM 657 O  O    . HOH C 3 .  ? -5.259  -9.821  2.252   1.00 74.37  ? 2070 HOH A O    1 
HETATM 658 O  O    . HOH C 3 .  ? -9.422  -12.475 9.221   1.00 107.28 ? 2071 HOH A O    1 
HETATM 659 O  O    . HOH C 3 .  ? -8.990  -13.321 6.560   1.00 16.83  ? 2072 HOH A O    1 
HETATM 660 O  O    . HOH C 3 .  ? -10.113 -7.679  16.672  1.00 63.88  ? 2073 HOH A O    1 
HETATM 661 O  O    . HOH C 3 .  ? -3.302  -12.049 2.454   1.00 34.99  ? 2074 HOH A O    1 
HETATM 662 O  O    . HOH C 3 .  ? 3.008   -13.631 10.410  1.00 65.04  ? 2075 HOH A O    1 
HETATM 663 O  O    . HOH C 3 .  ? 0.712   -4.578  12.243  1.00 36.14  ? 2076 HOH A O    1 
HETATM 664 O  O    . HOH C 3 .  ? -4.940  -8.362  12.574  1.00 59.72  ? 2077 HOH A O    1 
HETATM 665 O  O    . HOH C 3 .  ? 0.833   -13.852 9.704   1.00 86.48  ? 2078 HOH A O    1 
HETATM 666 O  O    . HOH C 3 .  ? 4.292   -12.181 7.417   1.00 85.01  ? 2079 HOH A O    1 
HETATM 667 O  O    . HOH C 3 .  ? 3.032   -11.802 0.797   1.00 64.79  ? 2080 HOH A O    1 
HETATM 668 O  O    . HOH C 3 .  ? -0.219  -14.440 1.702   1.00 91.23  ? 2081 HOH A O    1 
HETATM 669 O  O    . HOH C 3 .  ? -3.841  0.133   16.202  1.00 11.51  ? 2082 HOH A O    1 
# 
loop_
_atom_site_anisotrop.id 
_atom_site_anisotrop.type_symbol 
_atom_site_anisotrop.pdbx_label_atom_id 
_atom_site_anisotrop.pdbx_label_alt_id 
_atom_site_anisotrop.pdbx_label_comp_id 
_atom_site_anisotrop.pdbx_label_asym_id 
_atom_site_anisotrop.pdbx_label_seq_id 
_atom_site_anisotrop.pdbx_PDB_ins_code 
_atom_site_anisotrop.U[1][1] 
_atom_site_anisotrop.U[2][2] 
_atom_site_anisotrop.U[3][3] 
_atom_site_anisotrop.U[1][2] 
_atom_site_anisotrop.U[1][3] 
_atom_site_anisotrop.U[2][3] 
_atom_site_anisotrop.pdbx_auth_seq_id 
_atom_site_anisotrop.pdbx_auth_comp_id 
_atom_site_anisotrop.pdbx_auth_asym_id 
_atom_site_anisotrop.pdbx_auth_atom_id 
1   N  N   . GLY A 1  ? 0.1144 0.1361 0.0981 -0.0281 -0.0147 0.0356  1    GLY A N   
2   C  CA  . GLY A 1  ? 0.1250 0.1008 0.1185 -0.0281 -0.0120 0.0203  1    GLY A CA  
3   C  C   . GLY A 1  ? 0.1016 0.0836 0.0822 0.0106  -0.0124 0.0184  1    GLY A C   
4   O  O   . GLY A 1  ? 0.1003 0.0934 0.0891 -0.0020 -0.0013 0.0093  1    GLY A O   
9   N  N   . PRO A 2  ? 0.1342 0.0892 0.0812 0.0106  -0.0113 0.0074  2    PRO A N   
10  C  CA  . PRO A 2  ? 0.0957 0.1085 0.0978 -0.0050 -0.0037 0.0111  2    PRO A CA  
11  C  C   . PRO A 2  ? 0.0865 0.0955 0.0689 -0.0163 -0.0082 0.0106  2    PRO A C   
12  O  O   . PRO A 2  ? 0.0900 0.1139 0.1064 -0.0154 -0.0176 0.0162  2    PRO A O   
13  C  CB  . PRO A 2  ? 0.1554 0.1304 0.1325 0.0310  0.0322  0.0118  2    PRO A CB  
14  C  CG  . PRO A 2  ? 0.2609 0.1490 0.1769 -0.0078 0.1060  -0.0353 2    PRO A CG  
15  C  CD  . PRO A 2  ? 0.1459 0.1033 0.1250 0.0028  -0.0020 -0.0235 2    PRO A CD  
23  N  N   . SER A 3  ? 0.1066 0.0970 0.0749 -0.0090 -0.0076 0.0094  3    SER A N   
24  C  CA  . SER A 3  ? 0.0961 0.1063 0.0815 0.0047  0.0025  0.0176  3    SER A CA  
25  C  C   . SER A 3  ? 0.0777 0.1011 0.0770 0.0085  0.0133  0.0166  3    SER A C   
26  O  O   . SER A 3  ? 0.0904 0.1586 0.0828 0.0343  0.0081  0.0068  3    SER A O   
27  C  CB  . SER A 3  ? 0.1225 0.1083 0.1122 0.0097  0.0144  -0.0071 3    SER A CB  
28  O  OG  A SER A 3  ? 0.4175 0.1700 0.1118 0.0553  0.0011  -0.0385 3    SER A OG  
29  O  OG  B SER A 3  ? 0.1187 0.1202 0.2447 -0.0166 -0.0148 -0.0160 3    SER A OG  
38  N  N   . GLN A 4  ? 0.0892 0.1255 0.0705 0.0217  0.0124  0.0257  4    GLN A N   
39  C  CA  . GLN A 4  ? 0.0833 0.0944 0.0760 0.0167  0.0134  0.0081  4    GLN A CA  
40  C  C   . GLN A 4  ? 0.0743 0.0861 0.0627 0.0127  -0.0018 0.0103  4    GLN A C   
41  O  O   . GLN A 4  ? 0.1117 0.0821 0.0919 0.0199  0.0112  0.0070  4    GLN A O   
42  C  CB  . GLN A 4  ? 0.0778 0.1491 0.1003 0.0025  0.0083  0.0116  4    GLN A CB  
43  C  CG  . GLN A 4  ? 0.0968 0.1592 0.1040 -0.0100 -0.0097 0.0254  4    GLN A CG  
44  C  CD  . GLN A 4  ? 0.1133 0.2160 0.1598 0.0068  -0.0301 0.0170  4    GLN A CD  
45  O  OE1 . GLN A 4  ? 0.1110 0.6009 0.2168 0.0779  -0.0078 -0.0376 4    GLN A OE1 
46  N  NE2 . GLN A 4  ? 0.1510 0.2444 0.2199 0.0410  -0.0938 -0.0294 4    GLN A NE2 
55  N  N   . PRO A 5  ? 0.0986 0.0838 0.0634 0.0128  0.0069  0.0089  5    PRO A N   
56  C  CA  . PRO A 5  ? 0.0821 0.0976 0.0712 0.0058  0.0007  0.0072  5    PRO A CA  
57  C  C   . PRO A 5  ? 0.0856 0.1030 0.0537 0.0000  0.0023  0.0061  5    PRO A C   
58  O  O   . PRO A 5  ? 0.0976 0.1222 0.0848 -0.0018 -0.0220 0.0173  5    PRO A O   
59  C  CB  . PRO A 5  ? 0.1396 0.1192 0.1077 0.0362  0.0354  0.0134  5    PRO A CB  
60  C  CG  . PRO A 5  ? 0.2541 0.1174 0.3103 -0.0037 0.1760  -0.0650 5    PRO A CG  
61  C  CD  . PRO A 5  ? 0.1158 0.0911 0.1103 0.0097  0.0125  -0.0045 5    PRO A CD  
69  N  N   . THR A 6  ? 0.1002 0.1047 0.0788 0.0046  -0.0020 0.0165  6    THR A N   
70  C  CA  . THR A 6  ? 0.1196 0.1104 0.0724 0.0090  -0.0111 0.0210  6    THR A CA  
71  C  C   . THR A 6  ? 0.1047 0.0814 0.0771 -0.0007 -0.0080 0.0158  6    THR A C   
72  O  O   . THR A 6  ? 0.1091 0.1518 0.0925 0.0040  0.0035  0.0256  6    THR A O   
73  C  CB  . THR A 6  ? 0.2262 0.0993 0.1000 -0.0019 -0.0042 -0.0002 6    THR A CB  
74  O  OG1 . THR A 6  ? 0.2757 0.1349 0.1149 0.0073  -0.0019 -0.0227 6    THR A OG1 
75  C  CG2 . THR A 6  ? 0.2799 0.1098 0.1571 -0.0145 -0.0569 0.0242  6    THR A CG2 
83  N  N   . TYR A 7  ? 0.1029 0.1310 0.0726 -0.0052 0.0023  0.0206  7    TYR A N   
84  C  CA  . TYR A 7  ? 0.1146 0.1222 0.0657 -0.0031 0.0061  0.0281  7    TYR A CA  
85  C  C   . TYR A 7  ? 0.1280 0.0876 0.0715 -0.0025 0.0073  0.0160  7    TYR A C   
86  O  O   . TYR A 7  ? 0.1763 0.1042 0.1027 0.0201  0.0350  0.0288  7    TYR A O   
87  C  CB  . TYR A 7  ? 0.1351 0.1941 0.0831 -0.0335 -0.0119 0.0191  7    TYR A CB  
88  C  CG  . TYR A 7  ? 0.1188 0.1549 0.0825 -0.0152 -0.0087 0.0149  7    TYR A CG  
89  C  CD1 . TYR A 7  ? 0.1620 0.1322 0.0989 -0.0213 -0.0139 0.0279  7    TYR A CD1 
90  C  CD2 . TYR A 7  ? 0.1360 0.1367 0.0959 -0.0298 -0.0323 0.0142  7    TYR A CD2 
91  C  CE1 . TYR A 7  ? 0.1891 0.1227 0.1088 -0.0179 -0.0032 0.0111  7    TYR A CE1 
92  C  CE2 . TYR A 7  ? 0.1622 0.1208 0.0963 -0.0282 -0.0157 0.0317  7    TYR A CE2 
93  C  CZ  . TYR A 7  ? 0.1871 0.1068 0.0958 -0.0503 -0.0421 -0.0004 7    TYR A CZ  
94  O  OH  . TYR A 7  ? 0.2366 0.1548 0.0995 -0.0647 -0.0181 0.0031  7    TYR A OH  
104 N  N   . PRO A 8  ? 0.1356 0.0905 0.0777 -0.0060 0.0209  0.0151  8    PRO A N   
105 C  CA  . PRO A 8  ? 0.1252 0.0903 0.0765 -0.0133 0.0147  0.0099  8    PRO A CA  
106 C  C   . PRO A 8  ? 0.1385 0.0868 0.0738 -0.0132 0.0032  -0.0033 8    PRO A C   
107 O  O   . PRO A 8  ? 0.1734 0.0964 0.1077 -0.0319 0.0009  0.0231  8    PRO A O   
108 C  CB  . PRO A 8  ? 0.1234 0.1387 0.1279 -0.0022 0.0055  0.0254  8    PRO A CB  
109 C  CG  . PRO A 8  ? 0.1758 0.1140 0.1621 0.0219  0.0644  0.0243  8    PRO A CG  
110 C  CD  . PRO A 8  ? 0.1496 0.0959 0.0939 0.0057  0.0203  0.0236  8    PRO A CD  
118 N  N   . GLY A 9  ? 0.1432 0.1080 0.0826 -0.0234 -0.0064 0.0327  9    GLY A N   
119 C  CA  . GLY A 9  ? 0.1399 0.1392 0.0803 -0.0112 -0.0080 0.0229  9    GLY A CA  
120 C  C   . GLY A 9  ? 0.1639 0.1005 0.0805 -0.0378 -0.0228 0.0323  9    GLY A C   
121 O  O   . GLY A 9  ? 0.2035 0.1143 0.0956 -0.0099 -0.0195 0.0109  9    GLY A O   
125 N  N   . ASP A 10 ? 0.1526 0.1249 0.0992 -0.0470 -0.0236 0.0175  10   ASP A N   
126 C  CA  . ASP A 10 ? 0.1955 0.1462 0.0859 -0.0776 -0.0306 0.0243  10   ASP A CA  
127 C  C   . ASP A 10 ? 0.2182 0.1216 0.0814 -0.0648 -0.0079 -0.0038 10   ASP A C   
128 O  O   . ASP A 10 ? 0.2504 0.1273 0.1334 -0.0851 0.0140  -0.0261 10   ASP A O   
129 C  CB  . ASP A 10 ? 0.2231 0.1823 0.1278 -0.1163 -0.0657 0.0566  10   ASP A CB  
130 C  CG  . ASP A 10 ? 0.2098 0.2039 0.1097 -0.1008 -0.0697 0.0389  10   ASP A CG  
131 O  OD1 . ASP A 10 ? 0.1955 0.1883 0.1196 -0.0810 -0.0213 0.0342  10   ASP A OD1 
132 O  OD2 . ASP A 10 ? 0.2356 0.2555 0.1784 -0.0650 -0.0687 0.0677  10   ASP A OD2 
137 N  N   . ASP A 11 ? 0.1496 0.1021 0.0763 -0.0303 -0.0091 0.0075  11   ASP A N   
138 C  CA  . ASP A 11 ? 0.1552 0.0983 0.0749 -0.0258 -0.0095 0.0125  11   ASP A CA  
139 C  C   . ASP A 11 ? 0.1463 0.0897 0.1004 -0.0177 -0.0144 0.0126  11   ASP A C   
140 O  O   . ASP A 11 ? 0.1569 0.1430 0.1329 -0.0356 0.0166  0.0162  11   ASP A O   
141 C  CB  . ASP A 11 ? 0.1880 0.1139 0.0988 -0.0248 -0.0241 0.0362  11   ASP A CB  
142 C  CG  . ASP A 11 ? 0.2071 0.0902 0.0998 -0.0207 -0.0321 0.0253  11   ASP A CG  
143 O  OD1 . ASP A 11 ? 0.2952 0.1959 0.1338 0.0217  -0.0866 -0.0330 11   ASP A OD1 
144 O  OD2 . ASP A 11 ? 0.2388 0.1133 0.1604 0.0158  -0.0299 0.0306  11   ASP A OD2 
149 N  N   . ALA A 12 ? 0.1767 0.0878 0.0935 -0.0003 -0.0069 0.0211  12   ALA A N   
150 C  CA  . ALA A 12 ? 0.1915 0.0954 0.1011 0.0210  -0.0206 0.0191  12   ALA A CA  
151 C  C   . ALA A 12 ? 0.1710 0.1215 0.1028 -0.0048 0.0067  0.0183  12   ALA A C   
152 O  O   . ALA A 12 ? 0.1952 0.1614 0.1116 0.0048  0.0026  -0.0194 12   ALA A O   
153 C  CB  . ALA A 12 ? 0.1946 0.1822 0.1008 0.0428  0.0030  0.0423  12   ALA A CB  
159 N  N   . PRO A 13 ? 0.1753 0.1385 0.1482 -0.0130 0.0091  0.0371  13   PRO A N   
160 C  CA  . PRO A 13 ? 0.1806 0.1571 0.1722 0.0084  0.0538  0.0676  13   PRO A CA  
161 C  C   . PRO A 13 ? 0.1509 0.1512 0.1079 -0.0027 0.0271  0.0363  13   PRO A C   
162 O  O   . PRO A 13 ? 0.1467 0.1466 0.1105 0.0032  0.0383  0.0356  13   PRO A O   
163 C  CB  . PRO A 13 ? 0.1909 0.1363 0.3192 -0.0120 0.0342  0.0723  13   PRO A CB  
164 C  CG  . PRO A 13 ? 0.1688 0.5118 0.3913 0.0130  -0.0343 -0.1295 13   PRO A CG  
165 C  CD  . PRO A 13 ? 0.1750 0.1830 0.1946 -0.0364 -0.0098 0.0244  13   PRO A CD  
173 N  N   . VAL A 14 ? 0.1956 0.1633 0.0984 -0.0319 0.0339  0.0250  14   VAL A N   
174 C  CA  . VAL A 14 ? 0.1731 0.1531 0.1181 -0.0241 0.0463  0.0245  14   VAL A CA  
175 C  C   . VAL A 14 ? 0.1607 0.1335 0.1239 0.0093  0.0525  0.0135  14   VAL A C   
176 O  O   . VAL A 14 ? 0.1624 0.1329 0.1078 -0.0128 0.0221  0.0147  14   VAL A O   
177 C  CB  . VAL A 14 ? 0.2405 0.1914 0.1283 -0.0254 0.0500  -0.0075 14   VAL A CB  
178 C  CG1 . VAL A 14 ? 0.5224 0.1821 0.1980 0.0149  0.1094  -0.0239 14   VAL A CG1 
179 C  CG2 . VAL A 14 ? 0.4455 0.2883 0.1537 -0.0769 -0.0575 -0.0282 14   VAL A CG2 
189 N  N   . GLU A 15 ? 0.1304 0.1957 0.1298 0.0060  0.0575  0.0584  15   GLU A N   
190 C  CA  . GLU A 15 ? 0.1268 0.1707 0.1725 0.0312  0.0435  0.0779  15   GLU A CA  
191 C  C   . GLU A 15 ? 0.1402 0.1326 0.1322 -0.0183 0.0243  0.0269  15   GLU A C   
192 O  O   . GLU A 15 ? 0.1516 0.1546 0.1437 0.0063  0.0171  0.0404  15   GLU A O   
193 C  CB  . GLU A 15 ? 0.1196 0.5737 0.2670 -0.0851 -0.0106 0.2026  15   GLU A CB  
194 C  CG  . GLU A 15 ? 0.1634 1.2126 0.4818 -0.0548 0.1315  0.1409  15   GLU A CG  
195 C  CD  . GLU A 15 ? 1.2449 2.1165 0.7565 1.0608  0.8058  0.7179  15   GLU A CD  
196 O  OE1 . GLU A 15 ? 0.4220 0.5034 0.5437 -0.1365 0.2939  0.1092  15   GLU A OE1 
197 O  OE2 . GLU A 15 ? 0.9631 1.3154 0.8678 0.4957  0.7872  0.5074  15   GLU A OE2 
204 N  N   . ASP A 16 ? 0.1207 0.1329 0.1210 -0.0257 0.0216  0.0297  16   ASP A N   
205 C  CA  . ASP A 16 ? 0.1217 0.1238 0.1068 -0.0163 -0.0019 0.0125  16   ASP A CA  
206 C  C   . ASP A 16 ? 0.1015 0.1146 0.0898 0.0046  0.0100  0.0151  16   ASP A C   
207 O  O   . ASP A 16 ? 0.1494 0.1293 0.0834 -0.0140 0.0138  0.0114  16   ASP A O   
208 C  CB  . ASP A 16 ? 0.1736 0.1167 0.1594 -0.0241 -0.0134 -0.0069 16   ASP A CB  
209 C  CG  . ASP A 16 ? 0.2237 0.1717 0.2939 -0.0912 -0.0179 -0.0110 16   ASP A CG  
210 O  OD1 . ASP A 16 ? 0.2029 0.2290 0.6527 -0.0275 -0.1501 -0.0931 16   ASP A OD1 
211 O  OD2 . ASP A 16 ? 0.4803 0.2340 0.3470 -0.2222 -0.0941 0.1025  16   ASP A OD2 
216 N  N   . LEU A 17 ? 0.1115 0.1091 0.0899 -0.0070 0.0192  0.0114  17   LEU A N   
217 C  CA  . LEU A 17 ? 0.1015 0.1273 0.0806 -0.0025 0.0048  0.0185  17   LEU A CA  
218 C  C   . LEU A 17 ? 0.0893 0.1166 0.0794 -0.0014 0.0021  0.0122  17   LEU A C   
219 O  O   . LEU A 17 ? 0.0983 0.1364 0.0930 -0.0007 0.0121  0.0336  17   LEU A O   
220 C  CB  . LEU A 17 ? 0.1357 0.1291 0.0753 0.0092  -0.0019 0.0168  17   LEU A CB  
221 C  CG  . LEU A 17 ? 0.2060 0.1544 0.1440 0.0117  -0.0431 0.0521  17   LEU A CG  
222 C  CD1 . LEU A 17 ? 0.3976 0.2983 0.1504 0.1075  -0.1057 0.0508  17   LEU A CD1 
223 C  CD2 . LEU A 17 ? 0.1843 0.1735 0.2520 0.0679  -0.0573 0.0197  17   LEU A CD2 
235 N  N   . ILE A 18 ? 0.1037 0.1073 0.0797 0.0026  0.0241  0.0158  18   ILE A N   
236 C  CA  . ILE A 18 ? 0.0862 0.1312 0.0932 0.0052  0.0102  0.0264  18   ILE A CA  
237 C  C   . ILE A 18 ? 0.0898 0.0904 0.0943 0.0179  0.0184  0.0159  18   ILE A C   
238 O  O   . ILE A 18 ? 0.1037 0.1237 0.1003 0.0023  0.0127  0.0354  18   ILE A O   
239 C  CB  . ILE A 18 ? 0.1124 0.1237 0.1214 0.0199  0.0304  0.0079  18   ILE A CB  
240 C  CG1 . ILE A 18 ? 0.1123 0.1316 0.1361 0.0121  0.0133  -0.0116 18   ILE A CG1 
241 C  CG2 . ILE A 18 ? 0.1415 0.1771 0.1594 0.0638  0.0393  0.0465  18   ILE A CG2 
242 C  CD1 . ILE A 18 ? 0.2010 0.2074 0.1731 0.0185  0.1011  -0.0061 18   ILE A CD1 
254 N  N   . ARG A 19 ? 0.1051 0.1088 0.0818 0.0045  0.0205  0.0192  19   ARG A N   
255 C  CA  . ARG A 19 ? 0.1017 0.1282 0.0869 -0.0122 0.0049  0.0190  19   ARG A CA  
256 C  C   . ARG A 19 ? 0.0916 0.1306 0.0617 -0.0181 -0.0130 0.0032  19   ARG A C   
257 O  O   . ARG A 19 ? 0.1035 0.1294 0.0833 -0.0066 0.0021  0.0268  19   ARG A O   
258 C  CB  . ARG A 19 ? 0.1301 0.1693 0.1231 -0.0544 -0.0264 0.0125  19   ARG A CB  
259 C  CG  . ARG A 19 ? 0.1187 0.3203 0.2205 -0.0776 -0.0628 0.1145  19   ARG A CG  
260 C  CD  . ARG A 19 ? 0.1938 0.3543 0.5503 -0.1668 -0.0906 0.1218  19   ARG A CD  
261 N  NE  . ARG A 19 ? 0.9818 0.3707 0.5340 -0.3707 0.3211  -0.0983 19   ARG A NE  
262 C  CZ  . ARG A 19 ? 1.2408 1.2972 0.9096 -1.0491 -0.0589 0.4675  19   ARG A CZ  
263 N  NH1 . ARG A 19 ? 1.0524 1.4582 0.8961 -0.8807 0.1719  0.4696  19   ARG A NH1 
264 N  NH2 . ARG A 19 ? 0.9863 0.5919 1.7615 0.3177  0.8910  0.7420  19   ARG A NH2 
278 N  N   . PHE A 20 ? 0.0956 0.1236 0.0739 -0.0080 0.0065  0.0227  20   PHE A N   
279 C  CA  . PHE A 20 ? 0.1012 0.1082 0.0630 0.0127  0.0215  0.0128  20   PHE A CA  
280 C  C   . PHE A 20 ? 0.0812 0.1048 0.0663 0.0101  0.0150  0.0135  20   PHE A C   
281 O  O   . PHE A 20 ? 0.1005 0.1043 0.0810 0.0126  0.0245  0.0230  20   PHE A O   
282 C  CB  . PHE A 20 ? 0.1188 0.1039 0.0764 0.0065  0.0087  0.0242  20   PHE A CB  
283 C  CG  . PHE A 20 ? 0.1160 0.0763 0.0771 0.0069  -0.0137 0.0160  20   PHE A CG  
284 C  CD1 . PHE A 20 ? 0.1052 0.1031 0.0807 -0.0075 0.0035  0.0118  20   PHE A CD1 
285 C  CD2 . PHE A 20 ? 0.1576 0.1269 0.1027 -0.0030 -0.0374 -0.0047 20   PHE A CD2 
286 C  CE1 . PHE A 20 ? 0.1052 0.1291 0.1190 0.0149  0.0126  0.0440  20   PHE A CE1 
287 C  CE2 . PHE A 20 ? 0.1451 0.1864 0.1960 -0.0301 -0.0739 -0.0037 20   PHE A CE2 
288 C  CZ  . PHE A 20 ? 0.0979 0.1511 0.2228 0.0001  -0.0249 0.0500  20   PHE A CZ  
298 N  N   . TYR A 21 ? 0.0838 0.0970 0.0730 0.0060  0.0122  0.0211  21   TYR A N   
299 C  CA  . TYR A 21 ? 0.0801 0.1147 0.0660 -0.0084 -0.0013 0.0030  21   TYR A CA  
300 C  C   . TYR A 21 ? 0.0795 0.0791 0.0701 -0.0038 0.0014  -0.0043 21   TYR A C   
301 O  O   . TYR A 21 ? 0.0778 0.0970 0.0872 -0.0048 0.0034  0.0002  21   TYR A O   
302 C  CB  . TYR A 21 ? 0.1212 0.1531 0.0753 -0.0143 0.0209  -0.0115 21   TYR A CB  
303 C  CG  . TYR A 21 ? 0.1472 0.1585 0.0855 0.0088  -0.0244 -0.0435 21   TYR A CG  
304 C  CD1 . TYR A 21 ? 0.1977 0.2118 0.1339 -0.0573 -0.0215 -0.0780 21   TYR A CD1 
305 C  CD2 . TYR A 21 ? 0.2286 0.2024 0.2138 0.0801  -0.0482 -0.0773 21   TYR A CD2 
306 C  CE1 . TYR A 21 ? 0.4709 0.2304 0.2118 -0.1392 -0.0411 -0.0907 21   TYR A CE1 
307 C  CE2 . TYR A 21 ? 0.5907 0.1907 0.2744 0.1589  -0.1585 -0.1651 21   TYR A CE2 
308 C  CZ  . TYR A 21 ? 0.7338 0.1522 0.2568 -0.0209 -0.1264 -0.1131 21   TYR A CZ  
309 O  OH  . TYR A 21 ? 1.1261 0.1559 0.3550 -0.0718 0.0253  -0.0752 21   TYR A OH  
319 N  N   . ASN A 22 ? 0.0752 0.0772 0.0717 -0.0013 0.0034  -0.0026 22   ASN A N   
320 C  CA  . ASN A 22 ? 0.0895 0.0836 0.0697 0.0065  -0.0025 -0.0093 22   ASN A CA  
321 C  C   . ASN A 22 ? 0.0608 0.0723 0.0697 0.0070  -0.0118 0.0022  22   ASN A C   
322 O  O   . ASN A 22 ? 0.0956 0.0760 0.0877 0.0041  0.0098  0.0101  22   ASN A O   
323 C  CB  . ASN A 22 ? 0.0827 0.1133 0.0730 0.0257  -0.0008 -0.0142 22   ASN A CB  
324 C  CG  . ASN A 22 ? 0.1007 0.1134 0.0850 0.0309  0.0074  -0.0093 22   ASN A CG  
325 O  OD1 . ASN A 22 ? 0.1195 0.1660 0.1750 0.0197  0.0261  -0.0862 22   ASN A OD1 
326 N  ND2 . ASN A 22 ? 0.0966 0.1656 0.1127 0.0242  0.0271  0.0035  22   ASN A ND2 
333 N  N   . ASP A 23 ? 0.0714 0.0698 0.0699 -0.0007 0.0105  0.0050  23   ASP A N   
334 C  CA  . ASP A 23 ? 0.0832 0.0773 0.0606 0.0011  0.0027  -0.0015 23   ASP A CA  
335 C  C   . ASP A 23 ? 0.0817 0.0777 0.0565 0.0052  0.0021  0.0032  23   ASP A C   
336 O  O   . ASP A 23 ? 0.0996 0.1016 0.0634 -0.0041 0.0008  0.0033  23   ASP A O   
337 C  CB  . ASP A 23 ? 0.0852 0.0743 0.0876 0.0003  0.0011  -0.0069 23   ASP A CB  
338 C  CG  . ASP A 23 ? 0.0909 0.0825 0.0768 -0.0124 -0.0006 -0.0088 23   ASP A CG  
339 O  OD1 . ASP A 23 ? 0.0966 0.0830 0.1438 -0.0045 -0.0239 -0.0181 23   ASP A OD1 
340 O  OD2 . ASP A 23 ? 0.1275 0.0758 0.1270 -0.0174 -0.0078 -0.0030 23   ASP A OD2 
345 N  N   . LEU A 24 ? 0.0651 0.0793 0.0718 -0.0003 0.0093  -0.0047 24   LEU A N   
346 C  CA  . LEU A 24 ? 0.0728 0.0771 0.0800 -0.0115 0.0022  -0.0062 24   LEU A CA  
347 C  C   . LEU A 24 ? 0.0674 0.0897 0.0738 -0.0114 -0.0053 -0.0064 24   LEU A C   
348 O  O   . LEU A 24 ? 0.0959 0.0958 0.0956 -0.0135 0.0107  0.0247  24   LEU A O   
349 C  CB  . LEU A 24 ? 0.0785 0.0971 0.0922 -0.0017 -0.0048 0.0111  24   LEU A CB  
350 C  CG  . LEU A 24 ? 0.0912 0.1346 0.1430 -0.0181 -0.0316 0.0328  24   LEU A CG  
351 C  CD1 . LEU A 24 ? 0.0849 0.2842 0.2104 0.0511  -0.0012 0.0259  24   LEU A CD1 
352 C  CD2 . LEU A 24 ? 0.1596 0.1703 0.1670 -0.0454 -0.0849 0.0418  24   LEU A CD2 
364 N  N   . GLN A 25 ? 0.0900 0.0797 0.0967 -0.0197 0.0118  -0.0077 25   GLN A N   
365 C  CA  . GLN A 25 ? 0.1026 0.0828 0.1139 -0.0146 0.0107  -0.0184 25   GLN A CA  
366 C  C   . GLN A 25 ? 0.0836 0.0769 0.1251 0.0091  0.0088  0.0029  25   GLN A C   
367 O  O   . GLN A 25 ? 0.1116 0.0938 0.1507 -0.0126 0.0031  0.0141  25   GLN A O   
368 C  CB  . GLN A 25 ? 0.1247 0.0963 0.1465 0.0026  0.0203  -0.0122 25   GLN A CB  
369 C  CG  . GLN A 25 ? 0.2130 0.1132 0.2564 0.0573  -0.0332 -0.0019 25   GLN A CG  
370 C  CD  . GLN A 25 ? 0.2308 0.2023 0.5611 0.1253  0.0219  -0.0944 25   GLN A CD  
371 O  OE1 . GLN A 25 ? 0.3997 0.2553 0.7832 0.0740  0.0145  -0.2704 25   GLN A OE1 
372 N  NE2 . GLN A 25 ? 0.4534 0.3765 0.7377 0.1272  0.3069  -0.0965 25   GLN A NE2 
381 N  N   . GLN A 26 ? 0.0886 0.1009 0.1022 0.0001  0.0025  0.0235  26   GLN A N   
382 C  CA  . GLN A 26 ? 0.1057 0.1033 0.1115 0.0067  0.0014  0.0341  26   GLN A CA  
383 C  C   . GLN A 26 ? 0.1066 0.1053 0.0845 0.0033  -0.0121 0.0225  26   GLN A C   
384 O  O   . GLN A 26 ? 0.1501 0.1171 0.1106 0.0147  0.0200  0.0389  26   GLN A O   
385 C  CB  . GLN A 26 ? 0.1090 0.1938 0.1430 -0.0197 -0.0198 0.0200  26   GLN A CB  
386 C  CG  . GLN A 26 ? 0.1664 0.4956 0.1443 -0.0621 -0.0251 0.0033  26   GLN A CG  
387 C  CD  . GLN A 26 ? 1.9476 1.1464 0.5237 1.0423  0.3995  0.5775  26   GLN A CD  
388 O  OE1 . GLN A 26 ? 1.8109 0.9417 0.3258 0.3878  0.0229  0.3570  26   GLN A OE1 
389 N  NE2 . GLN A 26 ? 0.6512 0.6211 0.5492 0.3201  -0.0821 0.2889  26   GLN A NE2 
398 N  N   . TYR A 27 ? 0.0988 0.0823 0.0861 -0.0074 -0.0129 0.0167  27   TYR A N   
399 C  CA  . TYR A 27 ? 0.1122 0.0812 0.0740 -0.0037 -0.0107 0.0091  27   TYR A CA  
400 C  C   . TYR A 27 ? 0.1081 0.0756 0.0748 0.0042  0.0113  0.0100  27   TYR A C   
401 O  O   . TYR A 27 ? 0.1366 0.0993 0.0767 -0.0152 0.0221  0.0101  27   TYR A O   
402 C  CB  . TYR A 27 ? 0.1138 0.0776 0.1024 -0.0078 0.0032  0.0151  27   TYR A CB  
403 C  CG  . TYR A 27 ? 0.1080 0.0710 0.0869 -0.0160 0.0107  0.0070  27   TYR A CG  
404 C  CD1 . TYR A 27 ? 0.1233 0.0978 0.0790 -0.0136 -0.0130 -0.0017 27   TYR A CD1 
405 C  CD2 . TYR A 27 ? 0.1259 0.0994 0.0796 -0.0019 -0.0064 -0.0143 27   TYR A CD2 
406 C  CE1 . TYR A 27 ? 0.1520 0.1111 0.1074 0.0017  0.0025  -0.0227 27   TYR A CE1 
407 C  CE2 . TYR A 27 ? 0.1147 0.1345 0.1151 -0.0016 -0.0089 -0.0119 27   TYR A CE2 
408 C  CZ  . TYR A 27 ? 0.1190 0.1168 0.1157 0.0033  0.0171  -0.0031 27   TYR A CZ  
409 O  OH  . TYR A 27 ? 0.1431 0.2012 0.1920 0.0271  0.0288  -0.0499 27   TYR A OH  
419 N  N   . LEU A 28 ? 0.0894 0.0839 0.0764 -0.0056 0.0102  0.0058  28   LEU A N   
420 C  CA  . LEU A 28 ? 0.0995 0.0901 0.0968 -0.0044 -0.0038 0.0061  28   LEU A CA  
421 C  C   . LEU A 28 ? 0.1026 0.0862 0.0804 -0.0195 -0.0001 0.0039  28   LEU A C   
422 O  O   . LEU A 28 ? 0.1185 0.1117 0.1200 -0.0317 -0.0006 0.0204  28   LEU A O   
423 C  CB  . LEU A 28 ? 0.1379 0.0973 0.0798 -0.0309 0.0056  0.0095  28   LEU A CB  
424 C  CG  . LEU A 28 ? 0.1325 0.1506 0.1046 -0.0445 -0.0200 0.0407  28   LEU A CG  
425 C  CD1 . LEU A 28 ? 0.2006 0.1758 0.1014 -0.0127 -0.0296 0.0307  28   LEU A CD1 
426 C  CD2 . LEU A 28 ? 0.1410 0.2125 0.1512 0.0096  -0.0464 -0.0106 28   LEU A CD2 
438 N  N   . ASN A 29 ? 0.1125 0.0876 0.1081 -0.0074 0.0024  0.0209  29   ASN A N   
439 C  CA  . ASN A 29 ? 0.1471 0.0720 0.1153 0.0028  0.0031  0.0129  29   ASN A CA  
440 C  C   . ASN A 29 ? 0.1329 0.0666 0.1126 -0.0115 -0.0102 0.0160  29   ASN A C   
441 O  O   . ASN A 29 ? 0.2102 0.0833 0.1349 -0.0270 0.0243  0.0199  29   ASN A O   
442 C  CB  . ASN A 29 ? 0.1529 0.1178 0.1447 0.0255  0.0143  0.0320  29   ASN A CB  
443 C  CG  . ASN A 29 ? 0.2572 0.1151 0.1698 0.0480  0.0829  0.0442  29   ASN A CG  
444 O  OD1 . ASN A 29 ? 0.3967 0.1812 0.1777 0.0498  0.0427  -0.0478 29   ASN A OD1 
445 N  ND2 . ASN A 29 ? 0.2838 0.2504 0.3831 0.1020  0.1728  0.0400  29   ASN A ND2 
452 N  N   . VAL A 30 ? 0.1428 0.0925 0.0920 -0.0236 -0.0135 0.0104  30   VAL A N   
453 C  CA  . VAL A 30 ? 0.1770 0.0858 0.1002 -0.0158 -0.0130 0.0110  30   VAL A CA  
454 C  C   . VAL A 30 ? 0.1869 0.0676 0.0824 -0.0154 0.0109  0.0090  30   VAL A C   
455 O  O   . VAL A 30 ? 0.2331 0.1067 0.0934 -0.0539 0.0228  0.0068  30   VAL A O   
456 C  CB  . VAL A 30 ? 0.2068 0.0820 0.1308 -0.0238 -0.0155 -0.0099 30   VAL A CB  
457 C  CG1 . VAL A 30 ? 0.3150 0.1499 0.1465 -0.0499 0.0152  -0.0367 30   VAL A CG1 
458 C  CG2 . VAL A 30 ? 0.1959 0.2099 0.1430 -0.0612 -0.0460 0.0549  30   VAL A CG2 
468 N  N   . VAL A 31 ? 0.1576 0.0836 0.1125 0.0012  0.0265  0.0177  31   VAL A N   
469 C  CA  . VAL A 31 ? 0.1594 0.1070 0.1476 0.0116  0.0564  0.0122  31   VAL A CA  
470 C  C   . VAL A 31 ? 0.1461 0.1213 0.1121 0.0048  0.0373  0.0201  31   VAL A C   
471 O  O   . VAL A 31 ? 0.1690 0.1530 0.2213 -0.0041 0.0903  0.0174  31   VAL A O   
472 C  CB  . VAL A 31 ? 0.1597 0.1882 0.3842 0.1031  0.1079  0.1587  31   VAL A CB  
473 C  CG1 . VAL A 31 ? 0.1816 0.4279 0.4200 0.0922  0.0319  0.1775  31   VAL A CG1 
474 C  CG2 . VAL A 31 ? 0.2557 0.1660 0.5224 0.1102  0.1599  0.1494  31   VAL A CG2 
484 N  N   . THR A 32 ? 0.1286 0.1083 0.0980 -0.0134 0.0244  0.0257  32   THR A N   
485 C  CA  . THR A 32 ? 0.1371 0.1173 0.1122 -0.0196 0.0023  0.0178  32   THR A CA  
486 C  C   . THR A 32 ? 0.1451 0.0939 0.0967 -0.0239 0.0066  0.0124  32   THR A C   
487 O  O   . THR A 32 ? 0.2462 0.1261 0.1139 -0.0835 -0.0194 0.0224  32   THR A O   
488 C  CB  . THR A 32 ? 0.1727 0.1633 0.0955 -0.0874 -0.0091 0.0202  32   THR A CB  
489 O  OG1 . THR A 32 ? 0.1925 0.1342 0.0952 -0.0441 0.0065  -0.0064 32   THR A OG1 
490 C  CG2 . THR A 32 ? 0.1913 0.1885 0.1248 -0.0688 -0.0271 0.0316  32   THR A CG2 
498 N  N   . ARG A 33 ? 0.1507 0.0817 0.0871 -0.0252 0.0213  0.0098  33   ARG A N   
499 C  CA  . ARG A 33 ? 0.1567 0.0883 0.0812 -0.0081 0.0119  0.0049  33   ARG A CA  
500 C  C   . ARG A 33 ? 0.1542 0.0797 0.0897 -0.0232 0.0237  0.0035  33   ARG A C   
501 O  O   . ARG A 33 ? 0.2114 0.0937 0.1259 0.0129  0.0586  0.0330  33   ARG A O   
502 C  CB  . ARG A 33 ? 0.1712 0.0888 0.0889 0.0053  0.0266  0.0150  33   ARG A CB  
503 C  CG  . ARG A 33 ? 0.1999 0.1252 0.0998 0.0322  0.0295  0.0025  33   ARG A CG  
504 C  CD  . ARG A 33 ? 0.1361 0.1480 0.1165 0.0302  0.0139  -0.0024 33   ARG A CD  
505 N  NE  . ARG A 33 ? 0.1784 0.1015 0.1003 0.0265  0.0272  0.0023  33   ARG A NE  
506 C  CZ  . ARG A 33 ? 0.1843 0.1047 0.1117 0.0122  0.0128  -0.0008 33   ARG A CZ  
507 N  NH1 . ARG A 33 ? 0.3109 0.1095 0.1197 0.0267  -0.0222 -0.0088 33   ARG A NH1 
508 N  NH2 . ARG A 33 ? 0.2329 0.1520 0.1005 0.0136  0.0117  0.0277  33   ARG A NH2 
522 N  N   . HIS A 34 ? 0.1915 0.0740 0.1186 0.0092  0.0581  0.0278  34   HIS A N   
523 C  CA  . HIS A 34 ? 0.1864 0.0811 0.1289 0.0177  0.0443  0.0096  34   HIS A CA  
524 C  C   . HIS A 34 ? 0.1709 0.1202 0.1365 0.0115  0.0223  0.0282  34   HIS A C   
525 O  O   . HIS A 34 ? 0.1874 0.1928 0.1306 -0.0118 0.0361  0.0094  34   HIS A O   
526 C  CB  . HIS A 34 ? 0.1432 0.1045 0.1640 0.0159  0.0508  -0.0035 34   HIS A CB  
527 C  CG  . HIS A 34 ? 0.1667 0.1090 0.1207 0.0053  0.0385  0.0025  34   HIS A CG  
528 N  ND1 . HIS A 34 ? 0.3197 0.1007 0.1832 -0.0343 0.1281  -0.0164 34   HIS A ND1 
529 C  CD2 . HIS A 34 ? 0.1224 0.0993 0.1020 -0.0013 0.0131  -0.0167 34   HIS A CD2 
530 C  CE1 . HIS A 34 ? 0.3063 0.0945 0.1263 -0.0365 0.0855  -0.0142 34   HIS A CE1 
531 N  NE2 . HIS A 34 ? 0.1290 0.1072 0.1114 -0.0087 0.0276  -0.0071 34   HIS A NE2 
539 N  N   . ARG A 35 ? 0.1937 0.1990 0.1696 0.0091  -0.0080 0.0542  35   ARG A N   
540 C  CA  . ARG A 35 ? 0.2116 0.3146 0.2999 -0.0509 -0.0370 0.0746  35   ARG A CA  
541 C  C   . ARG A 35 ? 0.1721 0.3395 0.6751 -0.0468 0.0829  0.1282  35   ARG A C   
542 O  O   . ARG A 35 ? 0.1561 0.9036 1.4629 0.0788  -0.1139 -0.0148 35   ARG A O   
543 C  CB  . ARG A 35 ? 0.2644 0.6838 0.3144 -0.1858 -0.0707 0.0329  35   ARG A CB  
544 C  CG  . ARG A 35 ? 0.5359 0.5308 0.3841 -0.1069 -0.1752 -0.1353 35   ARG A CG  
545 C  CD  . ARG A 35 ? 0.6769 0.9200 0.4301 0.2715  -0.3381 -0.1609 35   ARG A CD  
546 N  NE  . ARG A 35 ? 0.7014 0.4829 0.2787 0.0305  -0.2266 0.0147  35   ARG A NE  
547 C  CZ  . ARG A 35 ? 0.7371 0.7261 0.4236 -0.1798 -0.1763 -0.3048 35   ARG A CZ  
548 N  NH1 . ARG A 35 ? 0.4714 0.5050 0.3603 0.0958  -0.1632 -0.1110 35   ARG A NH1 
549 N  NH2 . ARG A 35 ? 0.7252 0.2219 0.2898 -0.1478 -0.1930 0.0049  35   ARG A NH2 
563 N  N   . TYC A 36 ? 0.2149 0.7238 1.1953 -0.0866 0.1915  -0.4872 36   TYC A N   
564 C  CA  . TYC A 36 ? 1.0825 0.3528 1.3196 -0.1240 1.0498  -0.0096 36   TYC A CA  
565 C  C   . TYC A 36 ? 2.9393 0.5108 1.5269 -0.0444 1.4838  0.3817  36   TYC A C   
566 O  O   . TYC A 36 ? 3.1494 0.3546 0.6475 -0.0552 0.9653  -0.1234 36   TYC A O   
567 C  CB  . TYC A 36 ? 0.5852 0.3202 1.3451 0.0233  0.6833  0.2885  36   TYC A CB  
568 C  CG  . TYC A 36 ? 0.8644 0.2430 1.1462 0.1329  0.7389  0.1652  36   TYC A CG  
569 C  CD1 . TYC A 36 ? 0.2079 0.8002 0.2129 -0.2828 -0.0341 0.0693  36   TYC A CD1 
570 C  CD2 . TYC A 36 ? 0.4427 0.2867 0.6537 -0.1968 0.2693  -0.1327 36   TYC A CD2 
571 C  CE1 . TYC A 36 ? 0.2709 0.5485 0.2837 -0.2767 -0.0481 0.0940  36   TYC A CE1 
572 C  CE2 . TYC A 36 ? 0.4316 0.3005 0.9048 -0.1757 0.3284  0.0418  36   TYC A CE2 
573 O  OH  . TYC A 36 ? 0.2794 0.2415 0.3049 -0.0273 0.0371  -0.0755 36   TYC A OH  
574 C  CZ  . TYC A 36 ? 0.2975 0.4371 0.2500 -0.1689 0.0082  -0.0847 36   TYC A CZ  
575 N  NXT . TYC A 36 ? 1.1065 1.3893 1.0506 -0.8238 0.6809  -0.0769 36   TYC A NXT 
587 ZN ZN  . ZN  B .  ? 0.0919 0.1093 0.0955 -0.0004 -0.0093 0.0166  37   ZN  A ZN  
588 O  O   . HOH C .  ? 0.1811 0.1407 0.1729 -0.0266 0.0256  0.0084  2001 HOH A O   
589 O  O   . HOH C .  ? 0.1702 0.2229 0.3048 -0.0218 -0.0703 -0.0718 2002 HOH A O   
590 O  O   . HOH C .  ? 0.1022 0.1992 0.1553 -0.0064 0.0132  0.0034  2003 HOH A O   
591 O  O   . HOH C .  ? 0.4730 0.3573 1.9211 0.1268  0.4906  0.3463  2004 HOH A O   
592 O  O   . HOH C .  ? 0.8735 1.6394 1.8106 0.7371  0.8342  0.1772  2005 HOH A O   
593 O  O   . HOH C .  ? 0.5204 0.3245 0.5310 0.0848  0.0977  0.1753  2006 HOH A O   
594 O  O   . HOH C .  ? 0.6696 0.5746 0.4157 -0.3320 -0.0221 0.0192  2007 HOH A O   
595 O  O   . HOH C .  ? 0.4571 0.5235 1.4774 0.0844  0.2728  0.4609  2008 HOH A O   
596 O  O   . HOH C .  ? 2.7335 0.8640 0.7459 0.1734  0.8580  0.0977  2009 HOH A O   
597 O  O   . HOH C .  ? 0.4968 0.3687 0.5495 0.1352  0.2811  -0.0527 2010 HOH A O   
598 O  O   . HOH C .  ? 0.2512 0.3525 0.4718 0.0736  -0.0730 0.0928  2011 HOH A O   
599 O  O   . HOH C .  ? 0.1620 0.1810 0.2851 -0.0546 -0.0586 0.0307  2012 HOH A O   
600 O  O   . HOH C .  ? 0.3793 1.1591 1.4733 -0.0564 -0.3440 0.6642  2013 HOH A O   
601 O  O   . HOH C .  ? 0.4596 1.8925 0.9283 -0.4113 0.2020  -0.2573 2014 HOH A O   
602 O  O   . HOH C .  ? 1.0809 0.9276 0.3444 -0.5088 -0.1617 -0.0893 2015 HOH A O   
603 O  O   . HOH C .  ? 0.2817 0.2067 0.6143 0.0828  -0.0391 -0.0033 2016 HOH A O   
604 O  O   . HOH C .  ? 0.2439 0.2053 0.1443 -0.0246 -0.0285 -0.0203 2017 HOH A O   
605 O  O   . HOH C .  ? 0.3465 0.3406 0.2902 0.0341  -0.1182 -0.0656 2018 HOH A O   
606 O  O   . HOH C .  ? 0.6335 0.4896 1.4176 -0.0613 0.1947  -0.0275 2019 HOH A O   
607 O  O   . HOH C .  ? 0.2411 0.2663 0.3739 0.0662  0.0198  0.0641  2020 HOH A O   
608 O  O   . HOH C .  ? 0.2133 0.1788 0.1771 -0.0644 0.0292  -0.0001 2021 HOH A O   
609 O  O   . HOH C .  ? 0.6233 0.5799 0.8022 -0.0556 -0.0623 0.4024  2022 HOH A O   
610 O  O   . HOH C .  ? 0.7215 0.3980 0.6669 -0.0212 -0.3106 0.0468  2023 HOH A O   
611 O  O   . HOH C .  ? 1.6135 1.4587 0.5980 -0.0037 0.3064  -0.5691 2024 HOH A O   
612 O  O   . HOH C .  ? 0.9857 0.5468 1.0192 0.3836  -0.3566 -0.3154 2025 HOH A O   
613 O  O   . HOH C .  ? 0.2209 0.3985 0.2838 -0.0506 -0.0022 -0.0603 2026 HOH A O   
614 O  O   . HOH C .  ? 0.6289 0.9938 0.4295 -0.2516 0.1760  -0.3888 2027 HOH A O   
615 O  O   . HOH C .  ? 0.5288 0.7191 1.7775 0.2226  -0.5053 -0.0991 2028 HOH A O   
616 O  O   . HOH C .  ? 0.1957 0.1130 0.1259 -0.0032 -0.0120 0.0284  2029 HOH A O   
617 O  O   . HOH C .  ? 0.4720 0.4109 1.1286 -0.0286 -0.0468 -0.3106 2030 HOH A O   
618 O  O   . HOH C .  ? 0.4939 0.7766 0.8950 -0.1248 -0.2846 0.1595  2031 HOH A O   
619 O  O   . HOH C .  ? 1.0701 0.5310 1.8324 0.4326  1.0961  0.6085  2032 HOH A O   
620 O  O   . HOH C .  ? 0.8635 0.8309 0.3479 -0.0798 0.0254  -0.1598 2033 HOH A O   
621 O  O   . HOH C .  ? 1.2129 1.2568 1.2507 0.2575  0.9430  0.7055  2034 HOH A O   
622 O  O   . HOH C .  ? 0.3684 0.2367 0.2033 -0.0556 -0.0278 -0.0490 2035 HOH A O   
623 O  O   . HOH C .  ? 0.4079 0.9728 2.0032 -0.3086 0.2441  -0.0356 2036 HOH A O   
624 O  O   . HOH C .  ? 0.3187 0.5116 0.7420 -0.2295 0.0052  -0.1095 2037 HOH A O   
625 O  O   . HOH C .  ? 0.9372 0.4233 0.2559 -0.1618 0.2966  -0.0232 2038 HOH A O   
626 O  O   . HOH C .  ? 0.6042 0.9897 1.8222 0.1932  0.1349  0.9788  2039 HOH A O   
627 O  O   . HOH C .  ? 0.7699 1.9963 1.3043 -0.2420 0.6321  0.4877  2040 HOH A O   
628 O  O   . HOH C .  ? 0.2920 0.6744 1.6846 0.0094  0.3020  0.5724  2041 HOH A O   
629 O  O   . HOH C .  ? 0.2487 0.4726 0.4458 0.0636  -0.1310 0.1172  2042 HOH A O   
630 O  O   . HOH C .  ? 1.2184 0.2443 1.3215 -0.0053 0.0296  -0.3455 2043 HOH A O   
631 O  O   . HOH C .  ? 1.5351 1.1527 0.4515 0.4388  -0.2248 -0.0954 2044 HOH A O   
632 O  O   . HOH C .  ? 0.7873 0.5560 0.4137 0.2918  0.0867  0.2938  2045 HOH A O   
633 O  O   . HOH C .  ? 0.9077 0.6802 1.3067 0.5581  -0.2501 -0.4284 2046 HOH A O   
634 O  O   . HOH C .  ? 0.5702 0.1878 0.3300 0.0182  -0.0970 -0.0532 2047 HOH A O   
635 O  O   . HOH C .  ? 0.8256 0.7966 1.7693 0.1232  0.8943  0.4815  2048 HOH A O   
636 O  O   . HOH C .  ? 0.6359 0.8178 0.7876 0.1133  -0.3176 -0.1659 2049 HOH A O   
637 O  O   . HOH C .  ? 0.2637 1.1953 0.9241 0.1347  0.1880  0.4206  2050 HOH A O   
638 O  O   . HOH C .  ? 0.2607 0.1899 0.3451 0.0236  -0.0296 -0.0272 2051 HOH A O   
639 O  O   . HOH C .  ? 0.1940 0.5843 0.4100 0.0428  0.0413  -0.3515 2052 HOH A O   
640 O  O   . HOH C .  ? 0.1381 0.1708 0.1277 0.0306  0.0193  -0.0118 2053 HOH A O   
641 O  O   . HOH C .  ? 0.4801 0.1960 0.3189 0.0593  -0.2619 0.0163  2054 HOH A O   
642 O  O   . HOH C .  ? 0.3295 0.2634 0.3557 -0.0311 -0.1161 0.1204  2055 HOH A O   
643 O  O   . HOH C .  ? 0.2344 0.1997 0.1392 0.0259  -0.0102 -0.0443 2056 HOH A O   
644 O  O   . HOH C .  ? 0.7353 0.6678 0.3498 0.0578  -0.0042 -0.1044 2057 HOH A O   
645 O  O   . HOH C .  ? 1.3521 0.9219 0.5763 0.6768  -0.4613 -0.2727 2058 HOH A O   
646 O  O   . HOH C .  ? 0.8823 0.3944 0.6947 -0.1497 0.2264  -0.1397 2059 HOH A O   
647 O  O   . HOH C .  ? 0.8055 0.5290 0.5094 0.3436  0.0775  0.3296  2060 HOH A O   
648 O  O   . HOH C .  ? 0.2060 1.4642 0.8477 0.0756  -0.1143 -0.2034 2061 HOH A O   
649 O  O   . HOH C .  ? 0.1970 0.5181 0.2516 0.0055  -0.0551 -0.0062 2062 HOH A O   
650 O  O   . HOH C .  ? 0.3493 0.3347 0.2902 -0.0420 0.1351  -0.1606 2063 HOH A O   
651 O  O   . HOH C .  ? 0.9247 0.6850 1.2705 0.2208  0.8592  0.0033  2064 HOH A O   
652 O  O   . HOH C .  ? 0.5607 0.4545 0.8167 -0.0401 0.1449  -0.2731 2065 HOH A O   
653 O  O   . HOH C .  ? 1.0824 0.8665 0.2826 -0.7107 0.2735  -0.2237 2066 HOH A O   
654 O  O   . HOH C .  ? 0.4955 0.9760 0.4078 0.3660  -0.1000 0.0998  2067 HOH A O   
655 O  O   . HOH C .  ? 0.8167 1.3386 1.0460 -0.6804 0.4856  -0.8174 2068 HOH A O   
656 O  O   . HOH C .  ? 0.6273 0.4966 0.4074 0.2475  -0.1645 -0.2584 2069 HOH A O   
657 O  O   . HOH C .  ? 1.1448 0.4409 1.2400 0.0570  0.3778  0.4250  2070 HOH A O   
658 O  O   . HOH C .  ? 1.9761 1.3022 0.7978 -0.8888 -0.7484 0.2097  2071 HOH A O   
659 O  O   . HOH C .  ? 0.2237 0.2171 0.1988 -0.0171 -0.0601 -0.0082 2072 HOH A O   
660 O  O   . HOH C .  ? 0.8438 0.6207 0.9625 0.0786  0.6122  0.3703  2073 HOH A O   
661 O  O   . HOH C .  ? 0.5673 0.3583 0.4040 -0.2647 -0.1393 0.2195  2074 HOH A O   
662 O  O   . HOH C .  ? 1.0496 0.6911 0.7305 0.0594  -0.3281 0.4953  2075 HOH A O   
663 O  O   . HOH C .  ? 0.5175 0.5746 0.2810 -0.0513 0.0758  -0.0509 2076 HOH A O   
664 O  O   . HOH C .  ? 0.3633 1.1282 0.7777 -0.0924 0.0104  -0.0125 2077 HOH A O   
665 O  O   . HOH C .  ? 2.5281 0.2935 0.4645 -0.0487 -0.0721 0.1118  2078 HOH A O   
666 O  O   . HOH C .  ? 0.3270 0.9203 1.9829 0.0095  -0.1597 0.2056  2079 HOH A O   
667 O  O   . HOH C .  ? 0.7622 0.8806 0.8188 -0.2987 -0.1341 0.3562  2080 HOH A O   
668 O  O   . HOH C .  ? 1.5903 1.1675 0.7085 -0.8559 0.5198  -0.7299 2081 HOH A O   
669 O  O   . HOH C .  ? 0.1782 0.1502 0.1089 0.0177  0.0214  0.0199  2082 HOH A O   
# 
